data_6K55
#
_entry.id   6K55
#
_cell.length_a   173.949
_cell.length_b   140.010
_cell.length_c   110.578
_cell.angle_alpha   90.00
_cell.angle_beta   101.06
_cell.angle_gamma   90.00
#
_symmetry.space_group_name_H-M   'C 1 2 1'
#
loop_
_entity.id
_entity.type
_entity.pdbx_description
1 polymer Glucanase
2 branched beta-D-glucopyranose-(1-4)-beta-D-glucopyranose-(1-4)-beta-D-glucopyranose-(1-4)-beta-D-glucopyranose-(1-4)-beta-D-glucopyranose-(1-4)-beta-D-glucopyranose-(1-4)-beta-D-glucopyranose
3 non-polymer 'MAGNESIUM ION'
4 water water
#
_entity_poly.entity_id   1
_entity_poly.type   'polypeptide(L)'
_entity_poly.pdbx_seq_one_letter_code
;MLDNPFIGAIGYVNPDWATNVISQANQTADPTLAAQMRKVATYSTAVWLDRIAAITAGRGLRGHLDEALRQMQQAGQPVV
ITLVIYDLPNRDCSAAASNGELLVAQNGLARYKAEFIDPIVAILSDPRYAGLRIVTIIEPASLPNLVTNLSIPACAEAQN
AYIEGIRYAVNRLRTIPNVYIYLDIAHSGWLGWDNNFNGAVNLYTQVVQGMDQGFNSIDGFITNVANYTPLEEPYLPDPN
LTIAGQPVRSASFYEWNPYFDELDYALALRNAFIGRGFPSTIGMLIDTSRNGWGGCSYGRCRPTGPSSDTSSVNAYVDGS
RVDRRYHRGNWCNQAGGIGERPQAAPRSGIDAYVWVKPPGESDGVSQPGIVDPDDPNKKFDPMCDPNGQSRYNSAYPTGA
LPNAPHAGRWFPQQFEILVRNAYPPIQP
;
_entity_poly.pdbx_strand_id   A,B,C
#
loop_
_chem_comp.id
_chem_comp.type
_chem_comp.name
_chem_comp.formula
BGC D-saccharide, beta linking beta-D-glucopyranose 'C6 H12 O6'
MG non-polymer 'MAGNESIUM ION' 'Mg 2'
#
# COMPACT_ATOMS: atom_id res chain seq x y z
N MET A 1 19.41 29.59 -10.30
CA MET A 1 18.33 28.70 -9.92
C MET A 1 16.97 29.28 -10.25
N LEU A 2 16.14 28.50 -10.94
CA LEU A 2 14.74 28.84 -11.08
C LEU A 2 13.98 28.43 -9.82
N ASP A 3 12.73 28.86 -9.73
CA ASP A 3 11.89 28.45 -8.60
C ASP A 3 11.17 27.13 -8.87
N ASN A 4 10.95 26.77 -10.13
CA ASN A 4 10.33 25.50 -10.48
C ASN A 4 11.11 24.92 -11.66
N PRO A 5 12.00 23.95 -11.40
CA PRO A 5 12.74 23.32 -12.51
C PRO A 5 11.84 22.58 -13.48
N PHE A 6 10.60 22.29 -13.10
CA PHE A 6 9.70 21.55 -13.97
C PHE A 6 8.89 22.43 -14.91
N ILE A 7 8.81 23.74 -14.65
CA ILE A 7 8.13 24.65 -15.55
C ILE A 7 9.04 24.98 -16.72
N GLY A 8 8.48 24.97 -17.93
CA GLY A 8 9.24 25.34 -19.10
C GLY A 8 10.21 24.30 -19.60
N ALA A 9 10.07 23.05 -19.15
CA ALA A 9 10.92 21.97 -19.60
C ALA A 9 10.07 20.73 -19.81
N ILE A 10 10.65 19.76 -20.52
CA ILE A 10 10.01 18.46 -20.73
C ILE A 10 10.72 17.43 -19.88
N GLY A 11 10.03 16.31 -19.65
CA GLY A 11 10.54 15.28 -18.78
C GLY A 11 11.42 14.28 -19.51
N TYR A 12 12.57 13.97 -18.89
CA TYR A 12 13.47 12.96 -19.44
C TYR A 12 12.76 11.62 -19.55
N VAL A 13 12.90 10.97 -20.69
CA VAL A 13 12.32 9.66 -20.92
C VAL A 13 13.46 8.66 -20.92
N ASN A 14 13.69 8.03 -19.77
CA ASN A 14 14.67 6.97 -19.58
C ASN A 14 14.41 5.84 -20.57
N PRO A 15 15.32 5.61 -21.53
CA PRO A 15 15.08 4.54 -22.51
C PRO A 15 15.27 3.14 -21.96
N ASP A 16 16.06 2.98 -20.90
CA ASP A 16 16.24 1.66 -20.31
C ASP A 16 14.98 1.19 -19.59
N TRP A 17 14.21 2.11 -19.04
CA TRP A 17 12.91 1.74 -18.46
C TRP A 17 11.90 1.43 -19.56
N ALA A 18 11.87 2.25 -20.62
CA ALA A 18 10.91 2.03 -21.69
C ALA A 18 11.20 0.74 -22.44
N THR A 19 12.46 0.30 -22.48
CA THR A 19 12.78 -0.99 -23.07
C THR A 19 12.01 -2.11 -22.41
N ASN A 20 11.94 -2.10 -21.07
CA ASN A 20 11.17 -3.11 -20.35
C ASN A 20 9.69 -2.95 -20.60
N VAL A 21 9.21 -1.72 -20.77
CA VAL A 21 7.78 -1.51 -21.00
C VAL A 21 7.39 -2.02 -22.38
N ILE A 22 8.14 -1.62 -23.41
CA ILE A 22 7.78 -1.99 -24.78
C ILE A 22 7.95 -3.49 -25.01
N SER A 23 9.03 -4.06 -24.47
CA SER A 23 9.27 -5.49 -24.66
C SER A 23 8.24 -6.35 -23.93
N GLN A 24 7.58 -5.80 -22.91
CA GLN A 24 6.44 -6.50 -22.33
C GLN A 24 5.18 -6.31 -23.17
N ALA A 25 4.96 -5.08 -23.67
CA ALA A 25 3.85 -4.85 -24.58
C ALA A 25 3.92 -5.77 -25.79
N ASN A 26 5.13 -6.07 -26.26
CA ASN A 26 5.30 -7.03 -27.34
C ASN A 26 4.85 -8.42 -26.91
N GLN A 27 4.87 -8.70 -25.60
CA GLN A 27 4.53 -10.01 -25.07
C GLN A 27 3.10 -10.10 -24.56
N THR A 28 2.31 -9.05 -24.73
CA THR A 28 0.97 -8.98 -24.13
C THR A 28 -0.08 -9.30 -25.19
N ALA A 29 -0.84 -10.38 -24.97
CA ALA A 29 -1.84 -10.87 -25.91
C ALA A 29 -2.87 -9.81 -26.27
N ASP A 30 -3.63 -9.35 -25.26
CA ASP A 30 -4.65 -8.32 -25.38
C ASP A 30 -4.14 -7.14 -26.20
N PRO A 31 -4.77 -6.83 -27.34
CA PRO A 31 -4.26 -5.72 -28.16
C PRO A 31 -4.52 -4.36 -27.56
N THR A 32 -5.64 -4.18 -26.85
CA THR A 32 -5.93 -2.88 -26.24
C THR A 32 -4.94 -2.57 -25.13
N LEU A 33 -4.66 -3.56 -24.28
CA LEU A 33 -3.75 -3.35 -23.15
C LEU A 33 -2.33 -3.09 -23.64
N ALA A 34 -1.90 -3.78 -24.71
CA ALA A 34 -0.56 -3.58 -25.23
C ALA A 34 -0.38 -2.17 -25.77
N ALA A 35 -1.41 -1.62 -26.40
CA ALA A 35 -1.35 -0.23 -26.85
C ALA A 35 -1.19 0.72 -25.68
N GLN A 36 -1.85 0.41 -24.56
CA GLN A 36 -1.72 1.24 -23.36
C GLN A 36 -0.31 1.24 -22.82
N MET A 37 0.33 0.06 -22.84
CA MET A 37 1.71 -0.03 -22.34
C MET A 37 2.65 0.78 -23.22
N ARG A 38 2.44 0.78 -24.54
CA ARG A 38 3.27 1.58 -25.42
C ARG A 38 3.13 3.07 -25.12
N LYS A 39 1.92 3.50 -24.73
CA LYS A 39 1.72 4.89 -24.36
C LYS A 39 2.39 5.20 -23.02
N VAL A 40 2.30 4.28 -22.06
CA VAL A 40 2.95 4.47 -20.77
C VAL A 40 4.46 4.62 -20.94
N ALA A 41 5.04 3.94 -21.93
CA ALA A 41 6.48 3.99 -22.16
C ALA A 41 6.98 5.37 -22.55
N THR A 42 6.10 6.33 -22.80
CA THR A 42 6.50 7.65 -23.27
C THR A 42 6.64 8.67 -22.16
N TYR A 43 6.25 8.34 -20.93
CA TYR A 43 6.26 9.30 -19.85
C TYR A 43 7.60 9.29 -19.12
N SER A 44 7.78 10.30 -18.25
CA SER A 44 9.07 10.57 -17.62
C SER A 44 9.14 9.91 -16.25
N THR A 45 10.07 8.96 -16.11
CA THR A 45 10.37 8.33 -14.84
C THR A 45 11.73 8.80 -14.35
N ALA A 46 12.00 8.55 -13.07
CA ALA A 46 13.27 8.95 -12.49
C ALA A 46 14.33 7.88 -12.74
N VAL A 47 15.59 8.26 -12.51
CA VAL A 47 16.74 7.36 -12.65
C VAL A 47 17.33 7.17 -11.27
N TRP A 48 17.21 5.96 -10.73
CA TRP A 48 17.66 5.65 -9.38
C TRP A 48 19.13 5.27 -9.40
N LEU A 49 19.95 6.00 -8.65
CA LEU A 49 21.33 5.61 -8.38
C LEU A 49 21.32 4.87 -7.06
N ASP A 50 21.10 3.55 -7.14
CA ASP A 50 20.84 2.73 -5.96
C ASP A 50 22.05 1.93 -5.50
N ARG A 51 23.17 1.97 -6.23
CA ARG A 51 24.42 1.41 -5.76
C ARG A 51 25.56 2.05 -6.54
N ILE A 52 26.78 1.85 -6.03
CA ILE A 52 27.95 2.48 -6.63
C ILE A 52 28.15 1.99 -8.06
N ALA A 53 27.71 0.76 -8.36
CA ALA A 53 27.79 0.28 -9.73
C ALA A 53 26.87 1.06 -10.66
N ALA A 54 25.76 1.59 -10.15
CA ALA A 54 24.80 2.29 -10.99
C ALA A 54 25.37 3.57 -11.59
N ILE A 55 26.41 4.14 -10.99
CA ILE A 55 27.04 5.32 -11.58
C ILE A 55 27.64 4.99 -12.94
N THR A 56 28.11 3.76 -13.11
CA THR A 56 28.86 3.37 -14.31
C THR A 56 28.20 2.27 -15.12
N ALA A 57 27.38 1.42 -14.50
CA ALA A 57 26.86 0.24 -15.19
C ALA A 57 25.89 0.64 -16.30
N GLY A 58 26.00 -0.04 -17.45
CA GLY A 58 25.20 0.30 -18.61
C GLY A 58 25.69 1.59 -19.23
N ARG A 59 24.73 2.38 -19.74
CA ARG A 59 25.06 3.72 -20.20
C ARG A 59 25.58 4.59 -19.06
N GLY A 60 25.25 4.24 -17.81
CA GLY A 60 25.75 4.95 -16.65
C GLY A 60 25.09 6.29 -16.43
N LEU A 61 25.39 6.93 -15.30
CA LEU A 61 24.89 8.28 -15.06
C LEU A 61 25.26 9.21 -16.20
N ARG A 62 26.48 9.06 -16.73
CA ARG A 62 26.91 9.84 -17.89
C ARG A 62 25.96 9.66 -19.06
N GLY A 63 25.74 8.39 -19.46
CA GLY A 63 24.91 8.11 -20.63
C GLY A 63 23.49 8.62 -20.50
N HIS A 64 22.98 8.73 -19.27
CA HIS A 64 21.66 9.29 -19.06
C HIS A 64 21.67 10.80 -19.25
N LEU A 65 22.62 11.49 -18.62
CA LEU A 65 22.77 12.92 -18.83
C LEU A 65 23.09 13.24 -20.28
N ASP A 66 23.84 12.35 -20.95
CA ASP A 66 24.08 12.52 -22.38
C ASP A 66 22.81 12.32 -23.18
N GLU A 67 22.09 11.22 -22.90
CA GLU A 67 20.81 10.97 -23.57
C GLU A 67 19.83 12.11 -23.32
N ALA A 68 19.92 12.76 -22.16
CA ALA A 68 19.06 13.90 -21.87
C ALA A 68 19.32 15.05 -22.84
N LEU A 69 20.60 15.30 -23.14
CA LEU A 69 20.96 16.36 -24.09
C LEU A 69 20.47 16.04 -25.49
N ARG A 70 20.49 14.75 -25.87
CA ARG A 70 19.92 14.34 -27.15
C ARG A 70 18.44 14.72 -27.23
N GLN A 71 17.72 14.61 -26.11
CA GLN A 71 16.31 14.94 -26.08
C GLN A 71 16.06 16.43 -25.91
N MET A 72 17.05 17.19 -25.44
CA MET A 72 16.88 18.64 -25.33
C MET A 72 17.07 19.33 -26.67
N GLN A 73 18.14 18.98 -27.40
CA GLN A 73 18.31 19.50 -28.75
C GLN A 73 17.16 19.07 -29.64
N GLN A 74 16.72 17.81 -29.52
CA GLN A 74 15.71 17.28 -30.42
C GLN A 74 14.38 18.01 -30.29
N ALA A 75 14.07 18.50 -29.09
CA ALA A 75 12.77 19.07 -28.82
C ALA A 75 12.74 20.59 -28.84
N GLY A 76 13.87 21.26 -28.63
CA GLY A 76 13.92 22.70 -28.57
C GLY A 76 13.75 23.29 -27.19
N GLN A 77 13.02 22.61 -26.31
CA GLN A 77 12.86 23.00 -24.92
C GLN A 77 13.94 22.35 -24.07
N PRO A 78 14.17 22.87 -22.85
CA PRO A 78 15.06 22.18 -21.93
C PRO A 78 14.43 20.88 -21.43
N VAL A 79 15.25 20.08 -20.75
CA VAL A 79 14.83 18.79 -20.21
C VAL A 79 15.17 18.77 -18.73
N VAL A 80 14.22 18.33 -17.91
CA VAL A 80 14.43 18.08 -16.49
C VAL A 80 14.50 16.57 -16.30
N ILE A 81 15.69 16.08 -15.90
CA ILE A 81 15.91 14.67 -15.61
C ILE A 81 16.02 14.48 -14.11
N THR A 82 15.39 13.42 -13.60
CA THR A 82 15.21 13.21 -12.17
C THR A 82 16.10 12.07 -11.72
N LEU A 83 17.08 12.37 -10.88
CA LEU A 83 17.94 11.35 -10.28
C LEU A 83 17.54 11.13 -8.83
N VAL A 84 17.59 9.87 -8.39
CA VAL A 84 17.35 9.51 -6.99
C VAL A 84 18.68 9.10 -6.39
N ILE A 85 19.12 9.84 -5.37
CA ILE A 85 20.35 9.52 -4.65
C ILE A 85 19.96 8.57 -3.52
N TYR A 86 20.34 7.29 -3.65
CA TYR A 86 19.80 6.22 -2.79
C TYR A 86 20.89 5.19 -2.52
N ASP A 87 21.74 5.47 -1.52
CA ASP A 87 22.74 4.50 -1.09
C ASP A 87 23.40 4.89 0.23
N LEU A 88 22.63 5.45 1.16
CA LEU A 88 23.16 5.71 2.49
C LEU A 88 23.59 4.39 3.15
N PRO A 89 24.63 4.40 3.97
CA PRO A 89 24.94 3.21 4.76
C PRO A 89 23.80 2.93 5.74
N ASN A 90 23.60 1.64 6.02
CA ASN A 90 22.45 1.19 6.81
C ASN A 90 21.14 1.62 6.16
N ARG A 91 21.04 1.37 4.85
CA ARG A 91 19.89 1.82 4.09
C ARG A 91 18.66 0.96 4.38
N ASP A 92 17.48 1.59 4.28
CA ASP A 92 16.21 0.91 4.49
C ASP A 92 16.21 0.16 5.81
N CYS A 93 16.55 0.88 6.88
CA CYS A 93 16.93 0.23 8.12
C CYS A 93 15.77 -0.46 8.82
N SER A 94 14.54 0.00 8.59
CA SER A 94 13.39 -0.57 9.27
C SER A 94 12.72 -1.69 8.47
N ALA A 95 13.29 -2.09 7.35
CA ALA A 95 12.74 -3.16 6.54
C ALA A 95 13.90 -4.08 6.16
N ALA A 96 13.66 -4.95 5.18
CA ALA A 96 14.69 -5.90 4.72
C ALA A 96 14.77 -6.05 3.22
N ALA A 97 13.80 -5.56 2.45
CA ALA A 97 13.79 -5.79 1.01
C ALA A 97 14.72 -4.88 0.24
N SER A 98 15.25 -3.82 0.87
CA SER A 98 16.10 -2.88 0.16
C SER A 98 17.33 -2.48 0.96
N ASN A 99 17.86 -3.40 1.76
CA ASN A 99 19.09 -3.12 2.51
C ASN A 99 20.25 -2.92 1.54
N GLY A 100 21.02 -1.85 1.76
CA GLY A 100 22.03 -1.43 0.83
C GLY A 100 23.37 -2.14 1.00
N GLU A 101 24.30 -1.79 0.10
CA GLU A 101 25.62 -2.42 0.09
C GLU A 101 26.55 -1.85 1.15
N LEU A 102 26.34 -0.60 1.56
CA LEU A 102 27.14 0.02 2.60
C LEU A 102 26.43 -0.08 3.94
N LEU A 103 27.19 -0.34 5.00
CA LEU A 103 26.65 -0.40 6.34
C LEU A 103 27.59 0.34 7.29
N VAL A 104 27.00 0.96 8.32
CA VAL A 104 27.74 1.90 9.16
C VAL A 104 28.97 1.22 9.77
N ALA A 105 28.76 0.10 10.45
CA ALA A 105 29.83 -0.59 11.18
C ALA A 105 30.86 -1.26 10.27
N GLN A 106 30.82 -1.06 8.96
CA GLN A 106 31.91 -1.48 8.09
C GLN A 106 32.46 -0.28 7.33
N ASN A 107 32.74 0.79 8.08
CA ASN A 107 33.17 2.08 7.53
CA ASN A 107 33.19 2.06 7.52
C ASN A 107 32.36 2.44 6.29
N GLY A 108 31.05 2.53 6.50
CA GLY A 108 30.11 2.83 5.42
C GLY A 108 29.95 4.30 5.12
N LEU A 109 29.86 5.12 6.17
CA LEU A 109 29.73 6.57 5.96
C LEU A 109 30.93 7.11 5.18
N ALA A 110 32.13 6.60 5.47
CA ALA A 110 33.31 7.02 4.72
C ALA A 110 33.22 6.57 3.26
N ARG A 111 32.78 5.34 3.02
CA ARG A 111 32.63 4.86 1.65
C ARG A 111 31.55 5.63 0.89
N TYR A 112 30.52 6.09 1.60
CA TYR A 112 29.42 6.82 0.96
C TYR A 112 29.91 8.12 0.34
N LYS A 113 30.66 8.91 1.10
CA LYS A 113 31.15 10.19 0.58
C LYS A 113 32.16 9.99 -0.53
N ALA A 114 33.02 8.98 -0.41
CA ALA A 114 34.19 8.84 -1.28
C ALA A 114 33.87 8.10 -2.59
N GLU A 115 33.16 6.99 -2.51
CA GLU A 115 32.92 6.15 -3.70
C GLU A 115 31.59 6.45 -4.39
N PHE A 116 30.67 7.15 -3.74
CA PHE A 116 29.32 7.31 -4.27
C PHE A 116 28.95 8.77 -4.51
N ILE A 117 28.99 9.61 -3.47
CA ILE A 117 28.63 11.02 -3.65
C ILE A 117 29.63 11.71 -4.56
N ASP A 118 30.90 11.69 -4.18
CA ASP A 118 31.95 12.39 -4.94
C ASP A 118 31.93 12.10 -6.43
N PRO A 119 31.94 10.84 -6.89
CA PRO A 119 31.93 10.63 -8.35
C PRO A 119 30.65 11.13 -9.01
N ILE A 120 29.54 11.17 -8.27
CA ILE A 120 28.28 11.64 -8.84
C ILE A 120 28.34 13.15 -9.08
N VAL A 121 28.73 13.91 -8.06
CA VAL A 121 28.80 15.36 -8.22
C VAL A 121 29.89 15.74 -9.21
N ALA A 122 30.90 14.88 -9.39
CA ALA A 122 31.89 15.10 -10.45
C ALA A 122 31.22 15.10 -11.81
N ILE A 123 30.51 14.01 -12.12
CA ILE A 123 29.79 13.91 -13.39
C ILE A 123 28.77 15.02 -13.53
N LEU A 124 28.18 15.46 -12.41
CA LEU A 124 27.11 16.45 -12.47
C LEU A 124 27.62 17.85 -12.77
N SER A 125 28.91 18.11 -12.62
CA SER A 125 29.48 19.43 -12.89
C SER A 125 30.18 19.53 -14.24
N ASP A 126 30.25 18.43 -15.00
CA ASP A 126 30.76 18.50 -16.36
C ASP A 126 29.95 19.55 -17.12
N PRO A 127 30.58 20.65 -17.56
CA PRO A 127 29.82 21.76 -18.15
C PRO A 127 29.00 21.39 -19.37
N ARG A 128 29.13 20.16 -19.88
CA ARG A 128 28.28 19.73 -20.99
C ARG A 128 26.81 19.64 -20.60
N TYR A 129 26.52 19.54 -19.30
CA TYR A 129 25.16 19.35 -18.81
C TYR A 129 24.61 20.59 -18.11
N ALA A 130 25.20 21.77 -18.35
CA ALA A 130 24.71 22.97 -17.69
C ALA A 130 23.39 23.47 -18.29
N GLY A 131 22.93 22.88 -19.39
CA GLY A 131 21.70 23.30 -20.02
C GLY A 131 20.49 22.49 -19.57
N LEU A 132 20.73 21.40 -18.85
CA LEU A 132 19.67 20.61 -18.26
C LEU A 132 19.28 21.17 -16.90
N ARG A 133 18.04 20.88 -16.51
CA ARG A 133 17.63 21.00 -15.12
C ARG A 133 17.71 19.62 -14.51
N ILE A 134 18.53 19.48 -13.47
CA ILE A 134 18.77 18.18 -12.85
C ILE A 134 18.15 18.21 -11.46
N VAL A 135 17.02 17.51 -11.32
CA VAL A 135 16.40 17.33 -10.02
C VAL A 135 17.01 16.11 -9.36
N THR A 136 17.45 16.27 -8.11
CA THR A 136 18.06 15.17 -7.35
C THR A 136 17.25 14.97 -6.07
N ILE A 137 16.54 13.84 -6.00
CA ILE A 137 15.74 13.48 -4.83
C ILE A 137 16.64 12.72 -3.86
N ILE A 138 16.71 13.21 -2.62
CA ILE A 138 17.78 12.86 -1.69
C ILE A 138 17.27 11.79 -0.73
N GLU A 139 17.64 10.53 -0.99
CA GLU A 139 17.56 9.41 -0.06
C GLU A 139 16.15 9.18 0.48
N PRO A 140 15.29 8.52 -0.29
CA PRO A 140 13.94 8.20 0.23
C PRO A 140 14.01 7.23 1.39
N ALA A 141 13.06 7.39 2.32
CA ALA A 141 12.90 6.52 3.48
C ALA A 141 14.17 6.48 4.32
N SER A 142 14.65 7.67 4.70
CA SER A 142 15.86 7.80 5.51
C SER A 142 15.58 8.56 6.79
N LEU A 143 15.56 9.89 6.69
CA LEU A 143 15.14 10.72 7.81
C LEU A 143 13.78 10.36 8.38
N PRO A 144 12.77 9.96 7.59
CA PRO A 144 11.50 9.54 8.21
C PRO A 144 11.68 8.38 9.18
N ASN A 145 12.59 7.46 8.88
CA ASN A 145 12.85 6.34 9.80
C ASN A 145 13.37 6.84 11.15
N LEU A 146 14.13 7.95 11.15
CA LEU A 146 14.65 8.51 12.38
C LEU A 146 13.58 9.14 13.25
N VAL A 147 12.35 9.26 12.76
CA VAL A 147 11.27 9.87 13.51
C VAL A 147 10.39 8.82 14.17
N THR A 148 10.08 7.74 13.48
CA THR A 148 9.15 6.72 13.97
C THR A 148 9.80 5.39 14.28
N ASN A 149 11.05 5.17 13.88
CA ASN A 149 11.67 3.84 13.94
C ASN A 149 13.06 3.90 14.52
N LEU A 150 13.29 4.74 15.52
CA LEU A 150 14.60 4.74 16.15
C LEU A 150 14.70 3.71 17.27
N SER A 151 13.55 3.27 17.80
CA SER A 151 13.55 2.09 18.65
C SER A 151 14.19 0.90 17.95
N ILE A 152 14.17 0.88 16.62
CA ILE A 152 14.84 -0.16 15.84
C ILE A 152 16.34 0.10 15.88
N PRO A 153 17.16 -0.90 16.23
CA PRO A 153 18.59 -0.64 16.40
C PRO A 153 19.31 -0.30 15.11
N ALA A 154 18.86 -0.85 13.97
CA ALA A 154 19.53 -0.59 12.70
C ALA A 154 19.46 0.89 12.32
N CYS A 155 18.36 1.56 12.64
CA CYS A 155 18.22 3.00 12.38
C CYS A 155 18.94 3.81 13.44
N ALA A 156 18.74 3.43 14.71
CA ALA A 156 19.41 4.13 15.82
C ALA A 156 20.92 4.20 15.61
N GLU A 157 21.51 3.09 15.13
CA GLU A 157 22.93 3.11 14.78
C GLU A 157 23.22 4.13 13.69
N ALA A 158 22.27 4.38 12.80
CA ALA A 158 22.52 5.09 11.56
C ALA A 158 22.10 6.56 11.57
N GLN A 159 21.65 7.10 12.71
CA GLN A 159 21.19 8.49 12.72
C GLN A 159 22.28 9.43 12.22
N ASN A 160 23.48 9.31 12.78
CA ASN A 160 24.56 10.20 12.40
C ASN A 160 24.98 9.99 10.95
N ALA A 161 25.09 8.73 10.52
CA ALA A 161 25.39 8.47 9.12
C ALA A 161 24.35 9.08 8.19
N TYR A 162 23.09 9.11 8.62
CA TYR A 162 22.04 9.73 7.81
C TYR A 162 22.23 11.24 7.77
N ILE A 163 22.34 11.88 8.94
CA ILE A 163 22.45 13.34 8.99
C ILE A 163 23.74 13.80 8.33
N GLU A 164 24.89 13.29 8.79
CA GLU A 164 26.16 13.68 8.21
C GLU A 164 26.22 13.35 6.72
N GLY A 165 25.60 12.23 6.33
CA GLY A 165 25.58 11.79 4.94
C GLY A 165 24.66 12.62 4.06
N ILE A 166 23.49 12.99 4.59
CA ILE A 166 22.58 13.82 3.81
C ILE A 166 23.08 15.26 3.73
N ARG A 167 23.61 15.78 4.86
CA ARG A 167 24.22 17.11 4.84
C ARG A 167 25.36 17.17 3.84
N TYR A 168 26.23 16.16 3.85
CA TYR A 168 27.36 16.14 2.93
C TYR A 168 26.89 16.11 1.48
N ALA A 169 25.85 15.32 1.19
CA ALA A 169 25.36 15.22 -0.19
C ALA A 169 24.77 16.54 -0.66
N VAL A 170 24.07 17.26 0.22
CA VAL A 170 23.43 18.51 -0.20
C VAL A 170 24.42 19.65 -0.26
N ASN A 171 25.41 19.67 0.64
CA ASN A 171 26.44 20.72 0.58
C ASN A 171 27.22 20.65 -0.72
N ARG A 172 27.65 19.45 -1.11
CA ARG A 172 28.45 19.30 -2.32
C ARG A 172 27.62 19.41 -3.60
N LEU A 173 26.29 19.38 -3.50
CA LEU A 173 25.45 19.54 -4.67
C LEU A 173 25.02 20.98 -4.90
N ARG A 174 24.99 21.81 -3.86
CA ARG A 174 24.65 23.22 -4.05
C ARG A 174 25.65 23.96 -4.91
N THR A 175 26.86 23.41 -5.09
CA THR A 175 27.85 24.05 -5.94
C THR A 175 27.47 23.93 -7.41
N ILE A 176 26.93 22.77 -7.81
CA ILE A 176 26.40 22.62 -9.17
C ILE A 176 25.18 23.52 -9.27
N PRO A 177 25.17 24.51 -10.17
CA PRO A 177 24.12 25.53 -10.15
C PRO A 177 22.86 25.18 -10.91
N ASN A 178 22.80 24.03 -11.57
CA ASN A 178 21.59 23.60 -12.28
C ASN A 178 21.03 22.30 -11.71
N VAL A 179 21.40 21.95 -10.48
CA VAL A 179 20.80 20.81 -9.79
C VAL A 179 19.86 21.35 -8.72
N TYR A 180 18.64 20.82 -8.70
CA TYR A 180 17.61 21.24 -7.75
C TYR A 180 17.37 20.11 -6.77
N ILE A 181 17.33 20.44 -5.49
CA ILE A 181 17.49 19.47 -4.41
C ILE A 181 16.17 19.33 -3.67
N TYR A 182 15.66 18.10 -3.62
CA TYR A 182 14.40 17.78 -2.95
C TYR A 182 14.64 16.68 -1.93
N LEU A 183 14.30 16.96 -0.67
CA LEU A 183 14.44 15.99 0.40
C LEU A 183 13.18 15.15 0.51
N ASP A 184 13.35 13.85 0.68
CA ASP A 184 12.22 12.96 0.86
C ASP A 184 11.65 13.11 2.27
N ILE A 185 10.33 13.10 2.36
CA ILE A 185 9.67 13.22 3.66
C ILE A 185 8.51 12.21 3.72
N ALA A 186 8.71 11.05 3.10
CA ALA A 186 7.78 9.93 3.19
C ALA A 186 6.39 10.24 2.65
N HIS A 187 5.36 9.81 3.38
CA HIS A 187 3.99 10.04 2.94
C HIS A 187 3.08 10.12 4.17
N SER A 188 1.82 10.46 3.90
CA SER A 188 0.87 10.73 4.98
C SER A 188 0.49 9.47 5.73
N GLY A 189 0.68 8.28 5.15
CA GLY A 189 0.43 7.05 5.87
C GLY A 189 1.62 6.64 6.73
N TRP A 190 2.52 7.60 6.95
CA TRP A 190 3.74 7.36 7.73
C TRP A 190 3.92 8.48 8.75
N LEU A 191 3.87 9.73 8.30
CA LEU A 191 4.13 10.89 9.15
C LEU A 191 2.89 11.76 9.34
N GLY A 192 1.70 11.20 9.14
CA GLY A 192 0.49 12.01 9.21
C GLY A 192 0.10 12.38 10.63
N TRP A 193 0.21 11.42 11.55
CA TRP A 193 -0.22 11.64 12.93
C TRP A 193 0.50 12.85 13.53
N ASP A 194 -0.13 13.44 14.54
CA ASP A 194 0.27 14.76 15.02
C ASP A 194 1.72 14.77 15.50
N ASN A 195 2.09 13.82 16.35
CA ASN A 195 3.45 13.80 16.88
C ASN A 195 4.46 13.21 15.90
N ASN A 196 4.01 12.42 14.92
CA ASN A 196 4.88 12.03 13.83
C ASN A 196 5.14 13.22 12.91
N PHE A 197 4.08 13.93 12.53
CA PHE A 197 4.19 15.16 11.76
C PHE A 197 5.13 16.15 12.44
N ASN A 198 4.81 16.53 13.68
CA ASN A 198 5.59 17.54 14.38
C ASN A 198 7.03 17.10 14.58
N GLY A 199 7.25 15.81 14.81
CA GLY A 199 8.62 15.31 14.96
C GLY A 199 9.43 15.42 13.69
N ALA A 200 8.77 15.32 12.53
CA ALA A 200 9.47 15.43 11.26
C ALA A 200 9.85 16.88 10.94
N VAL A 201 8.95 17.82 11.21
CA VAL A 201 9.27 19.23 10.98
C VAL A 201 10.42 19.67 11.88
N ASN A 202 10.53 19.08 13.08
CA ASN A 202 11.63 19.43 13.97
C ASN A 202 12.93 18.78 13.52
N LEU A 203 12.88 17.51 13.11
CA LEU A 203 14.10 16.84 12.65
C LEU A 203 14.61 17.47 11.36
N TYR A 204 13.71 17.66 10.38
CA TYR A 204 14.14 18.16 9.08
C TYR A 204 14.69 19.58 9.16
N THR A 205 14.18 20.39 10.10
CA THR A 205 14.64 21.77 10.21
C THR A 205 16.11 21.84 10.62
N GLN A 206 16.49 21.09 11.66
CA GLN A 206 17.88 21.13 12.09
C GLN A 206 18.81 20.42 11.12
N VAL A 207 18.29 19.43 10.38
CA VAL A 207 19.12 18.72 9.41
C VAL A 207 19.64 19.67 8.35
N VAL A 208 18.83 20.65 7.94
CA VAL A 208 19.22 21.57 6.88
C VAL A 208 19.76 22.86 7.46
N GLN A 209 19.30 23.23 8.67
CA GLN A 209 19.87 24.40 9.33
C GLN A 209 21.38 24.28 9.49
N GLY A 210 21.87 23.05 9.60
CA GLY A 210 23.29 22.75 9.65
C GLY A 210 23.94 22.56 8.31
N MET A 211 23.22 22.72 7.20
CA MET A 211 23.84 22.64 5.89
C MET A 211 24.57 23.94 5.57
N ASP A 212 25.36 23.90 4.48
CA ASP A 212 26.21 25.03 4.12
C ASP A 212 25.41 26.31 3.96
N GLN A 213 24.40 26.29 3.09
CA GLN A 213 23.61 27.47 2.77
C GLN A 213 22.33 27.56 3.60
N GLY A 214 22.22 26.77 4.65
CA GLY A 214 21.05 26.85 5.52
C GLY A 214 19.77 26.52 4.80
N PHE A 215 18.75 27.36 5.03
CA PHE A 215 17.41 27.14 4.49
C PHE A 215 17.38 27.29 2.97
N ASN A 216 18.51 27.65 2.38
CA ASN A 216 18.62 27.76 0.93
C ASN A 216 19.33 26.58 0.29
N SER A 217 19.69 25.56 1.08
CA SER A 217 20.39 24.40 0.53
C SER A 217 19.47 23.50 -0.28
N ILE A 218 18.15 23.57 -0.05
CA ILE A 218 17.20 22.70 -0.72
C ILE A 218 16.14 23.55 -1.42
N ASP A 219 15.51 22.96 -2.42
CA ASP A 219 14.45 23.62 -3.18
C ASP A 219 13.06 23.13 -2.82
N GLY A 220 12.95 22.09 -2.01
CA GLY A 220 11.64 21.63 -1.58
C GLY A 220 11.72 20.22 -1.03
N PHE A 221 10.59 19.53 -1.07
CA PHE A 221 10.47 18.18 -0.55
C PHE A 221 9.67 17.33 -1.53
N ILE A 222 9.77 16.01 -1.37
CA ILE A 222 8.99 15.07 -2.15
C ILE A 222 8.31 14.10 -1.20
N THR A 223 7.06 13.76 -1.49
CA THR A 223 6.31 12.81 -0.70
C THR A 223 5.83 11.67 -1.59
N ASN A 224 5.38 10.59 -0.95
CA ASN A 224 4.74 9.45 -1.60
C ASN A 224 5.69 8.68 -2.51
N VAL A 225 7.01 8.82 -2.32
CA VAL A 225 7.95 8.09 -3.16
C VAL A 225 7.80 6.60 -2.92
N ALA A 226 7.59 5.87 -4.02
CA ALA A 226 7.46 4.41 -4.03
C ALA A 226 6.25 3.90 -3.27
N ASN A 227 5.31 4.78 -2.92
CA ASN A 227 4.11 4.37 -2.19
C ASN A 227 2.87 4.60 -3.04
N TYR A 228 1.72 4.28 -2.46
CA TYR A 228 0.45 4.22 -3.19
C TYR A 228 -0.60 5.20 -2.67
N THR A 229 -0.22 6.08 -1.75
CA THR A 229 -1.19 6.99 -1.13
C THR A 229 -1.73 7.97 -2.17
N PRO A 230 -3.05 8.19 -2.21
CA PRO A 230 -3.63 8.96 -3.31
C PRO A 230 -3.36 10.46 -3.18
N LEU A 231 -3.44 11.13 -4.32
CA LEU A 231 -3.38 12.59 -4.38
C LEU A 231 -4.50 13.20 -3.55
N GLU A 232 -5.72 12.70 -3.72
CA GLU A 232 -6.90 13.29 -3.10
C GLU A 232 -7.88 12.17 -2.77
N GLU A 233 -8.38 12.18 -1.54
CA GLU A 233 -9.54 11.37 -1.21
C GLU A 233 -10.77 12.24 -1.42
N PRO A 234 -11.37 12.23 -2.61
CA PRO A 234 -12.38 13.25 -2.93
C PRO A 234 -13.66 13.10 -2.14
N TYR A 235 -14.01 11.88 -1.75
CA TYR A 235 -15.25 11.61 -1.04
C TYR A 235 -15.05 11.52 0.46
N LEU A 236 -13.84 11.76 0.93
CA LEU A 236 -13.56 12.01 2.35
C LEU A 236 -12.78 13.31 2.46
N PRO A 237 -13.42 14.45 2.13
CA PRO A 237 -12.68 15.71 2.08
C PRO A 237 -12.39 16.31 3.44
N ASP A 238 -13.27 16.04 4.40
CA ASP A 238 -13.13 16.60 5.75
C ASP A 238 -12.89 15.47 6.74
N PRO A 239 -11.71 15.39 7.36
CA PRO A 239 -11.45 14.34 8.35
C PRO A 239 -12.21 14.52 9.66
N ASN A 240 -12.87 15.65 9.87
CA ASN A 240 -13.65 15.89 11.08
C ASN A 240 -15.15 15.74 10.86
N LEU A 241 -15.56 15.27 9.69
CA LEU A 241 -16.97 15.00 9.44
C LEU A 241 -17.46 13.92 10.37
N THR A 242 -18.48 14.25 11.17
CA THR A 242 -18.97 13.33 12.18
C THR A 242 -19.96 12.34 11.56
N ILE A 243 -19.60 11.06 11.58
CA ILE A 243 -20.46 9.98 11.14
C ILE A 243 -20.70 9.07 12.33
N ALA A 244 -21.95 8.65 12.52
CA ALA A 244 -22.33 7.77 13.63
C ALA A 244 -21.82 8.31 14.97
N GLY A 245 -21.83 9.64 15.10
CA GLY A 245 -21.39 10.28 16.32
C GLY A 245 -19.89 10.29 16.53
N GLN A 246 -19.10 10.16 15.47
CA GLN A 246 -17.64 10.13 15.59
C GLN A 246 -17.02 10.77 14.36
N PRO A 247 -15.93 11.51 14.51
CA PRO A 247 -15.19 11.98 13.34
C PRO A 247 -14.60 10.81 12.57
N VAL A 248 -14.64 10.90 11.24
CA VAL A 248 -14.23 9.77 10.40
C VAL A 248 -12.73 9.60 10.34
N ARG A 249 -11.94 10.57 10.81
CA ARG A 249 -10.52 10.32 11.01
C ARG A 249 -10.27 9.23 12.04
N SER A 250 -11.29 8.86 12.83
CA SER A 250 -11.20 7.81 13.82
C SER A 250 -11.40 6.42 13.24
N ALA A 251 -11.74 6.31 11.96
CA ALA A 251 -11.88 5.00 11.34
C ALA A 251 -10.60 4.19 11.48
N SER A 252 -10.75 2.87 11.52
CA SER A 252 -9.62 1.99 11.80
C SER A 252 -8.55 2.08 10.72
N PHE A 253 -8.93 2.47 9.50
CA PHE A 253 -7.95 2.60 8.43
C PHE A 253 -6.97 3.73 8.72
N TYR A 254 -7.45 4.81 9.33
CA TYR A 254 -6.65 6.00 9.56
C TYR A 254 -6.13 6.12 10.98
N GLU A 255 -6.89 5.67 11.98
CA GLU A 255 -6.46 5.71 13.38
C GLU A 255 -6.07 7.12 13.82
N TRP A 256 -7.01 8.06 13.66
CA TRP A 256 -6.91 9.45 14.12
C TRP A 256 -5.89 10.26 13.33
N ASN A 257 -5.37 9.73 12.23
CA ASN A 257 -4.51 10.52 11.35
C ASN A 257 -5.35 11.51 10.56
N PRO A 258 -5.14 12.82 10.69
CA PRO A 258 -5.97 13.78 9.96
C PRO A 258 -5.66 13.89 8.48
N TYR A 259 -4.52 13.38 8.02
CA TYR A 259 -4.10 13.55 6.63
C TYR A 259 -4.43 12.28 5.85
N PHE A 260 -5.48 12.36 5.04
CA PHE A 260 -5.98 11.22 4.28
C PHE A 260 -5.30 11.08 2.92
N ASP A 261 -4.87 12.19 2.33
CA ASP A 261 -4.29 12.17 0.99
C ASP A 261 -3.04 13.03 0.96
N GLU A 262 -2.24 12.83 -0.09
CA GLU A 262 -0.93 13.46 -0.16
C GLU A 262 -1.00 14.96 -0.45
N LEU A 263 -2.08 15.43 -1.08
CA LEU A 263 -2.20 16.86 -1.33
C LEU A 263 -2.42 17.64 -0.04
N ASP A 264 -3.36 17.17 0.79
CA ASP A 264 -3.55 17.80 2.10
C ASP A 264 -2.27 17.70 2.93
N TYR A 265 -1.53 16.60 2.79
CA TYR A 265 -0.34 16.35 3.60
C TYR A 265 0.83 17.21 3.16
N ALA A 266 1.17 17.18 1.86
CA ALA A 266 2.34 17.91 1.37
C ALA A 266 2.21 19.40 1.62
N LEU A 267 1.04 19.98 1.31
CA LEU A 267 0.85 21.41 1.53
C LEU A 267 0.92 21.77 3.01
N ALA A 268 0.47 20.86 3.88
CA ALA A 268 0.59 21.10 5.32
C ALA A 268 2.05 21.18 5.73
N LEU A 269 2.89 20.28 5.20
CA LEU A 269 4.31 20.34 5.49
C LEU A 269 4.92 21.63 4.98
N ARG A 270 4.47 22.10 3.81
CA ARG A 270 5.06 23.30 3.23
C ARG A 270 4.75 24.54 4.07
N ASN A 271 3.51 24.67 4.55
CA ASN A 271 3.18 25.78 5.44
CA ASN A 271 3.20 25.79 5.42
C ASN A 271 3.93 25.67 6.76
N ALA A 272 4.13 24.45 7.23
CA ALA A 272 4.86 24.25 8.48
C ALA A 272 6.32 24.67 8.34
N PHE A 273 7.00 24.19 7.29
CA PHE A 273 8.39 24.57 7.08
C PHE A 273 8.54 26.05 6.80
N ILE A 274 7.56 26.66 6.12
CA ILE A 274 7.64 28.09 5.84
C ILE A 274 7.58 28.89 7.13
N GLY A 275 6.63 28.56 8.00
CA GLY A 275 6.48 29.25 9.27
C GLY A 275 7.59 29.03 10.27
N ARG A 276 8.57 28.19 9.95
CA ARG A 276 9.72 27.95 10.81
C ARG A 276 11.02 28.50 10.23
N GLY A 277 10.97 29.13 9.06
CA GLY A 277 12.15 29.80 8.53
C GLY A 277 12.40 29.60 7.05
N PHE A 278 11.87 28.53 6.47
CA PHE A 278 12.13 28.24 5.06
C PHE A 278 11.53 29.34 4.17
N PRO A 279 12.19 29.64 3.06
CA PRO A 279 11.62 30.61 2.12
C PRO A 279 10.36 30.07 1.48
N SER A 280 9.47 30.98 1.09
CA SER A 280 8.22 30.58 0.46
C SER A 280 8.43 29.98 -0.92
N THR A 281 9.64 30.04 -1.46
CA THR A 281 9.92 29.51 -2.78
C THR A 281 10.00 27.98 -2.81
N ILE A 282 9.99 27.32 -1.66
CA ILE A 282 10.03 25.86 -1.65
C ILE A 282 8.77 25.30 -2.28
N GLY A 283 8.89 24.13 -2.87
CA GLY A 283 7.76 23.45 -3.47
C GLY A 283 7.86 21.95 -3.25
N MET A 284 6.70 21.32 -3.12
CA MET A 284 6.63 19.89 -2.89
C MET A 284 6.42 19.14 -4.19
N LEU A 285 7.10 18.01 -4.33
CA LEU A 285 6.81 17.04 -5.37
C LEU A 285 6.00 15.89 -4.78
N ILE A 286 5.21 15.24 -5.61
CA ILE A 286 4.42 14.09 -5.19
C ILE A 286 4.59 12.98 -6.21
N ASP A 287 5.10 11.84 -5.77
CA ASP A 287 5.23 10.67 -6.64
C ASP A 287 3.85 10.11 -6.91
N THR A 288 3.40 10.21 -8.16
CA THR A 288 2.08 9.75 -8.57
C THR A 288 2.16 8.56 -9.53
N SER A 289 3.17 7.72 -9.35
CA SER A 289 3.37 6.62 -10.30
C SER A 289 2.40 5.48 -10.06
N ARG A 290 1.99 5.24 -8.81
CA ARG A 290 1.19 4.07 -8.48
C ARG A 290 0.12 4.41 -7.45
N ASN A 291 -0.57 5.54 -7.63
CA ASN A 291 -1.58 5.96 -6.65
C ASN A 291 -2.87 6.41 -7.32
N GLY A 292 -3.16 5.89 -8.51
CA GLY A 292 -4.40 6.23 -9.20
C GLY A 292 -5.60 5.50 -8.62
N TRP A 293 -5.41 4.23 -8.31
CA TRP A 293 -6.44 3.40 -7.67
C TRP A 293 -7.71 3.31 -8.53
N GLY A 294 -7.52 3.14 -9.84
CA GLY A 294 -8.59 2.75 -10.72
C GLY A 294 -8.77 1.23 -10.72
N GLY A 295 -9.64 0.78 -11.61
CA GLY A 295 -9.89 -0.66 -11.68
C GLY A 295 -10.53 -1.17 -10.40
N CYS A 296 -10.31 -2.47 -10.14
CA CYS A 296 -10.87 -3.11 -8.96
C CYS A 296 -9.88 -4.11 -8.41
N SER A 297 -9.65 -4.07 -7.10
CA SER A 297 -8.80 -5.03 -6.41
C SER A 297 -9.11 -4.95 -4.91
N TYR A 298 -8.63 -5.95 -4.18
CA TYR A 298 -8.84 -6.04 -2.73
C TYR A 298 -10.32 -6.01 -2.38
N GLY A 299 -11.13 -6.69 -3.19
CA GLY A 299 -12.55 -6.83 -2.93
C GLY A 299 -13.39 -5.60 -3.17
N ARG A 300 -12.81 -4.51 -3.66
CA ARG A 300 -13.53 -3.27 -3.87
C ARG A 300 -13.17 -2.67 -5.22
N CYS A 301 -14.00 -1.75 -5.67
CA CYS A 301 -13.74 -0.94 -6.84
C CYS A 301 -13.60 0.52 -6.41
N ARG A 302 -13.19 1.37 -7.35
CA ARG A 302 -13.04 2.78 -7.03
C ARG A 302 -14.42 3.38 -6.75
N PRO A 303 -14.58 4.11 -5.64
CA PRO A 303 -15.87 4.73 -5.36
C PRO A 303 -16.16 5.84 -6.36
N THR A 304 -17.44 6.02 -6.65
CA THR A 304 -17.91 7.15 -7.44
C THR A 304 -18.51 8.25 -6.59
N GLY A 305 -18.39 8.14 -5.27
CA GLY A 305 -18.93 9.10 -4.34
C GLY A 305 -18.94 8.55 -2.94
N PRO A 306 -19.31 9.39 -1.96
CA PRO A 306 -19.40 8.92 -0.58
C PRO A 306 -20.39 7.76 -0.47
N SER A 307 -20.11 6.85 0.47
CA SER A 307 -20.90 5.64 0.57
C SER A 307 -22.23 5.89 1.25
N SER A 308 -23.27 5.21 0.78
CA SER A 308 -24.61 5.32 1.35
C SER A 308 -24.63 4.88 2.81
N ASP A 309 -23.60 4.17 3.26
CA ASP A 309 -23.58 3.51 4.56
C ASP A 309 -23.08 4.49 5.62
N THR A 310 -24.00 5.00 6.44
CA THR A 310 -23.66 5.85 7.57
C THR A 310 -23.68 5.08 8.89
N SER A 311 -23.73 3.75 8.85
CA SER A 311 -23.87 2.97 10.08
C SER A 311 -22.71 3.21 11.03
N SER A 312 -21.48 3.16 10.51
CA SER A 312 -20.29 3.40 11.30
C SER A 312 -19.36 4.31 10.53
N VAL A 313 -18.41 4.93 11.24
CA VAL A 313 -17.30 5.57 10.53
C VAL A 313 -16.47 4.51 9.82
N ASN A 314 -16.43 3.30 10.38
CA ASN A 314 -15.68 2.21 9.75
C ASN A 314 -16.36 1.78 8.46
N ALA A 315 -17.69 1.59 8.49
CA ALA A 315 -18.42 1.26 7.27
C ALA A 315 -18.42 2.42 6.29
N TYR A 316 -18.44 3.66 6.79
CA TYR A 316 -18.46 4.82 5.90
C TYR A 316 -17.12 5.01 5.20
N VAL A 317 -16.03 5.08 5.98
CA VAL A 317 -14.72 5.37 5.40
C VAL A 317 -14.26 4.23 4.50
N ASP A 318 -14.46 2.98 4.95
CA ASP A 318 -14.07 1.84 4.13
C ASP A 318 -14.80 1.82 2.79
N GLY A 319 -16.02 2.35 2.75
CA GLY A 319 -16.77 2.43 1.51
C GLY A 319 -16.56 3.70 0.72
N SER A 320 -15.82 4.66 1.25
CA SER A 320 -15.60 5.93 0.57
C SER A 320 -14.15 6.20 0.21
N ARG A 321 -13.20 5.40 0.69
CA ARG A 321 -11.79 5.70 0.45
C ARG A 321 -11.33 5.15 -0.89
N VAL A 322 -10.63 6.00 -1.65
CA VAL A 322 -10.05 5.57 -2.92
C VAL A 322 -8.97 4.53 -2.68
N ASP A 323 -8.23 4.66 -1.58
CA ASP A 323 -7.20 3.70 -1.19
C ASP A 323 -7.87 2.43 -0.67
N ARG A 324 -7.73 1.32 -1.40
CA ARG A 324 -8.40 0.08 -1.06
C ARG A 324 -7.55 -0.87 -0.23
N ARG A 325 -6.35 -0.48 0.18
CA ARG A 325 -5.48 -1.39 0.88
C ARG A 325 -6.09 -1.80 2.21
N TYR A 326 -5.92 -3.09 2.56
CA TYR A 326 -6.48 -3.60 3.81
C TYR A 326 -5.99 -2.78 5.00
N HIS A 327 -4.71 -2.44 5.01
CA HIS A 327 -4.10 -1.62 6.04
C HIS A 327 -3.19 -0.60 5.38
N ARG A 328 -3.14 0.61 5.94
CA ARG A 328 -2.44 1.71 5.26
C ARG A 328 -0.93 1.52 5.22
N GLY A 329 -0.37 0.65 6.07
CA GLY A 329 1.03 0.34 6.04
C GLY A 329 1.43 -0.72 5.06
N ASN A 330 0.48 -1.28 4.32
CA ASN A 330 0.78 -2.27 3.29
C ASN A 330 1.52 -1.60 2.15
N TRP A 331 2.86 -1.60 2.20
CA TRP A 331 3.66 -0.82 1.27
C TRP A 331 4.27 -1.62 0.13
N CYS A 332 3.98 -2.93 0.03
CA CYS A 332 4.78 -3.82 -0.81
C CYS A 332 3.95 -4.44 -1.94
N ASN A 333 4.37 -4.22 -3.19
CA ASN A 333 3.80 -4.91 -4.37
C ASN A 333 2.27 -4.87 -4.34
N GLN A 334 1.74 -3.67 -4.10
CA GLN A 334 0.31 -3.49 -3.95
C GLN A 334 -0.36 -3.45 -5.32
N ALA A 335 -1.58 -3.97 -5.37
CA ALA A 335 -2.35 -4.05 -6.61
C ALA A 335 -3.12 -2.74 -6.85
N GLY A 336 -2.35 -1.67 -6.98
CA GLY A 336 -2.89 -0.36 -7.29
C GLY A 336 -2.92 -0.10 -8.78
N GLY A 337 -2.74 1.16 -9.15
CA GLY A 337 -2.74 1.54 -10.55
C GLY A 337 -2.01 2.84 -10.76
N ILE A 338 -1.53 3.03 -11.99
CA ILE A 338 -0.83 4.24 -12.35
C ILE A 338 -1.70 5.45 -12.05
N GLY A 339 -1.07 6.51 -11.53
CA GLY A 339 -1.76 7.71 -11.11
C GLY A 339 -1.71 8.81 -12.14
N GLU A 340 -1.71 10.06 -11.64
CA GLU A 340 -1.60 11.21 -12.52
C GLU A 340 -0.28 11.19 -13.27
N ARG A 341 -0.32 11.60 -14.53
CA ARG A 341 0.88 11.65 -15.35
C ARG A 341 1.75 12.82 -14.91
N PRO A 342 3.06 12.75 -15.11
CA PRO A 342 3.94 13.86 -14.70
C PRO A 342 3.51 15.17 -15.35
N GLN A 343 3.38 16.20 -14.52
CA GLN A 343 2.94 17.51 -14.98
C GLN A 343 3.50 18.57 -14.05
N ALA A 344 3.78 19.74 -14.61
CA ALA A 344 4.40 20.83 -13.86
C ALA A 344 3.34 21.73 -13.23
N ALA A 345 3.66 22.23 -12.04
CA ALA A 345 2.84 23.13 -11.22
C ALA A 345 1.36 22.81 -11.33
N PRO A 346 0.91 21.65 -10.84
CA PRO A 346 -0.52 21.33 -10.92
C PRO A 346 -1.37 22.10 -9.93
N ARG A 347 -0.76 22.70 -8.91
CA ARG A 347 -1.43 23.56 -7.95
C ARG A 347 -0.37 24.27 -7.11
N SER A 348 -0.72 25.45 -6.61
CA SER A 348 0.17 26.27 -5.79
C SER A 348 0.77 25.44 -4.66
N GLY A 349 2.07 25.60 -4.43
CA GLY A 349 2.75 24.79 -3.44
C GLY A 349 3.35 23.51 -3.97
N ILE A 350 2.72 22.89 -4.96
CA ILE A 350 3.26 21.67 -5.58
C ILE A 350 4.07 22.08 -6.81
N ASP A 351 5.36 21.75 -6.79
CA ASP A 351 6.19 22.05 -7.95
C ASP A 351 5.77 21.22 -9.16
N ALA A 352 5.56 19.91 -8.95
CA ALA A 352 5.16 19.03 -10.04
C ALA A 352 4.80 17.66 -9.47
N TYR A 353 3.91 16.96 -10.19
CA TYR A 353 3.78 15.52 -10.01
C TYR A 353 4.86 14.83 -10.83
N VAL A 354 5.43 13.76 -10.27
CA VAL A 354 6.51 13.03 -10.92
C VAL A 354 6.29 11.54 -10.72
N TRP A 355 6.92 10.75 -11.58
CA TRP A 355 7.02 9.31 -11.42
C TRP A 355 8.45 9.01 -10.99
N VAL A 356 8.66 8.87 -9.68
CA VAL A 356 10.00 8.59 -9.16
C VAL A 356 10.22 7.09 -9.16
N LYS A 357 9.38 6.35 -8.45
CA LYS A 357 9.38 4.91 -8.58
C LYS A 357 8.86 4.55 -9.97
N PRO A 358 9.63 3.88 -10.80
CA PRO A 358 9.15 3.53 -12.15
C PRO A 358 8.12 2.43 -12.08
N PRO A 359 6.91 2.66 -12.61
CA PRO A 359 5.89 1.59 -12.64
C PRO A 359 6.41 0.32 -13.28
N GLY A 360 6.31 -0.82 -12.59
CA GLY A 360 6.79 -2.09 -13.06
C GLY A 360 7.95 -2.67 -12.27
N GLU A 361 8.69 -1.85 -11.54
CA GLU A 361 9.80 -2.34 -10.74
C GLU A 361 9.31 -2.74 -9.36
N SER A 362 9.82 -3.87 -8.86
CA SER A 362 9.27 -4.52 -7.69
C SER A 362 9.65 -3.79 -6.41
N ASP A 363 8.90 -4.09 -5.34
CA ASP A 363 9.17 -3.56 -4.01
C ASP A 363 9.92 -4.54 -3.12
N GLY A 364 9.92 -5.82 -3.45
CA GLY A 364 10.61 -6.82 -2.65
C GLY A 364 10.29 -8.23 -3.07
N VAL A 365 11.21 -9.16 -2.78
CA VAL A 365 10.97 -10.57 -3.09
C VAL A 365 9.87 -11.10 -2.18
N SER A 366 9.06 -12.01 -2.71
CA SER A 366 7.85 -12.47 -2.04
C SER A 366 8.01 -13.82 -1.34
N GLN A 367 9.19 -14.42 -1.41
CA GLN A 367 9.47 -15.67 -0.72
CA GLN A 367 9.49 -15.70 -0.77
C GLN A 367 10.90 -15.64 -0.20
N PRO A 368 11.18 -16.35 0.88
CA PRO A 368 12.55 -16.43 1.38
C PRO A 368 13.34 -17.46 0.59
N GLY A 369 14.66 -17.40 0.75
CA GLY A 369 15.55 -18.35 0.09
C GLY A 369 16.08 -17.94 -1.26
N ILE A 370 15.89 -16.68 -1.66
CA ILE A 370 16.39 -16.16 -2.93
C ILE A 370 17.36 -15.03 -2.64
N VAL A 371 18.53 -15.08 -3.28
CA VAL A 371 19.55 -14.06 -3.15
C VAL A 371 19.71 -13.36 -4.49
N ASP A 372 19.67 -12.03 -4.48
CA ASP A 372 19.95 -11.25 -5.68
C ASP A 372 21.45 -11.05 -5.80
N PRO A 373 22.09 -11.52 -6.88
CA PRO A 373 23.54 -11.35 -7.00
C PRO A 373 23.99 -9.90 -7.00
N ASP A 374 23.18 -8.99 -7.53
CA ASP A 374 23.58 -7.59 -7.67
C ASP A 374 23.25 -6.75 -6.45
N ASP A 375 22.40 -7.24 -5.55
CA ASP A 375 22.05 -6.54 -4.31
C ASP A 375 22.14 -7.55 -3.16
N PRO A 376 23.36 -7.89 -2.72
CA PRO A 376 23.53 -9.03 -1.82
C PRO A 376 22.94 -8.83 -0.42
N ASN A 377 22.39 -7.66 -0.11
CA ASN A 377 21.80 -7.41 1.19
C ASN A 377 20.28 -7.29 1.15
N LYS A 378 19.68 -7.29 -0.04
CA LYS A 378 18.23 -7.32 -0.13
C LYS A 378 17.72 -8.68 0.30
N LYS A 379 16.73 -8.69 1.18
CA LYS A 379 16.26 -9.91 1.82
C LYS A 379 14.74 -9.97 1.76
N PHE A 380 14.19 -11.11 2.16
CA PHE A 380 12.75 -11.25 2.27
C PHE A 380 12.24 -10.46 3.46
N ASP A 381 11.19 -9.66 3.23
CA ASP A 381 10.52 -8.98 4.32
C ASP A 381 9.08 -9.47 4.42
N PRO A 382 8.60 -9.74 5.63
CA PRO A 382 7.24 -10.29 5.78
C PRO A 382 6.14 -9.44 5.16
N MET A 383 6.37 -8.14 4.95
CA MET A 383 5.34 -7.29 4.36
C MET A 383 5.04 -7.64 2.91
N CYS A 384 5.91 -8.40 2.26
CA CYS A 384 5.79 -8.81 0.86
C CYS A 384 5.33 -10.25 0.72
N ASP A 385 5.19 -10.97 1.83
CA ASP A 385 4.67 -12.33 1.84
C ASP A 385 3.23 -12.29 1.33
N PRO A 386 2.92 -12.88 0.17
CA PRO A 386 1.56 -12.75 -0.36
C PRO A 386 0.51 -13.50 0.44
N ASN A 387 0.90 -14.43 1.31
CA ASN A 387 -0.04 -15.13 2.18
C ASN A 387 0.04 -14.67 3.62
N GLY A 388 0.90 -13.70 3.94
CA GLY A 388 1.13 -13.30 5.30
C GLY A 388 0.18 -12.21 5.77
N GLN A 389 0.40 -11.80 7.02
CA GLN A 389 -0.28 -10.66 7.61
C GLN A 389 0.74 -9.55 7.84
N SER A 390 0.25 -8.31 7.86
CA SER A 390 1.13 -7.17 8.09
C SER A 390 1.81 -7.30 9.45
N ARG A 391 3.11 -6.99 9.48
CA ARG A 391 3.86 -7.03 10.73
C ARG A 391 3.72 -5.75 11.53
N TYR A 392 3.01 -4.75 11.02
CA TYR A 392 2.63 -3.60 11.80
C TYR A 392 1.31 -3.82 12.55
N ASN A 393 0.34 -4.44 11.87
CA ASN A 393 -0.92 -4.84 12.50
C ASN A 393 -1.26 -6.23 11.99
N SER A 394 -1.13 -7.23 12.87
CA SER A 394 -1.27 -8.63 12.48
C SER A 394 -2.68 -8.98 12.01
N ALA A 395 -3.66 -8.14 12.26
CA ALA A 395 -5.05 -8.46 11.93
C ALA A 395 -5.37 -8.31 10.44
N TYR A 396 -4.42 -7.86 9.63
CA TYR A 396 -4.71 -7.55 8.23
C TYR A 396 -3.75 -8.28 7.31
N PRO A 397 -4.22 -8.71 6.14
CA PRO A 397 -3.31 -9.29 5.15
C PRO A 397 -2.34 -8.24 4.64
N THR A 398 -1.18 -8.72 4.15
CA THR A 398 -0.22 -7.80 3.56
C THR A 398 -0.73 -7.22 2.24
N GLY A 399 -1.61 -7.95 1.55
CA GLY A 399 -2.07 -7.54 0.25
C GLY A 399 -1.04 -7.59 -0.85
N ALA A 400 0.17 -8.05 -0.56
CA ALA A 400 1.23 -8.08 -1.55
C ALA A 400 0.95 -9.12 -2.63
N LEU A 401 1.39 -8.81 -3.84
CA LEU A 401 1.23 -9.71 -4.96
C LEU A 401 2.31 -10.77 -4.96
N PRO A 402 2.05 -11.94 -5.55
CA PRO A 402 3.04 -13.02 -5.54
C PRO A 402 3.94 -13.03 -6.76
N ASN A 403 4.96 -13.90 -6.74
CA ASN A 403 5.95 -14.03 -7.81
C ASN A 403 6.71 -12.72 -8.03
N ALA A 404 7.03 -12.04 -6.93
CA ALA A 404 7.73 -10.76 -7.02
C ALA A 404 9.23 -10.99 -6.88
N PRO A 405 10.06 -10.45 -7.77
CA PRO A 405 11.50 -10.52 -7.61
C PRO A 405 11.98 -9.50 -6.58
N HIS A 406 13.29 -9.47 -6.36
CA HIS A 406 13.86 -8.54 -5.40
C HIS A 406 13.59 -7.10 -5.83
N ALA A 407 13.55 -6.21 -4.84
CA ALA A 407 13.17 -4.82 -5.06
C ALA A 407 14.01 -4.19 -6.16
N GLY A 408 13.34 -3.62 -7.17
CA GLY A 408 13.98 -2.97 -8.29
C GLY A 408 13.87 -3.75 -9.59
N ARG A 409 13.84 -5.07 -9.52
CA ARG A 409 13.73 -5.88 -10.72
C ARG A 409 12.33 -5.78 -11.31
N TRP A 410 12.23 -6.03 -12.62
CA TRP A 410 10.98 -5.82 -13.34
C TRP A 410 9.93 -6.84 -12.90
N PHE A 411 8.73 -6.35 -12.61
CA PHE A 411 7.62 -7.15 -12.09
C PHE A 411 6.52 -7.15 -13.14
N PRO A 412 6.52 -8.13 -14.06
CA PRO A 412 5.60 -8.05 -15.20
C PRO A 412 4.14 -8.17 -14.83
N GLN A 413 3.80 -8.91 -13.77
CA GLN A 413 2.40 -9.10 -13.42
C GLN A 413 1.84 -7.91 -12.66
N GLN A 414 2.67 -7.19 -11.89
CA GLN A 414 2.18 -5.98 -11.25
C GLN A 414 2.05 -4.84 -12.25
N PHE A 415 2.92 -4.80 -13.25
CA PHE A 415 2.83 -3.78 -14.28
C PHE A 415 1.50 -3.86 -15.03
N GLU A 416 1.08 -5.08 -15.38
CA GLU A 416 -0.21 -5.25 -16.06
C GLU A 416 -1.37 -4.75 -15.20
N ILE A 417 -1.30 -4.99 -13.89
CA ILE A 417 -2.33 -4.49 -12.98
C ILE A 417 -2.26 -2.96 -12.91
N LEU A 418 -1.06 -2.41 -12.76
CA LEU A 418 -0.89 -0.96 -12.66
C LEU A 418 -1.42 -0.25 -13.90
N VAL A 419 -1.30 -0.86 -15.07
CA VAL A 419 -1.80 -0.24 -16.30
C VAL A 419 -3.31 -0.38 -16.38
N ARG A 420 -3.84 -1.59 -16.13
CA ARG A 420 -5.28 -1.79 -16.17
C ARG A 420 -6.00 -0.94 -15.15
N ASN A 421 -5.37 -0.66 -14.01
CA ASN A 421 -5.98 0.08 -12.92
C ASN A 421 -5.61 1.56 -12.94
N ALA A 422 -5.11 2.06 -14.06
CA ALA A 422 -4.66 3.45 -14.10
C ALA A 422 -5.85 4.40 -14.00
N TYR A 423 -5.64 5.53 -13.32
CA TYR A 423 -6.66 6.55 -13.19
C TYR A 423 -6.02 7.93 -13.11
N PRO A 424 -6.18 8.79 -14.13
CA PRO A 424 -6.97 8.60 -15.36
C PRO A 424 -6.48 7.43 -16.21
N PRO A 425 -7.41 6.62 -16.73
CA PRO A 425 -7.02 5.40 -17.44
C PRO A 425 -6.14 5.71 -18.65
N ILE A 426 -5.28 4.75 -19.00
CA ILE A 426 -4.35 4.94 -20.11
C ILE A 426 -5.13 5.09 -21.40
N GLN A 427 -4.95 6.22 -22.06
CA GLN A 427 -5.47 6.39 -23.41
C GLN A 427 -4.38 5.97 -24.40
N PRO A 428 -4.63 4.99 -25.26
CA PRO A 428 -3.64 4.64 -26.29
C PRO A 428 -3.49 5.77 -27.29
N MET B 1 26.79 -44.01 -5.24
CA MET B 1 26.65 -43.61 -3.85
C MET B 1 25.54 -44.40 -3.16
N LEU B 2 25.75 -44.71 -1.88
CA LEU B 2 24.76 -45.48 -1.13
C LEU B 2 23.48 -44.69 -0.95
N ASP B 3 22.38 -45.43 -0.81
CA ASP B 3 21.10 -44.81 -0.47
C ASP B 3 20.97 -44.57 1.03
N ASN B 4 21.72 -45.29 1.85
CA ASN B 4 21.71 -45.12 3.29
C ASN B 4 23.09 -45.49 3.84
N PRO B 5 23.85 -44.51 4.34
CA PRO B 5 25.21 -44.82 4.82
C PRO B 5 25.22 -45.63 6.11
N PHE B 6 24.11 -45.67 6.85
CA PHE B 6 24.08 -46.40 8.12
C PHE B 6 23.80 -47.88 7.95
N ILE B 7 23.34 -48.32 6.78
CA ILE B 7 23.11 -49.73 6.51
C ILE B 7 24.43 -50.35 6.05
N GLY B 8 24.99 -51.23 6.86
CA GLY B 8 26.23 -51.90 6.54
C GLY B 8 27.44 -51.39 7.29
N ALA B 9 27.27 -50.43 8.19
CA ALA B 9 28.37 -49.87 8.95
C ALA B 9 28.01 -49.80 10.42
N ILE B 10 29.04 -49.71 11.26
CA ILE B 10 28.87 -49.52 12.68
C ILE B 10 29.15 -48.06 13.01
N GLY B 11 28.49 -47.55 14.04
CA GLY B 11 28.63 -46.14 14.39
C GLY B 11 29.95 -45.85 15.09
N TYR B 12 30.56 -44.73 14.72
CA TYR B 12 31.80 -44.28 15.34
C TYR B 12 31.56 -43.97 16.81
N VAL B 13 32.42 -44.52 17.68
CA VAL B 13 32.32 -44.30 19.11
C VAL B 13 33.38 -43.27 19.51
N ASN B 14 32.91 -42.13 20.03
CA ASN B 14 33.75 -41.01 20.43
C ASN B 14 34.48 -41.32 21.72
N PRO B 15 35.80 -41.53 21.68
CA PRO B 15 36.52 -41.87 22.92
C PRO B 15 36.55 -40.74 23.93
N ASP B 16 36.61 -39.49 23.47
CA ASP B 16 36.61 -38.36 24.38
C ASP B 16 35.26 -38.19 25.07
N TRP B 17 34.17 -38.53 24.39
CA TRP B 17 32.87 -38.53 25.05
C TRP B 17 32.76 -39.67 26.05
N ALA B 18 33.21 -40.86 25.66
CA ALA B 18 33.13 -42.01 26.56
C ALA B 18 33.97 -41.80 27.81
N THR B 19 35.10 -41.10 27.69
CA THR B 19 35.93 -40.85 28.86
C THR B 19 35.17 -40.07 29.92
N ASN B 20 34.32 -39.13 29.50
CA ASN B 20 33.51 -38.38 30.46
C ASN B 20 32.44 -39.26 31.09
N VAL B 21 31.86 -40.16 30.30
CA VAL B 21 30.83 -41.07 30.83
C VAL B 21 31.46 -42.04 31.82
N ILE B 22 32.55 -42.70 31.41
CA ILE B 22 33.24 -43.63 32.30
C ILE B 22 33.78 -42.90 33.52
N SER B 23 34.35 -41.71 33.31
CA SER B 23 34.85 -40.94 34.46
C SER B 23 33.76 -40.63 35.48
N GLN B 24 32.50 -40.54 35.05
CA GLN B 24 31.43 -40.30 36.00
C GLN B 24 30.92 -41.60 36.62
N ALA B 25 30.98 -42.69 35.87
CA ALA B 25 30.63 -44.00 36.42
C ALA B 25 31.52 -44.35 37.60
N ASN B 26 32.84 -44.13 37.46
CA ASN B 26 33.77 -44.42 38.54
C ASN B 26 33.48 -43.58 39.78
N GLN B 27 32.78 -42.45 39.63
CA GLN B 27 32.44 -41.58 40.75
C GLN B 27 31.00 -41.77 41.22
N THR B 28 30.24 -42.68 40.62
CA THR B 28 28.82 -42.84 40.92
C THR B 28 28.63 -43.91 41.98
N ALA B 29 27.97 -43.53 43.08
CA ALA B 29 27.86 -44.42 44.24
C ALA B 29 27.08 -45.68 43.91
N ASP B 30 25.86 -45.53 43.39
CA ASP B 30 25.00 -46.67 43.10
C ASP B 30 25.69 -47.62 42.12
N PRO B 31 25.83 -48.91 42.47
CA PRO B 31 26.53 -49.85 41.57
C PRO B 31 25.80 -50.09 40.25
N THR B 32 24.51 -50.44 40.33
CA THR B 32 23.76 -50.74 39.12
C THR B 32 23.70 -49.53 38.19
N LEU B 33 23.53 -48.34 38.76
CA LEU B 33 23.54 -47.12 37.96
C LEU B 33 24.87 -46.96 37.23
N ALA B 34 25.98 -47.10 37.95
CA ALA B 34 27.30 -46.97 37.33
C ALA B 34 27.51 -48.01 36.22
N ALA B 35 26.91 -49.19 36.36
CA ALA B 35 27.00 -50.18 35.29
C ALA B 35 26.23 -49.74 34.06
N GLN B 36 25.14 -49.00 34.24
CA GLN B 36 24.41 -48.47 33.10
C GLN B 36 25.19 -47.37 32.41
N MET B 37 25.79 -46.45 33.18
CA MET B 37 26.64 -45.42 32.60
C MET B 37 27.77 -46.05 31.79
N ARG B 38 28.41 -47.08 32.33
CA ARG B 38 29.46 -47.78 31.59
C ARG B 38 28.93 -48.37 30.29
N LYS B 39 27.67 -48.82 30.28
CA LYS B 39 27.08 -49.36 29.06
C LYS B 39 26.78 -48.25 28.06
N VAL B 40 26.33 -47.08 28.55
CA VAL B 40 26.00 -45.98 27.66
C VAL B 40 27.22 -45.56 26.83
N ALA B 41 28.40 -45.58 27.44
CA ALA B 41 29.61 -45.12 26.78
C ALA B 41 30.01 -45.97 25.58
N THR B 42 29.31 -47.08 25.33
CA THR B 42 29.62 -47.93 24.18
C THR B 42 28.87 -47.53 22.93
N TYR B 43 27.90 -46.63 23.02
CA TYR B 43 27.10 -46.23 21.87
C TYR B 43 27.75 -45.09 21.11
N SER B 44 27.23 -44.83 19.91
CA SER B 44 27.85 -43.92 18.95
C SER B 44 27.18 -42.55 19.01
N THR B 45 27.97 -41.52 19.24
CA THR B 45 27.52 -40.14 19.23
C THR B 45 28.29 -39.36 18.16
N ALA B 46 27.79 -38.18 17.84
CA ALA B 46 28.35 -37.36 16.77
C ALA B 46 29.43 -36.43 17.30
N VAL B 47 30.30 -35.98 16.40
CA VAL B 47 31.39 -35.06 16.71
C VAL B 47 30.98 -33.67 16.23
N TRP B 48 30.87 -32.73 17.16
CA TRP B 48 30.42 -31.39 16.84
C TRP B 48 31.61 -30.49 16.50
N LEU B 49 31.56 -29.86 15.33
CA LEU B 49 32.55 -28.87 14.91
C LEU B 49 31.92 -27.49 15.15
N ASP B 50 31.96 -27.06 16.40
CA ASP B 50 31.18 -25.92 16.86
C ASP B 50 31.98 -24.61 16.90
N ARG B 51 33.15 -24.58 16.27
CA ARG B 51 33.96 -23.37 16.15
C ARG B 51 35.16 -23.68 15.28
N ILE B 52 35.80 -22.64 14.75
CA ILE B 52 37.01 -22.82 13.95
C ILE B 52 38.07 -23.56 14.75
N ALA B 53 38.17 -23.25 16.05
CA ALA B 53 39.19 -23.87 16.88
C ALA B 53 39.00 -25.38 17.02
N ALA B 54 37.79 -25.89 16.75
CA ALA B 54 37.49 -27.29 17.02
C ALA B 54 38.13 -28.25 16.01
N ILE B 55 38.58 -27.74 14.86
CA ILE B 55 39.18 -28.63 13.88
C ILE B 55 40.55 -29.13 14.32
N THR B 56 41.24 -28.41 15.21
CA THR B 56 42.56 -28.79 15.67
C THR B 56 42.70 -28.96 17.16
N ALA B 57 41.82 -28.35 17.96
CA ALA B 57 41.91 -28.46 19.41
C ALA B 57 41.70 -29.90 19.85
N GLY B 58 42.53 -30.35 20.79
CA GLY B 58 42.42 -31.71 21.29
C GLY B 58 42.72 -32.71 20.20
N ARG B 59 41.95 -33.82 20.20
CA ARG B 59 42.09 -34.83 19.17
C ARG B 59 41.98 -34.23 17.77
N GLY B 60 41.08 -33.27 17.59
CA GLY B 60 40.93 -32.60 16.31
C GLY B 60 40.14 -33.43 15.32
N LEU B 61 39.76 -32.76 14.22
CA LEU B 61 38.98 -33.45 13.18
C LEU B 61 39.76 -34.61 12.60
N ARG B 62 41.07 -34.43 12.37
CA ARG B 62 41.89 -35.53 11.86
C ARG B 62 42.04 -36.63 12.90
N GLY B 63 42.15 -36.26 14.18
CA GLY B 63 42.29 -37.26 15.21
C GLY B 63 41.06 -38.14 15.35
N HIS B 64 39.87 -37.56 15.17
CA HIS B 64 38.65 -38.35 15.19
C HIS B 64 38.58 -39.26 13.97
N LEU B 65 38.86 -38.71 12.78
CA LEU B 65 38.85 -39.51 11.57
C LEU B 65 39.94 -40.57 11.59
N ASP B 66 41.06 -40.29 12.25
CA ASP B 66 42.10 -41.31 12.44
C ASP B 66 41.58 -42.46 13.30
N GLU B 67 41.09 -42.14 14.49
CA GLU B 67 40.54 -43.15 15.38
C GLU B 67 39.38 -43.90 14.72
N ALA B 68 38.64 -43.23 13.83
CA ALA B 68 37.57 -43.90 13.10
C ALA B 68 38.12 -45.00 12.20
N LEU B 69 39.28 -44.75 11.57
CA LEU B 69 39.93 -45.80 10.80
C LEU B 69 40.44 -46.92 11.69
N ARG B 70 40.86 -46.59 12.92
CA ARG B 70 41.28 -47.62 13.86
C ARG B 70 40.13 -48.53 14.25
N GLN B 71 38.95 -47.95 14.50
CA GLN B 71 37.77 -48.75 14.79
C GLN B 71 37.32 -49.55 13.57
N MET B 72 37.59 -49.03 12.37
CA MET B 72 37.21 -49.74 11.15
C MET B 72 38.14 -50.92 10.87
N GLN B 73 39.45 -50.70 11.02
CA GLN B 73 40.40 -51.81 10.90
C GLN B 73 40.12 -52.89 11.93
N GLN B 74 39.80 -52.48 13.16
CA GLN B 74 39.63 -53.43 14.25
C GLN B 74 38.39 -54.29 14.07
N ALA B 75 37.28 -53.69 13.62
CA ALA B 75 35.99 -54.37 13.60
C ALA B 75 35.65 -54.98 12.26
N GLY B 76 36.47 -54.80 11.23
CA GLY B 76 36.23 -55.42 9.95
C GLY B 76 35.21 -54.70 9.09
N GLN B 77 34.16 -54.18 9.71
CA GLN B 77 33.10 -53.48 9.00
C GLN B 77 33.52 -52.05 8.70
N PRO B 78 32.78 -51.36 7.83
CA PRO B 78 32.97 -49.91 7.69
C PRO B 78 32.46 -49.17 8.92
N VAL B 79 32.98 -47.97 9.11
CA VAL B 79 32.56 -47.08 10.18
C VAL B 79 31.79 -45.92 9.57
N VAL B 80 30.71 -45.51 10.23
CA VAL B 80 29.99 -44.29 9.89
C VAL B 80 30.18 -43.31 11.03
N ILE B 81 30.82 -42.19 10.74
CA ILE B 81 31.11 -41.14 11.72
C ILE B 81 30.28 -39.92 11.37
N THR B 82 29.64 -39.32 12.37
CA THR B 82 28.71 -38.23 12.16
C THR B 82 29.35 -36.92 12.63
N LEU B 83 29.42 -35.95 11.73
CA LEU B 83 29.96 -34.63 12.04
C LEU B 83 28.84 -33.59 11.99
N VAL B 84 28.95 -32.58 12.85
CA VAL B 84 27.96 -31.52 12.94
C VAL B 84 28.63 -30.22 12.52
N ILE B 85 28.30 -29.74 11.32
CA ILE B 85 28.79 -28.44 10.83
C ILE B 85 27.94 -27.37 11.50
N TYR B 86 28.49 -26.69 12.51
CA TYR B 86 27.70 -25.79 13.36
C TYR B 86 28.54 -24.55 13.73
N ASP B 87 28.69 -23.63 12.76
CA ASP B 87 29.36 -22.37 13.04
C ASP B 87 29.01 -21.30 12.01
N LEU B 88 27.74 -21.23 11.61
CA LEU B 88 27.31 -20.15 10.73
C LEU B 88 27.45 -18.80 11.46
N PRO B 89 27.59 -17.72 10.71
CA PRO B 89 27.54 -16.39 11.34
C PRO B 89 26.16 -16.13 11.91
N ASN B 90 26.14 -15.38 13.02
CA ASN B 90 24.92 -15.15 13.79
C ASN B 90 24.28 -16.48 14.22
N ARG B 91 25.13 -17.42 14.61
CA ARG B 91 24.66 -18.75 15.01
C ARG B 91 23.72 -18.65 16.20
N ASP B 92 22.74 -19.56 16.24
CA ASP B 92 21.70 -19.58 17.27
C ASP B 92 21.13 -18.18 17.48
N CYS B 93 20.54 -17.64 16.41
CA CYS B 93 20.26 -16.21 16.37
C CYS B 93 19.08 -15.80 17.23
N SER B 94 18.24 -16.75 17.66
CA SER B 94 17.07 -16.43 18.48
C SER B 94 17.25 -16.82 19.95
N ALA B 95 18.49 -16.97 20.40
CA ALA B 95 18.78 -17.32 21.79
C ALA B 95 20.12 -16.69 22.16
N ALA B 96 20.61 -17.04 23.35
CA ALA B 96 21.90 -16.58 23.81
C ALA B 96 22.81 -17.69 24.32
N ALA B 97 22.30 -18.91 24.49
CA ALA B 97 23.06 -19.95 25.16
C ALA B 97 24.20 -20.48 24.31
N SER B 98 24.05 -20.48 22.99
CA SER B 98 25.02 -21.10 22.09
C SER B 98 25.41 -20.18 20.95
N ASN B 99 25.61 -18.90 21.26
CA ASN B 99 26.03 -17.95 20.23
C ASN B 99 27.46 -18.22 19.80
N GLY B 100 27.69 -18.19 18.49
CA GLY B 100 28.97 -18.56 17.92
C GLY B 100 29.94 -17.41 17.83
N GLU B 101 31.09 -17.70 17.22
CA GLU B 101 32.19 -16.75 17.13
C GLU B 101 32.10 -15.81 15.94
N LEU B 102 31.37 -16.19 14.89
CA LEU B 102 31.25 -15.37 13.69
C LEU B 102 29.96 -14.56 13.74
N LEU B 103 30.04 -13.30 13.34
CA LEU B 103 28.90 -12.41 13.21
C LEU B 103 28.80 -11.91 11.78
N VAL B 104 27.57 -11.64 11.33
CA VAL B 104 27.36 -11.24 9.94
C VAL B 104 27.99 -9.88 9.66
N ALA B 105 28.00 -8.98 10.64
CA ALA B 105 28.60 -7.67 10.43
C ALA B 105 30.10 -7.77 10.23
N GLN B 106 30.75 -8.68 10.97
CA GLN B 106 32.20 -8.82 10.94
C GLN B 106 32.64 -9.84 9.87
N ASN B 107 32.21 -9.57 8.63
CA ASN B 107 32.50 -10.43 7.49
CA ASN B 107 32.52 -10.43 7.49
C ASN B 107 32.35 -11.91 7.86
N GLY B 108 31.20 -12.23 8.44
CA GLY B 108 30.98 -13.58 8.96
C GLY B 108 30.92 -14.63 7.88
N LEU B 109 30.12 -14.39 6.84
CA LEU B 109 30.01 -15.36 5.75
C LEU B 109 31.36 -15.56 5.07
N ALA B 110 32.14 -14.47 4.92
CA ALA B 110 33.46 -14.58 4.30
C ALA B 110 34.37 -15.48 5.12
N ARG B 111 34.40 -15.28 6.44
CA ARG B 111 35.23 -16.13 7.30
C ARG B 111 34.71 -17.57 7.30
N TYR B 112 33.39 -17.73 7.30
CA TYR B 112 32.78 -19.06 7.33
C TYR B 112 33.28 -19.92 6.18
N LYS B 113 33.25 -19.38 4.96
CA LYS B 113 33.69 -20.14 3.80
C LYS B 113 35.18 -20.46 3.86
N ALA B 114 35.98 -19.52 4.34
CA ALA B 114 37.43 -19.62 4.20
C ALA B 114 38.12 -20.24 5.41
N GLU B 115 37.64 -19.93 6.62
CA GLU B 115 38.28 -20.40 7.85
C GLU B 115 37.60 -21.62 8.45
N PHE B 116 36.40 -21.98 8.00
CA PHE B 116 35.66 -23.10 8.58
C PHE B 116 35.38 -24.18 7.56
N ILE B 117 34.57 -23.91 6.53
CA ILE B 117 34.19 -24.94 5.58
C ILE B 117 35.41 -25.44 4.81
N ASP B 118 36.25 -24.51 4.32
CA ASP B 118 37.35 -24.90 3.44
C ASP B 118 38.38 -25.80 4.10
N PRO B 119 38.93 -25.48 5.28
CA PRO B 119 39.88 -26.42 5.90
C PRO B 119 39.24 -27.73 6.32
N ILE B 120 37.91 -27.76 6.48
CA ILE B 120 37.22 -29.01 6.78
C ILE B 120 37.13 -29.88 5.53
N VAL B 121 36.68 -29.30 4.42
CA VAL B 121 36.66 -30.01 3.15
C VAL B 121 38.05 -30.52 2.80
N ALA B 122 39.08 -29.74 3.15
CA ALA B 122 40.45 -30.16 2.92
C ALA B 122 40.76 -31.45 3.68
N ILE B 123 40.43 -31.50 4.97
CA ILE B 123 40.70 -32.69 5.77
C ILE B 123 39.85 -33.87 5.31
N LEU B 124 38.56 -33.63 5.09
CA LEU B 124 37.64 -34.70 4.74
C LEU B 124 37.91 -35.31 3.37
N SER B 125 38.74 -34.67 2.55
CA SER B 125 39.07 -35.19 1.22
C SER B 125 40.42 -35.87 1.16
N ASP B 126 41.05 -36.09 2.31
CA ASP B 126 42.26 -36.90 2.35
C ASP B 126 41.94 -38.32 1.90
N PRO B 127 42.63 -38.86 0.89
CA PRO B 127 42.33 -40.23 0.45
C PRO B 127 42.47 -41.29 1.54
N ARG B 128 43.17 -40.98 2.64
CA ARG B 128 43.27 -41.93 3.75
C ARG B 128 41.93 -42.19 4.42
N TYR B 129 40.90 -41.38 4.14
CA TYR B 129 39.61 -41.51 4.80
C TYR B 129 38.52 -42.02 3.86
N ALA B 130 38.89 -42.45 2.65
CA ALA B 130 37.89 -42.94 1.70
C ALA B 130 37.18 -44.19 2.17
N GLY B 131 37.77 -44.94 3.10
CA GLY B 131 37.12 -46.15 3.58
C GLY B 131 35.95 -45.86 4.50
N LEU B 132 35.95 -44.70 5.15
CA LEU B 132 34.89 -44.35 6.09
C LEU B 132 33.63 -43.94 5.36
N ARG B 133 32.57 -43.76 6.13
CA ARG B 133 31.34 -43.12 5.68
C ARG B 133 31.10 -41.90 6.55
N ILE B 134 31.35 -40.72 6.00
CA ILE B 134 31.23 -39.47 6.75
C ILE B 134 29.84 -38.90 6.52
N VAL B 135 29.10 -38.73 7.61
CA VAL B 135 27.78 -38.10 7.59
C VAL B 135 27.90 -36.74 8.23
N THR B 136 27.35 -35.72 7.57
CA THR B 136 27.47 -34.34 8.02
C THR B 136 26.09 -33.75 8.24
N ILE B 137 25.83 -33.28 9.46
CA ILE B 137 24.62 -32.53 9.79
C ILE B 137 24.91 -31.05 9.52
N ILE B 138 24.12 -30.44 8.65
CA ILE B 138 24.39 -29.07 8.20
C ILE B 138 23.60 -28.12 9.09
N GLU B 139 24.30 -27.51 10.05
CA GLU B 139 23.88 -26.33 10.79
C GLU B 139 22.51 -26.47 11.46
N PRO B 140 22.46 -27.04 12.66
CA PRO B 140 21.21 -27.05 13.42
C PRO B 140 20.75 -25.63 13.76
N ALA B 141 19.44 -25.49 13.95
CA ALA B 141 18.82 -24.25 14.42
C ALA B 141 19.28 -23.04 13.61
N SER B 142 19.09 -23.14 12.29
CA SER B 142 19.46 -22.05 11.40
C SER B 142 18.28 -21.64 10.53
N LEU B 143 18.06 -22.37 9.44
CA LEU B 143 16.92 -22.07 8.57
C LEU B 143 15.57 -22.07 9.29
N PRO B 144 15.31 -22.92 10.30
CA PRO B 144 14.04 -22.79 11.03
C PRO B 144 13.85 -21.43 11.66
N ASN B 145 14.92 -20.73 12.03
CA ASN B 145 14.79 -19.39 12.57
C ASN B 145 14.28 -18.41 11.52
N LEU B 146 14.65 -18.63 10.25
CA LEU B 146 14.15 -17.76 9.18
C LEU B 146 12.66 -17.95 8.95
N VAL B 147 12.08 -19.05 9.45
CA VAL B 147 10.67 -19.32 9.24
C VAL B 147 9.80 -18.67 10.30
N THR B 148 10.24 -18.69 11.56
CA THR B 148 9.44 -18.22 12.69
C THR B 148 9.95 -16.93 13.31
N ASN B 149 11.26 -16.73 13.37
CA ASN B 149 11.86 -15.63 14.13
C ASN B 149 12.35 -14.49 13.25
N LEU B 150 11.62 -14.15 12.19
CA LEU B 150 12.00 -12.99 11.40
C LEU B 150 11.72 -11.67 12.12
N SER B 151 10.95 -11.71 13.21
CA SER B 151 10.72 -10.57 14.09
C SER B 151 11.97 -10.18 14.89
N ILE B 152 13.05 -10.93 14.77
CA ILE B 152 14.27 -10.74 15.56
C ILE B 152 15.32 -10.12 14.66
N PRO B 153 15.85 -8.92 14.99
CA PRO B 153 16.85 -8.29 14.13
C PRO B 153 18.01 -9.20 13.76
N ALA B 154 18.44 -10.07 14.69
CA ALA B 154 19.61 -10.89 14.45
C ALA B 154 19.39 -11.93 13.36
N CYS B 155 18.19 -12.54 13.32
CA CYS B 155 17.88 -13.56 12.33
C CYS B 155 17.50 -12.96 10.99
N ALA B 156 16.76 -11.86 11.01
CA ALA B 156 16.45 -11.15 9.77
C ALA B 156 17.71 -10.68 9.07
N GLU B 157 18.71 -10.28 9.86
CA GLU B 157 20.02 -9.93 9.34
C GLU B 157 20.77 -11.14 8.79
N ALA B 158 20.40 -12.34 9.23
CA ALA B 158 21.13 -13.56 8.90
C ALA B 158 20.59 -14.28 7.66
N GLN B 159 19.44 -13.85 7.12
CA GLN B 159 18.79 -14.54 6.01
C GLN B 159 19.77 -14.94 4.91
N ASN B 160 20.49 -13.96 4.36
CA ASN B 160 21.32 -14.23 3.18
C ASN B 160 22.58 -15.01 3.55
N ALA B 161 23.14 -14.75 4.73
CA ALA B 161 24.31 -15.49 5.17
C ALA B 161 23.99 -16.97 5.34
N TYR B 162 22.88 -17.28 6.02
CA TYR B 162 22.46 -18.66 6.20
C TYR B 162 22.34 -19.40 4.87
N ILE B 163 21.64 -18.79 3.90
CA ILE B 163 21.41 -19.43 2.61
C ILE B 163 22.75 -19.65 1.90
N GLU B 164 23.51 -18.58 1.71
CA GLU B 164 24.78 -18.69 1.00
C GLU B 164 25.77 -19.58 1.74
N GLY B 165 25.75 -19.54 3.08
CA GLY B 165 26.65 -20.37 3.85
C GLY B 165 26.32 -21.84 3.75
N ILE B 166 25.05 -22.18 3.89
CA ILE B 166 24.63 -23.58 3.78
C ILE B 166 24.79 -24.07 2.35
N ARG B 167 24.45 -23.22 1.37
CA ARG B 167 24.66 -23.59 -0.03
C ARG B 167 26.13 -23.83 -0.32
N TYR B 168 27.02 -22.99 0.21
CA TYR B 168 28.45 -23.17 -0.01
C TYR B 168 28.95 -24.45 0.64
N ALA B 169 28.52 -24.70 1.88
CA ALA B 169 28.98 -25.89 2.60
C ALA B 169 28.56 -27.16 1.87
N VAL B 170 27.30 -27.23 1.42
CA VAL B 170 26.83 -28.43 0.76
C VAL B 170 27.50 -28.61 -0.60
N ASN B 171 27.72 -27.51 -1.31
CA ASN B 171 28.39 -27.58 -2.61
C ASN B 171 29.82 -28.13 -2.45
N ARG B 172 30.56 -27.59 -1.48
CA ARG B 172 31.92 -28.03 -1.27
C ARG B 172 31.97 -29.47 -0.77
N LEU B 173 31.10 -29.82 0.18
CA LEU B 173 31.10 -31.17 0.73
C LEU B 173 30.73 -32.21 -0.31
N ARG B 174 29.96 -31.82 -1.32
CA ARG B 174 29.59 -32.75 -2.39
C ARG B 174 30.79 -33.19 -3.22
N THR B 175 31.90 -32.44 -3.16
CA THR B 175 33.09 -32.81 -3.92
C THR B 175 33.75 -34.07 -3.38
N ILE B 176 33.40 -34.50 -2.18
CA ILE B 176 33.96 -35.70 -1.56
C ILE B 176 32.96 -36.83 -1.73
N PRO B 177 33.29 -37.90 -2.43
CA PRO B 177 32.27 -38.88 -2.85
C PRO B 177 31.76 -39.77 -1.72
N ASN B 178 32.34 -39.72 -0.53
CA ASN B 178 31.85 -40.52 0.59
C ASN B 178 31.31 -39.66 1.73
N VAL B 179 30.89 -38.43 1.43
CA VAL B 179 30.24 -37.55 2.40
C VAL B 179 28.75 -37.58 2.12
N TYR B 180 27.97 -37.97 3.13
CA TYR B 180 26.51 -37.99 3.05
C TYR B 180 25.98 -36.82 3.87
N ILE B 181 25.10 -36.03 3.26
CA ILE B 181 24.74 -34.70 3.73
C ILE B 181 23.27 -34.70 4.16
N TYR B 182 23.02 -34.24 5.39
CA TYR B 182 21.67 -34.15 5.94
C TYR B 182 21.48 -32.75 6.51
N LEU B 183 20.45 -32.06 6.07
CA LEU B 183 20.13 -30.72 6.58
C LEU B 183 19.23 -30.83 7.80
N ASP B 184 19.55 -30.04 8.83
CA ASP B 184 18.70 -29.98 10.01
C ASP B 184 17.41 -29.23 9.68
N ILE B 185 16.29 -29.76 10.15
CA ILE B 185 14.99 -29.14 9.91
C ILE B 185 14.19 -29.15 11.21
N ALA B 186 14.86 -28.79 12.31
CA ALA B 186 14.23 -28.46 13.60
C ALA B 186 13.52 -29.70 14.14
N HIS B 187 12.39 -29.54 14.81
CA HIS B 187 11.61 -30.64 15.35
C HIS B 187 10.14 -30.28 15.26
N SER B 188 9.28 -31.24 15.60
CA SER B 188 7.84 -31.05 15.45
C SER B 188 7.31 -29.94 16.37
N GLY B 189 7.97 -29.71 17.51
CA GLY B 189 7.57 -28.64 18.40
C GLY B 189 7.99 -27.25 17.96
N TRP B 190 8.50 -27.12 16.74
CA TRP B 190 8.99 -25.85 16.23
C TRP B 190 8.32 -25.53 14.88
N LEU B 191 8.37 -26.48 13.95
CA LEU B 191 7.83 -26.28 12.61
C LEU B 191 6.59 -27.12 12.35
N GLY B 192 5.92 -27.57 13.41
CA GLY B 192 4.79 -28.48 13.22
C GLY B 192 3.54 -27.79 12.70
N TRP B 193 3.30 -26.55 13.13
CA TRP B 193 2.09 -25.83 12.76
C TRP B 193 2.00 -25.67 11.24
N ASP B 194 0.77 -25.49 10.76
CA ASP B 194 0.52 -25.47 9.32
C ASP B 194 1.32 -24.36 8.64
N ASN B 195 1.35 -23.17 9.23
CA ASN B 195 2.11 -22.07 8.65
C ASN B 195 3.61 -22.37 8.67
N ASN B 196 4.11 -22.88 9.80
CA ASN B 196 5.53 -23.15 9.91
C ASN B 196 5.96 -24.31 9.01
N PHE B 197 5.09 -25.32 8.87
CA PHE B 197 5.41 -26.47 8.03
C PHE B 197 5.59 -26.06 6.57
N ASN B 198 4.60 -25.37 6.01
CA ASN B 198 4.63 -25.02 4.59
C ASN B 198 5.71 -24.00 4.28
N GLY B 199 5.97 -23.08 5.20
CA GLY B 199 7.08 -22.15 5.00
C GLY B 199 8.42 -22.86 4.97
N ALA B 200 8.59 -23.87 5.83
CA ALA B 200 9.85 -24.61 5.87
C ALA B 200 10.07 -25.37 4.57
N VAL B 201 9.06 -26.09 4.09
CA VAL B 201 9.19 -26.82 2.84
C VAL B 201 9.38 -25.86 1.67
N ASN B 202 8.78 -24.67 1.73
CA ASN B 202 9.05 -23.66 0.72
C ASN B 202 10.50 -23.19 0.80
N LEU B 203 10.97 -22.89 2.00
CA LEU B 203 12.31 -22.31 2.16
C LEU B 203 13.40 -23.32 1.85
N TYR B 204 13.24 -24.56 2.29
CA TYR B 204 14.28 -25.56 2.06
C TYR B 204 14.39 -25.93 0.59
N THR B 205 13.24 -25.98 -0.12
CA THR B 205 13.29 -26.27 -1.54
C THR B 205 14.02 -25.17 -2.31
N GLN B 206 13.81 -23.90 -1.92
CA GLN B 206 14.52 -22.81 -2.58
C GLN B 206 16.02 -22.90 -2.30
N VAL B 207 16.40 -23.21 -1.06
CA VAL B 207 17.81 -23.30 -0.71
C VAL B 207 18.48 -24.44 -1.46
N VAL B 208 17.78 -25.57 -1.60
CA VAL B 208 18.38 -26.73 -2.27
C VAL B 208 18.28 -26.60 -3.79
N GLN B 209 17.16 -26.04 -4.29
CA GLN B 209 17.01 -25.88 -5.74
C GLN B 209 18.11 -25.00 -6.32
N GLY B 210 18.69 -24.12 -5.50
CA GLY B 210 19.79 -23.27 -5.91
C GLY B 210 21.17 -23.81 -5.61
N MET B 211 21.29 -25.06 -5.20
CA MET B 211 22.59 -25.67 -4.99
C MET B 211 23.15 -26.17 -6.33
N ASP B 212 24.41 -26.61 -6.29
CA ASP B 212 25.09 -27.01 -7.52
C ASP B 212 24.33 -28.11 -8.25
N GLN B 213 24.00 -29.19 -7.55
CA GLN B 213 23.30 -30.32 -8.14
C GLN B 213 21.83 -30.36 -7.79
N GLY B 214 21.30 -29.27 -7.23
CA GLY B 214 19.86 -29.19 -6.98
C GLY B 214 19.41 -30.22 -5.97
N PHE B 215 18.33 -30.92 -6.31
CA PHE B 215 17.72 -31.88 -5.40
C PHE B 215 18.61 -33.07 -5.10
N ASN B 216 19.74 -33.21 -5.80
CA ASN B 216 20.70 -34.27 -5.50
C ASN B 216 21.84 -33.83 -4.60
N SER B 217 21.91 -32.53 -4.27
CA SER B 217 23.03 -32.02 -3.49
C SER B 217 23.01 -32.49 -2.05
N ILE B 218 21.85 -32.89 -1.52
CA ILE B 218 21.76 -33.41 -0.16
C ILE B 218 21.34 -34.87 -0.21
N ASP B 219 21.30 -35.52 0.95
CA ASP B 219 20.89 -36.91 1.05
C ASP B 219 19.75 -37.14 2.01
N GLY B 220 19.21 -36.09 2.61
CA GLY B 220 18.09 -36.24 3.52
C GLY B 220 18.07 -35.11 4.53
N PHE B 221 17.26 -35.30 5.56
CA PHE B 221 17.06 -34.31 6.60
C PHE B 221 17.17 -34.98 7.97
N ILE B 222 17.47 -34.18 8.99
CA ILE B 222 17.49 -34.67 10.36
C ILE B 222 16.63 -33.75 11.22
N THR B 223 15.83 -34.35 12.08
CA THR B 223 14.97 -33.63 13.00
C THR B 223 15.34 -33.96 14.43
N ASN B 224 14.90 -33.10 15.36
CA ASN B 224 15.01 -33.28 16.80
C ASN B 224 16.42 -33.13 17.33
N VAL B 225 17.33 -32.54 16.55
CA VAL B 225 18.72 -32.39 17.00
C VAL B 225 18.74 -31.60 18.30
N ALA B 226 19.31 -32.21 19.35
CA ALA B 226 19.51 -31.60 20.66
C ALA B 226 18.21 -31.29 21.39
N ASN B 227 17.10 -31.88 20.97
CA ASN B 227 15.82 -31.67 21.63
C ASN B 227 15.32 -32.97 22.25
N TYR B 228 14.16 -32.89 22.89
CA TYR B 228 13.61 -33.98 23.69
C TYR B 228 12.28 -34.50 23.15
N THR B 229 11.87 -34.09 21.96
CA THR B 229 10.56 -34.46 21.44
C THR B 229 10.52 -35.95 21.13
N PRO B 230 9.51 -36.68 21.62
CA PRO B 230 9.54 -38.14 21.52
C PRO B 230 9.33 -38.65 20.10
N LEU B 231 9.86 -39.84 19.84
CA LEU B 231 9.68 -40.52 18.56
C LEU B 231 8.20 -40.71 18.26
N GLU B 232 7.46 -41.23 19.22
CA GLU B 232 6.05 -41.52 19.07
C GLU B 232 5.33 -41.12 20.34
N GLU B 233 4.18 -40.47 20.19
CA GLU B 233 3.23 -40.41 21.30
C GLU B 233 2.26 -41.56 21.09
N PRO B 234 2.48 -42.71 21.73
CA PRO B 234 1.67 -43.89 21.40
C PRO B 234 0.22 -43.79 21.84
N TYR B 235 -0.08 -42.96 22.84
CA TYR B 235 -1.41 -42.85 23.40
C TYR B 235 -2.14 -41.61 22.89
N LEU B 236 -1.50 -40.81 22.04
CA LEU B 236 -2.17 -39.80 21.23
C LEU B 236 -1.86 -40.04 19.76
N PRO B 237 -2.28 -41.17 19.20
CA PRO B 237 -1.98 -41.42 17.78
C PRO B 237 -2.79 -40.55 16.84
N ASP B 238 -3.97 -40.11 17.27
CA ASP B 238 -4.88 -39.36 16.41
C ASP B 238 -4.95 -37.92 16.88
N PRO B 239 -4.40 -36.96 16.13
CA PRO B 239 -4.53 -35.55 16.53
C PRO B 239 -5.96 -35.03 16.45
N ASN B 240 -6.84 -35.72 15.74
CA ASN B 240 -8.22 -35.27 15.58
C ASN B 240 -9.21 -36.06 16.42
N LEU B 241 -8.74 -37.01 17.24
CA LEU B 241 -9.60 -37.70 18.17
C LEU B 241 -10.34 -36.68 19.04
N THR B 242 -11.64 -36.90 19.22
CA THR B 242 -12.47 -35.93 19.90
C THR B 242 -12.58 -36.26 21.38
N ILE B 243 -12.33 -35.26 22.22
CA ILE B 243 -12.48 -35.35 23.67
C ILE B 243 -13.16 -34.08 24.14
N ALA B 244 -14.30 -34.23 24.82
CA ALA B 244 -15.08 -33.09 25.31
C ALA B 244 -15.42 -32.12 24.18
N GLY B 245 -15.81 -32.69 23.03
CA GLY B 245 -16.21 -31.92 21.87
C GLY B 245 -15.08 -31.33 21.06
N GLN B 246 -13.85 -31.31 21.58
CA GLN B 246 -12.73 -30.69 20.89
C GLN B 246 -11.73 -31.74 20.43
N PRO B 247 -10.99 -31.47 19.36
CA PRO B 247 -9.90 -32.38 18.97
C PRO B 247 -8.75 -32.28 19.96
N VAL B 248 -8.00 -33.38 20.09
CA VAL B 248 -6.94 -33.43 21.09
C VAL B 248 -5.78 -32.51 20.70
N ARG B 249 -5.60 -32.25 19.41
CA ARG B 249 -4.58 -31.30 19.00
C ARG B 249 -4.87 -29.88 19.46
N SER B 250 -6.03 -29.64 20.09
CA SER B 250 -6.39 -28.33 20.59
C SER B 250 -5.94 -28.09 22.03
N ALA B 251 -5.22 -29.03 22.64
CA ALA B 251 -4.80 -28.88 24.01
C ALA B 251 -3.87 -27.68 24.16
N SER B 252 -3.69 -27.25 25.41
CA SER B 252 -2.72 -26.19 25.69
C SER B 252 -1.33 -26.58 25.21
N PHE B 253 -0.96 -27.85 25.38
CA PHE B 253 0.40 -28.28 25.13
C PHE B 253 0.76 -28.25 23.64
N TYR B 254 -0.23 -28.41 22.76
CA TYR B 254 0.03 -28.53 21.33
C TYR B 254 -0.38 -27.31 20.52
N GLU B 255 -1.44 -26.61 20.92
CA GLU B 255 -1.87 -25.37 20.28
C GLU B 255 -2.12 -25.58 18.78
N TRP B 256 -2.89 -26.62 18.46
CA TRP B 256 -3.35 -26.95 17.11
C TRP B 256 -2.24 -27.46 16.21
N ASN B 257 -1.12 -27.89 16.79
CA ASN B 257 -0.06 -28.55 16.04
C ASN B 257 -0.47 -30.00 15.77
N PRO B 258 -0.63 -30.41 14.51
CA PRO B 258 -1.06 -31.79 14.23
C PRO B 258 0.03 -32.83 14.38
N TYR B 259 1.24 -32.45 14.79
CA TYR B 259 2.37 -33.39 14.91
C TYR B 259 2.83 -33.39 16.36
N PHE B 260 2.49 -34.47 17.07
CA PHE B 260 2.88 -34.61 18.48
C PHE B 260 4.20 -35.34 18.65
N ASP B 261 4.73 -35.97 17.61
CA ASP B 261 5.94 -36.77 17.74
C ASP B 261 6.77 -36.64 16.48
N GLU B 262 8.03 -37.10 16.59
CA GLU B 262 8.99 -36.89 15.51
C GLU B 262 8.74 -37.81 14.33
N LEU B 263 8.20 -39.01 14.56
CA LEU B 263 7.99 -39.94 13.47
C LEU B 263 6.88 -39.45 12.53
N ASP B 264 5.76 -38.97 13.09
CA ASP B 264 4.73 -38.37 12.26
C ASP B 264 5.28 -37.16 11.50
N TYR B 265 6.17 -36.40 12.15
CA TYR B 265 6.65 -35.14 11.59
C TYR B 265 7.70 -35.34 10.52
N ALA B 266 8.65 -36.26 10.74
CA ALA B 266 9.73 -36.46 9.78
C ALA B 266 9.22 -37.04 8.48
N LEU B 267 8.30 -38.00 8.55
CA LEU B 267 7.78 -38.62 7.32
C LEU B 267 6.87 -37.67 6.55
N ALA B 268 6.11 -36.83 7.26
CA ALA B 268 5.32 -35.81 6.57
C ALA B 268 6.23 -34.85 5.80
N LEU B 269 7.39 -34.51 6.38
CA LEU B 269 8.35 -33.66 5.69
C LEU B 269 8.92 -34.36 4.47
N ARG B 270 9.24 -35.65 4.60
CA ARG B 270 9.83 -36.38 3.48
C ARG B 270 8.86 -36.45 2.30
N ASN B 271 7.61 -36.84 2.55
CA ASN B 271 6.62 -36.90 1.48
C ASN B 271 6.39 -35.53 0.88
N ALA B 272 6.30 -34.48 1.71
CA ALA B 272 6.12 -33.14 1.20
C ALA B 272 7.26 -32.73 0.28
N PHE B 273 8.49 -33.12 0.62
CA PHE B 273 9.63 -32.76 -0.21
C PHE B 273 9.67 -33.57 -1.50
N ILE B 274 9.29 -34.86 -1.42
CA ILE B 274 9.22 -35.68 -2.63
C ILE B 274 8.16 -35.12 -3.58
N GLY B 275 7.08 -34.55 -3.03
CA GLY B 275 6.08 -33.92 -3.87
C GLY B 275 6.58 -32.65 -4.54
N ARG B 276 7.50 -31.93 -3.89
CA ARG B 276 8.06 -30.71 -4.47
C ARG B 276 9.17 -30.99 -5.48
N GLY B 277 9.67 -32.22 -5.56
CA GLY B 277 10.63 -32.56 -6.59
C GLY B 277 11.82 -33.38 -6.12
N PHE B 278 11.91 -33.65 -4.83
CA PHE B 278 13.05 -34.38 -4.30
C PHE B 278 12.96 -35.86 -4.70
N PRO B 279 14.10 -36.51 -4.92
CA PRO B 279 14.07 -37.95 -5.21
C PRO B 279 13.63 -38.75 -4.00
N SER B 280 13.02 -39.91 -4.27
CA SER B 280 12.58 -40.79 -3.20
C SER B 280 13.75 -41.43 -2.46
N THR B 281 14.98 -41.22 -2.92
CA THR B 281 16.16 -41.75 -2.24
C THR B 281 16.48 -41.02 -0.95
N ILE B 282 15.88 -39.86 -0.70
CA ILE B 282 16.15 -39.15 0.54
C ILE B 282 15.56 -39.93 1.71
N GLY B 283 16.17 -39.74 2.88
CA GLY B 283 15.66 -40.33 4.10
C GLY B 283 15.90 -39.37 5.25
N MET B 284 15.16 -39.60 6.32
CA MET B 284 15.24 -38.74 7.49
C MET B 284 16.06 -39.39 8.59
N LEU B 285 16.73 -38.56 9.38
CA LEU B 285 17.37 -38.96 10.62
C LEU B 285 16.65 -38.30 11.79
N ILE B 286 16.63 -38.98 12.93
CA ILE B 286 16.02 -38.46 14.14
C ILE B 286 17.02 -38.58 15.28
N ASP B 287 17.23 -37.49 16.00
CA ASP B 287 18.14 -37.47 17.14
C ASP B 287 17.39 -38.01 18.35
N THR B 288 17.51 -39.32 18.58
CA THR B 288 16.90 -39.97 19.73
C THR B 288 17.81 -39.99 20.95
N SER B 289 18.66 -38.98 21.12
CA SER B 289 19.62 -39.01 22.21
C SER B 289 18.94 -38.76 23.55
N ARG B 290 17.88 -37.96 23.58
CA ARG B 290 17.32 -37.52 24.86
C ARG B 290 15.80 -37.43 24.83
N ASN B 291 15.12 -38.30 24.09
CA ASN B 291 13.67 -38.29 24.03
C ASN B 291 13.08 -39.63 24.46
N GLY B 292 13.72 -40.30 25.42
CA GLY B 292 13.17 -41.54 25.93
C GLY B 292 12.00 -41.30 26.86
N TRP B 293 12.11 -40.30 27.74
CA TRP B 293 11.03 -39.88 28.62
C TRP B 293 10.54 -41.01 29.52
N GLY B 294 11.47 -41.82 30.00
CA GLY B 294 11.19 -42.75 31.07
C GLY B 294 11.23 -42.02 32.40
N GLY B 295 11.42 -42.78 33.46
CA GLY B 295 11.60 -42.25 34.80
C GLY B 295 10.47 -41.33 35.21
N CYS B 296 10.82 -40.32 36.01
CA CYS B 296 9.87 -39.36 36.52
C CYS B 296 10.50 -37.97 36.56
N SER B 297 9.66 -36.96 36.36
CA SER B 297 10.04 -35.55 36.38
C SER B 297 8.81 -34.71 36.07
N TYR B 298 8.87 -33.44 36.47
CA TYR B 298 7.81 -32.47 36.20
C TYR B 298 6.44 -32.99 36.65
N GLY B 299 6.43 -33.64 37.81
CA GLY B 299 5.17 -34.16 38.36
C GLY B 299 4.71 -35.51 37.85
N ARG B 300 4.68 -35.68 36.53
CA ARG B 300 4.24 -36.94 35.94
C ARG B 300 5.34 -37.99 36.03
N CYS B 301 4.93 -39.23 35.79
CA CYS B 301 5.81 -40.30 35.34
C CYS B 301 5.26 -40.82 34.03
N ARG B 302 6.04 -41.62 33.32
CA ARG B 302 5.66 -42.00 31.96
C ARG B 302 4.33 -42.73 31.95
N PRO B 303 3.38 -42.33 31.12
CA PRO B 303 2.09 -43.04 31.07
C PRO B 303 2.24 -44.41 30.45
N THR B 304 1.25 -45.26 30.72
CA THR B 304 1.18 -46.59 30.14
C THR B 304 -0.12 -46.81 29.39
N GLY B 305 -0.78 -45.73 28.99
CA GLY B 305 -2.03 -45.79 28.27
C GLY B 305 -2.75 -44.46 28.35
N PRO B 306 -3.73 -44.25 27.48
CA PRO B 306 -4.50 -43.00 27.51
C PRO B 306 -5.12 -42.77 28.88
N SER B 307 -5.18 -41.50 29.27
CA SER B 307 -5.67 -41.15 30.59
C SER B 307 -7.14 -41.49 30.73
N SER B 308 -7.52 -41.99 31.91
CA SER B 308 -8.93 -42.24 32.20
C SER B 308 -9.72 -40.95 32.33
N ASP B 309 -9.04 -39.82 32.50
CA ASP B 309 -9.69 -38.51 32.64
C ASP B 309 -9.99 -37.98 31.24
N THR B 310 -11.26 -38.05 30.84
CA THR B 310 -11.72 -37.49 29.58
C THR B 310 -12.65 -36.30 29.79
N SER B 311 -12.57 -35.65 30.95
CA SER B 311 -13.39 -34.48 31.25
C SER B 311 -13.09 -33.35 30.28
N SER B 312 -11.89 -32.78 30.37
CA SER B 312 -11.41 -31.79 29.44
C SER B 312 -10.38 -32.40 28.52
N VAL B 313 -10.26 -31.84 27.31
CA VAL B 313 -9.22 -32.32 26.40
C VAL B 313 -7.84 -31.93 26.93
N ASN B 314 -7.77 -30.82 27.69
CA ASN B 314 -6.53 -30.47 28.37
C ASN B 314 -6.07 -31.58 29.29
N ALA B 315 -6.96 -32.05 30.17
CA ALA B 315 -6.59 -33.04 31.16
C ALA B 315 -6.33 -34.41 30.54
N TYR B 316 -7.01 -34.73 29.45
CA TYR B 316 -6.77 -36.01 28.77
C TYR B 316 -5.40 -36.02 28.11
N VAL B 317 -5.07 -34.95 27.39
CA VAL B 317 -3.78 -34.88 26.71
C VAL B 317 -2.64 -34.85 27.73
N ASP B 318 -2.84 -34.15 28.84
CA ASP B 318 -1.77 -34.02 29.83
C ASP B 318 -1.52 -35.32 30.59
N GLY B 319 -2.54 -36.17 30.72
CA GLY B 319 -2.35 -37.47 31.34
C GLY B 319 -1.89 -38.56 30.40
N SER B 320 -1.82 -38.27 29.10
CA SER B 320 -1.49 -39.27 28.09
C SER B 320 -0.16 -39.05 27.40
N ARG B 321 0.31 -37.80 27.29
CA ARG B 321 1.54 -37.54 26.56
C ARG B 321 2.75 -38.02 27.36
N VAL B 322 3.74 -38.56 26.64
CA VAL B 322 4.99 -38.96 27.27
C VAL B 322 5.97 -37.80 27.35
N ASP B 323 5.91 -36.86 26.41
CA ASP B 323 6.61 -35.60 26.53
C ASP B 323 5.96 -34.82 27.67
N ARG B 324 6.54 -34.91 28.87
CA ARG B 324 5.96 -34.27 30.05
C ARG B 324 6.63 -32.94 30.36
N ARG B 325 7.13 -32.24 29.34
CA ARG B 325 7.55 -30.86 29.50
C ARG B 325 6.38 -30.02 30.01
N TYR B 326 6.70 -28.96 30.76
CA TYR B 326 5.67 -27.99 31.13
C TYR B 326 5.14 -27.28 29.89
N HIS B 327 6.04 -26.83 29.03
CA HIS B 327 5.70 -26.20 27.77
C HIS B 327 6.57 -26.82 26.67
N ARG B 328 6.04 -26.87 25.45
CA ARG B 328 6.77 -27.52 24.37
C ARG B 328 7.98 -26.74 23.92
N GLY B 329 8.10 -25.48 24.29
CA GLY B 329 9.28 -24.69 23.98
C GLY B 329 10.43 -24.85 24.95
N ASN B 330 10.23 -25.60 26.03
CA ASN B 330 11.28 -25.80 27.04
C ASN B 330 12.36 -26.69 26.46
N TRP B 331 13.42 -26.08 25.92
CA TRP B 331 14.47 -26.81 25.25
C TRP B 331 15.74 -26.99 26.09
N CYS B 332 15.81 -26.38 27.26
CA CYS B 332 17.08 -26.24 27.97
C CYS B 332 17.15 -27.17 29.19
N ASN B 333 18.14 -28.07 29.17
CA ASN B 333 18.49 -28.90 30.33
C ASN B 333 17.26 -29.53 30.95
N GLN B 334 16.46 -30.17 30.11
CA GLN B 334 15.24 -30.80 30.56
C GLN B 334 15.55 -32.13 31.25
N ALA B 335 14.69 -32.49 32.21
CA ALA B 335 14.86 -33.73 32.96
C ALA B 335 14.23 -34.91 32.24
N GLY B 336 14.64 -35.11 30.99
CA GLY B 336 14.18 -36.22 30.18
C GLY B 336 14.96 -37.49 30.43
N GLY B 337 15.10 -38.29 29.39
CA GLY B 337 15.84 -39.54 29.49
C GLY B 337 16.36 -39.98 28.13
N ILE B 338 17.40 -40.80 28.17
CA ILE B 338 18.01 -41.29 26.95
C ILE B 338 16.99 -42.08 26.13
N GLY B 339 16.92 -41.78 24.85
CA GLY B 339 15.95 -42.39 23.96
C GLY B 339 16.46 -43.68 23.34
N GLU B 340 15.88 -44.00 22.18
CA GLU B 340 16.25 -45.21 21.46
C GLU B 340 17.71 -45.17 21.06
N ARG B 341 18.39 -46.31 21.18
CA ARG B 341 19.79 -46.39 20.82
C ARG B 341 19.95 -46.20 19.31
N PRO B 342 21.11 -45.72 18.85
CA PRO B 342 21.34 -45.55 17.42
C PRO B 342 21.15 -46.86 16.66
N GLN B 343 20.41 -46.78 15.55
CA GLN B 343 20.12 -47.97 14.75
C GLN B 343 19.69 -47.53 13.35
N ALA B 344 19.90 -48.42 12.39
CA ALA B 344 19.74 -48.10 10.98
C ALA B 344 18.40 -48.58 10.44
N ALA B 345 17.75 -47.72 9.67
CA ALA B 345 16.49 -48.02 9.00
C ALA B 345 15.45 -48.68 9.90
N PRO B 346 15.02 -48.00 10.98
CA PRO B 346 13.97 -48.58 11.83
C PRO B 346 12.57 -48.44 11.25
N ARG B 347 12.41 -47.57 10.25
CA ARG B 347 11.13 -47.33 9.59
C ARG B 347 11.44 -46.97 8.15
N SER B 348 10.59 -47.41 7.23
CA SER B 348 10.79 -47.08 5.82
C SER B 348 10.55 -45.57 5.63
N GLY B 349 11.60 -44.86 5.23
CA GLY B 349 11.63 -43.42 5.20
C GLY B 349 12.59 -42.82 6.19
N ILE B 350 12.97 -43.56 7.22
CA ILE B 350 13.92 -43.11 8.24
C ILE B 350 15.24 -43.81 7.98
N ASP B 351 16.24 -43.05 7.53
CA ASP B 351 17.54 -43.63 7.24
C ASP B 351 18.17 -44.23 8.50
N ALA B 352 18.00 -43.57 9.64
CA ALA B 352 18.54 -44.06 10.91
C ALA B 352 18.04 -43.21 12.06
N TYR B 353 17.98 -43.82 13.24
CA TYR B 353 18.01 -43.09 14.50
C TYR B 353 19.47 -42.86 14.89
N VAL B 354 19.79 -41.65 15.34
CA VAL B 354 21.15 -41.31 15.71
C VAL B 354 21.15 -40.54 17.01
N TRP B 355 22.28 -40.58 17.70
CA TRP B 355 22.58 -39.70 18.82
C TRP B 355 23.48 -38.60 18.30
N VAL B 356 22.92 -37.39 18.14
CA VAL B 356 23.71 -36.26 17.66
C VAL B 356 24.12 -35.41 18.86
N LYS B 357 23.15 -34.97 19.64
CA LYS B 357 23.46 -34.37 20.93
C LYS B 357 24.03 -35.44 21.86
N PRO B 358 25.30 -35.38 22.22
CA PRO B 358 25.85 -36.40 23.13
C PRO B 358 25.23 -36.25 24.51
N PRO B 359 24.59 -37.29 25.03
CA PRO B 359 23.92 -37.18 26.33
C PRO B 359 24.88 -36.72 27.41
N GLY B 360 24.49 -35.65 28.11
CA GLY B 360 25.27 -35.11 29.22
C GLY B 360 25.95 -33.80 28.95
N GLU B 361 25.88 -33.26 27.73
CA GLU B 361 26.45 -31.96 27.41
C GLU B 361 25.35 -30.92 27.51
N SER B 362 25.54 -29.94 28.40
CA SER B 362 24.49 -29.01 28.75
C SER B 362 24.01 -28.21 27.54
N ASP B 363 22.82 -27.62 27.67
CA ASP B 363 22.25 -26.76 26.65
C ASP B 363 22.58 -25.29 26.88
N GLY B 364 23.05 -24.93 28.06
CA GLY B 364 23.30 -23.55 28.42
C GLY B 364 23.44 -23.40 29.91
N VAL B 365 24.08 -22.30 30.31
CA VAL B 365 24.42 -22.06 31.71
C VAL B 365 23.18 -21.63 32.48
N SER B 366 23.11 -22.02 33.76
CA SER B 366 21.91 -21.88 34.57
C SER B 366 21.73 -20.51 35.20
N GLN B 367 22.80 -19.79 35.49
CA GLN B 367 22.70 -18.49 36.14
C GLN B 367 23.68 -17.52 35.49
N PRO B 368 23.34 -16.21 35.46
CA PRO B 368 24.26 -15.22 34.87
C PRO B 368 25.61 -15.14 35.57
N GLY B 369 26.51 -14.33 35.01
CA GLY B 369 27.78 -14.06 35.64
C GLY B 369 28.80 -15.18 35.58
N ILE B 370 28.69 -16.05 34.57
CA ILE B 370 29.59 -17.19 34.42
C ILE B 370 30.00 -17.26 32.95
N VAL B 371 31.26 -16.95 32.66
CA VAL B 371 31.76 -16.85 31.29
C VAL B 371 32.59 -18.09 30.96
N ASP B 372 32.37 -18.63 29.76
CA ASP B 372 33.14 -19.77 29.29
C ASP B 372 34.41 -19.27 28.60
N PRO B 373 35.60 -19.71 29.03
CA PRO B 373 36.83 -19.17 28.45
C PRO B 373 37.01 -19.48 26.97
N ASP B 374 36.43 -20.55 26.45
CA ASP B 374 36.68 -20.96 25.07
C ASP B 374 35.59 -20.55 24.11
N ASP B 375 34.34 -20.41 24.58
CA ASP B 375 33.24 -19.87 23.78
C ASP B 375 32.80 -18.58 24.45
N PRO B 376 33.43 -17.44 24.12
CA PRO B 376 33.17 -16.21 24.86
C PRO B 376 31.84 -15.55 24.54
N ASN B 377 31.17 -15.97 23.46
CA ASN B 377 29.88 -15.41 23.09
C ASN B 377 28.71 -16.22 23.66
N LYS B 378 28.98 -17.32 24.35
CA LYS B 378 27.92 -18.07 25.00
C LYS B 378 27.47 -17.33 26.25
N LYS B 379 26.20 -16.93 26.28
CA LYS B 379 25.67 -16.09 27.34
C LYS B 379 24.43 -16.76 27.94
N PHE B 380 24.12 -16.35 29.16
CA PHE B 380 22.96 -16.89 29.86
C PHE B 380 21.68 -16.56 29.11
N ASP B 381 20.82 -17.57 28.92
CA ASP B 381 19.52 -17.37 28.31
C ASP B 381 18.44 -17.65 29.34
N PRO B 382 17.43 -16.77 29.46
CA PRO B 382 16.39 -16.96 30.48
C PRO B 382 15.67 -18.31 30.40
N MET B 383 15.75 -19.01 29.27
CA MET B 383 15.08 -20.30 29.13
C MET B 383 15.76 -21.39 29.95
N CYS B 384 16.93 -21.12 30.52
CA CYS B 384 17.71 -22.06 31.32
C CYS B 384 17.67 -21.73 32.80
N ASP B 385 17.01 -20.66 33.19
CA ASP B 385 16.92 -20.28 34.60
C ASP B 385 16.12 -21.35 35.33
N PRO B 386 16.68 -22.02 36.34
CA PRO B 386 15.93 -23.09 37.03
C PRO B 386 14.69 -22.58 37.77
N ASN B 387 14.49 -21.26 37.87
CA ASN B 387 13.36 -20.71 38.61
C ASN B 387 12.49 -19.77 37.80
N GLY B 388 12.95 -19.29 36.65
CA GLY B 388 12.16 -18.39 35.86
C GLY B 388 11.06 -19.08 35.09
N GLN B 389 10.22 -18.28 34.46
CA GLN B 389 9.18 -18.79 33.58
C GLN B 389 9.70 -18.88 32.15
N SER B 390 8.95 -19.59 31.32
CA SER B 390 9.30 -19.68 29.90
C SER B 390 9.26 -18.30 29.27
N ARG B 391 10.27 -18.02 28.43
CA ARG B 391 10.28 -16.76 27.69
C ARG B 391 9.27 -16.79 26.55
N TYR B 392 8.93 -17.97 26.04
CA TYR B 392 7.95 -18.10 24.97
C TYR B 392 6.52 -18.06 25.50
N ASN B 393 6.31 -18.34 26.79
CA ASN B 393 4.99 -18.28 27.41
C ASN B 393 5.15 -18.28 28.93
N SER B 394 5.10 -17.10 29.54
CA SER B 394 5.47 -16.94 30.95
C SER B 394 4.54 -17.67 31.92
N ALA B 395 3.46 -18.27 31.43
CA ALA B 395 2.57 -19.00 32.34
C ALA B 395 3.25 -20.21 32.94
N TYR B 396 4.25 -20.78 32.25
CA TYR B 396 4.82 -22.06 32.62
C TYR B 396 6.28 -21.92 33.04
N PRO B 397 6.75 -22.77 33.94
CA PRO B 397 8.18 -22.77 34.28
C PRO B 397 9.03 -23.21 33.10
N THR B 398 10.30 -22.82 33.15
CA THR B 398 11.25 -23.33 32.15
C THR B 398 11.50 -24.81 32.33
N GLY B 399 11.45 -25.31 33.56
CA GLY B 399 11.79 -26.68 33.84
C GLY B 399 13.27 -27.00 33.70
N ALA B 400 14.12 -25.98 33.60
CA ALA B 400 15.54 -26.21 33.41
C ALA B 400 16.18 -26.75 34.68
N LEU B 401 17.09 -27.70 34.52
CA LEU B 401 17.80 -28.26 35.64
C LEU B 401 18.79 -27.24 36.20
N PRO B 402 19.07 -27.30 37.50
CA PRO B 402 20.01 -26.35 38.10
C PRO B 402 21.46 -26.76 37.88
N ASN B 403 22.36 -25.81 38.15
CA ASN B 403 23.81 -26.05 38.17
C ASN B 403 24.33 -26.47 36.79
N ALA B 404 23.83 -25.81 35.75
CA ALA B 404 24.36 -26.29 34.48
C ALA B 404 25.50 -25.41 33.97
N PRO B 405 26.50 -26.01 33.35
CA PRO B 405 27.56 -25.22 32.71
C PRO B 405 27.08 -24.68 31.36
N HIS B 406 27.99 -24.03 30.65
CA HIS B 406 27.67 -23.54 29.32
C HIS B 406 27.44 -24.70 28.36
N ALA B 407 26.75 -24.41 27.26
CA ALA B 407 26.38 -25.44 26.30
C ALA B 407 27.63 -26.16 25.78
N GLY B 408 27.60 -27.49 25.84
CA GLY B 408 28.68 -28.33 25.40
C GLY B 408 29.50 -28.93 26.52
N ARG B 409 29.57 -28.27 27.68
CA ARG B 409 30.34 -28.77 28.80
C ARG B 409 29.57 -29.88 29.51
N TRP B 410 30.32 -30.75 30.19
CA TRP B 410 29.71 -31.88 30.87
C TRP B 410 28.81 -31.42 32.00
N PHE B 411 27.66 -32.10 32.14
CA PHE B 411 26.61 -31.73 33.08
C PHE B 411 26.27 -32.99 33.86
N PRO B 412 27.00 -33.27 34.94
CA PRO B 412 26.87 -34.59 35.59
C PRO B 412 25.50 -34.86 36.18
N GLN B 413 24.83 -33.83 36.72
CA GLN B 413 23.52 -34.05 37.32
C GLN B 413 22.50 -34.46 36.26
N GLN B 414 22.52 -33.82 35.09
CA GLN B 414 21.58 -34.20 34.04
C GLN B 414 21.90 -35.59 33.49
N PHE B 415 23.18 -35.93 33.39
CA PHE B 415 23.55 -37.23 32.83
C PHE B 415 23.01 -38.37 33.69
N GLU B 416 23.09 -38.23 35.01
CA GLU B 416 22.50 -39.24 35.89
C GLU B 416 21.01 -39.37 35.64
N ILE B 417 20.32 -38.25 35.45
CA ILE B 417 18.89 -38.28 35.19
C ILE B 417 18.60 -38.91 33.83
N LEU B 418 19.37 -38.54 32.81
CA LEU B 418 19.16 -39.08 31.47
C LEU B 418 19.33 -40.60 31.46
N VAL B 419 20.31 -41.10 32.22
CA VAL B 419 20.53 -42.54 32.26
C VAL B 419 19.44 -43.23 33.07
N ARG B 420 19.03 -42.62 34.18
CA ARG B 420 17.95 -43.19 34.98
C ARG B 420 16.65 -43.26 34.18
N ASN B 421 16.29 -42.17 33.51
CA ASN B 421 15.02 -42.07 32.80
C ASN B 421 15.08 -42.60 31.38
N ALA B 422 16.04 -43.47 31.07
CA ALA B 422 16.15 -44.00 29.73
C ALA B 422 14.98 -44.94 29.42
N TYR B 423 14.50 -44.88 28.17
CA TYR B 423 13.45 -45.77 27.69
C TYR B 423 13.72 -46.09 26.23
N PRO B 424 14.04 -47.36 25.89
CA PRO B 424 14.12 -48.52 26.78
C PRO B 424 15.25 -48.40 27.80
N PRO B 425 14.97 -48.78 29.05
CA PRO B 425 15.96 -48.61 30.12
C PRO B 425 17.29 -49.26 29.78
N ILE B 426 18.36 -48.70 30.34
CA ILE B 426 19.71 -49.17 30.05
C ILE B 426 19.93 -50.50 30.76
N GLN B 427 20.26 -51.53 29.99
CA GLN B 427 20.65 -52.81 30.55
C GLN B 427 22.16 -52.88 30.67
N PRO B 428 22.73 -53.06 31.86
CA PRO B 428 24.18 -53.18 32.05
C PRO B 428 24.79 -54.26 31.17
N MET C 1 -31.23 28.56 11.23
CA MET C 1 -31.40 27.19 10.76
C MET C 1 -30.04 26.53 10.49
N LEU C 2 -30.08 25.39 9.81
CA LEU C 2 -28.86 24.65 9.52
C LEU C 2 -27.93 25.46 8.62
N ASP C 3 -26.63 25.35 8.87
CA ASP C 3 -25.66 25.99 7.99
C ASP C 3 -25.55 25.28 6.65
N ASN C 4 -25.90 24.00 6.59
CA ASN C 4 -25.88 23.22 5.36
C ASN C 4 -26.97 22.16 5.40
N PRO C 5 -28.03 22.30 4.60
CA PRO C 5 -29.13 21.32 4.65
C PRO C 5 -28.78 19.99 4.00
N PHE C 6 -27.72 19.92 3.20
CA PHE C 6 -27.34 18.66 2.57
C PHE C 6 -26.53 17.76 3.50
N ILE C 7 -26.00 18.29 4.60
CA ILE C 7 -25.26 17.48 5.56
C ILE C 7 -26.25 16.73 6.43
N GLY C 8 -26.07 15.41 6.52
CA GLY C 8 -26.93 14.60 7.36
C GLY C 8 -28.29 14.31 6.77
N ALA C 9 -28.46 14.50 5.45
CA ALA C 9 -29.70 14.20 4.77
C ALA C 9 -29.42 13.45 3.49
N ILE C 10 -30.40 12.66 3.06
CA ILE C 10 -30.35 12.00 1.76
C ILE C 10 -31.19 12.80 0.78
N GLY C 11 -30.83 12.74 -0.50
CA GLY C 11 -31.48 13.54 -1.51
C GLY C 11 -32.75 12.87 -2.03
N TYR C 12 -33.78 13.69 -2.25
CA TYR C 12 -35.03 13.20 -2.82
C TYR C 12 -34.80 12.64 -4.21
N VAL C 13 -35.35 11.45 -4.46
CA VAL C 13 -35.20 10.77 -5.73
C VAL C 13 -36.52 10.89 -6.48
N ASN C 14 -36.53 11.69 -7.54
CA ASN C 14 -37.71 11.93 -8.35
C ASN C 14 -38.13 10.67 -9.08
N PRO C 15 -39.26 10.04 -8.72
CA PRO C 15 -39.67 8.82 -9.42
C PRO C 15 -40.11 9.05 -10.85
N ASP C 16 -40.57 10.26 -11.19
CA ASP C 16 -40.98 10.53 -12.56
C ASP C 16 -39.79 10.69 -13.49
N TRP C 17 -38.68 11.25 -13.00
CA TRP C 17 -37.46 11.23 -13.79
C TRP C 17 -36.87 9.83 -13.82
N ALA C 18 -36.93 9.11 -12.70
CA ALA C 18 -36.31 7.80 -12.62
C ALA C 18 -36.98 6.81 -13.58
N THR C 19 -38.31 6.81 -13.65
CA THR C 19 -38.99 5.88 -14.54
C THR C 19 -38.74 6.21 -16.00
N ASN C 20 -38.57 7.49 -16.33
CA ASN C 20 -38.11 7.85 -17.67
C ASN C 20 -36.75 7.24 -17.96
N VAL C 21 -35.89 7.17 -16.94
CA VAL C 21 -34.57 6.57 -17.09
C VAL C 21 -34.69 5.05 -17.21
N ILE C 22 -35.38 4.42 -16.26
CA ILE C 22 -35.48 2.96 -16.24
C ILE C 22 -36.13 2.45 -17.51
N SER C 23 -37.12 3.17 -18.03
CA SER C 23 -37.79 2.74 -19.26
C SER C 23 -36.93 2.96 -20.50
N GLN C 24 -35.95 3.87 -20.46
CA GLN C 24 -34.95 3.90 -21.52
C GLN C 24 -33.96 2.76 -21.36
N ALA C 25 -33.66 2.37 -20.12
CA ALA C 25 -32.78 1.22 -19.89
C ALA C 25 -33.44 -0.07 -20.37
N ASN C 26 -34.74 -0.24 -20.13
CA ASN C 26 -35.47 -1.40 -20.61
C ASN C 26 -35.60 -1.44 -22.13
N GLN C 27 -35.03 -0.45 -22.83
CA GLN C 27 -35.02 -0.44 -24.29
C GLN C 27 -33.61 -0.44 -24.87
N THR C 28 -32.57 -0.30 -24.05
CA THR C 28 -31.20 -0.21 -24.53
C THR C 28 -30.62 -1.61 -24.72
N ALA C 29 -30.00 -1.83 -25.88
CA ALA C 29 -29.45 -3.14 -26.23
C ALA C 29 -28.27 -3.52 -25.35
N ASP C 30 -27.16 -2.78 -25.48
CA ASP C 30 -25.92 -2.94 -24.73
C ASP C 30 -26.21 -3.24 -23.26
N PRO C 31 -25.85 -4.43 -22.78
CA PRO C 31 -26.26 -4.80 -21.41
C PRO C 31 -25.56 -4.01 -20.32
N THR C 32 -24.27 -3.72 -20.50
CA THR C 32 -23.56 -2.91 -19.50
C THR C 32 -24.11 -1.49 -19.46
N LEU C 33 -24.47 -0.94 -20.63
CA LEU C 33 -25.03 0.40 -20.68
C LEU C 33 -26.38 0.46 -19.99
N ALA C 34 -27.20 -0.58 -20.16
CA ALA C 34 -28.50 -0.60 -19.50
C ALA C 34 -28.35 -0.68 -17.98
N ALA C 35 -27.39 -1.48 -17.50
CA ALA C 35 -27.14 -1.53 -16.07
C ALA C 35 -26.58 -0.22 -15.55
N GLN C 36 -25.87 0.54 -16.39
CA GLN C 36 -25.41 1.86 -16.00
C GLN C 36 -26.58 2.83 -15.86
N MET C 37 -27.51 2.80 -16.82
CA MET C 37 -28.66 3.68 -16.76
C MET C 37 -29.49 3.43 -15.51
N ARG C 38 -29.57 2.19 -15.05
CA ARG C 38 -30.31 1.89 -13.83
C ARG C 38 -29.61 2.49 -12.61
N LYS C 39 -28.28 2.42 -12.58
CA LYS C 39 -27.55 3.04 -11.47
C LYS C 39 -27.74 4.55 -11.46
N VAL C 40 -27.74 5.18 -12.65
CA VAL C 40 -28.03 6.61 -12.76
C VAL C 40 -29.36 6.94 -12.10
N ALA C 41 -30.36 6.07 -12.29
CA ALA C 41 -31.72 6.31 -11.82
C ALA C 41 -31.86 6.34 -10.30
N THR C 42 -30.78 6.09 -9.55
CA THR C 42 -30.86 6.10 -8.09
C THR C 42 -30.37 7.39 -7.47
N TYR C 43 -29.64 8.22 -8.21
CA TYR C 43 -29.20 9.50 -7.69
C TYR C 43 -30.35 10.51 -7.72
N SER C 44 -30.13 11.66 -7.07
CA SER C 44 -31.20 12.59 -6.72
C SER C 44 -31.13 13.83 -7.60
N THR C 45 -32.17 14.07 -8.38
CA THR C 45 -32.30 15.25 -9.22
C THR C 45 -33.30 16.23 -8.61
N ALA C 46 -33.31 17.44 -9.14
CA ALA C 46 -34.19 18.50 -8.65
C ALA C 46 -35.56 18.43 -9.32
N VAL C 47 -36.49 19.22 -8.81
CA VAL C 47 -37.86 19.26 -9.29
C VAL C 47 -38.12 20.67 -9.82
N TRP C 48 -38.17 20.81 -11.15
CA TRP C 48 -38.37 22.11 -11.76
C TRP C 48 -39.85 22.47 -11.79
N LEU C 49 -40.18 23.68 -11.37
CA LEU C 49 -41.54 24.24 -11.47
C LEU C 49 -41.50 25.30 -12.57
N ASP C 50 -41.61 24.83 -13.82
CA ASP C 50 -41.36 25.68 -14.98
C ASP C 50 -42.61 26.38 -15.51
N ARG C 51 -43.81 25.98 -15.06
CA ARG C 51 -45.04 26.66 -15.44
C ARG C 51 -45.93 26.78 -14.22
N ILE C 52 -46.95 27.64 -14.31
CA ILE C 52 -47.98 27.67 -13.28
C ILE C 52 -48.70 26.33 -13.22
N ALA C 53 -48.97 25.74 -14.39
CA ALA C 53 -49.59 24.42 -14.47
C ALA C 53 -48.72 23.34 -13.87
N ALA C 54 -47.43 23.59 -13.64
CA ALA C 54 -46.53 22.60 -13.08
C ALA C 54 -46.71 22.40 -11.58
N ILE C 55 -47.42 23.31 -10.89
CA ILE C 55 -47.72 23.11 -9.49
C ILE C 55 -48.62 21.90 -9.30
N THR C 56 -49.52 21.66 -10.25
CA THR C 56 -50.60 20.68 -10.07
C THR C 56 -50.63 19.59 -11.13
N ALA C 57 -49.89 19.75 -12.24
CA ALA C 57 -49.85 18.70 -13.24
C ALA C 57 -49.16 17.46 -12.68
N GLY C 58 -49.57 16.30 -13.19
CA GLY C 58 -49.01 15.04 -12.71
C GLY C 58 -49.25 14.87 -11.23
N ARG C 59 -48.22 14.37 -10.53
CA ARG C 59 -48.33 14.23 -9.09
C ARG C 59 -48.27 15.58 -8.38
N GLY C 60 -47.77 16.61 -9.04
CA GLY C 60 -47.75 17.95 -8.48
C GLY C 60 -46.77 18.15 -7.34
N LEU C 61 -46.53 19.42 -7.00
CA LEU C 61 -45.59 19.73 -5.91
C LEU C 61 -46.00 19.07 -4.61
N ARG C 62 -47.31 18.93 -4.37
CA ARG C 62 -47.78 18.19 -3.19
C ARG C 62 -47.37 16.73 -3.28
N GLY C 63 -47.55 16.11 -4.46
CA GLY C 63 -47.18 14.71 -4.61
C GLY C 63 -45.70 14.46 -4.47
N HIS C 64 -44.87 15.45 -4.81
CA HIS C 64 -43.43 15.30 -4.64
C HIS C 64 -43.04 15.42 -3.18
N LEU C 65 -43.57 16.44 -2.49
CA LEU C 65 -43.29 16.59 -1.06
C LEU C 65 -43.85 15.42 -0.26
N ASP C 66 -45.03 14.92 -0.65
CA ASP C 66 -45.58 13.74 -0.01
C ASP C 66 -44.69 12.53 -0.28
N GLU C 67 -44.17 12.41 -1.50
CA GLU C 67 -43.28 11.30 -1.81
C GLU C 67 -41.93 11.45 -1.11
N ALA C 68 -41.46 12.69 -0.93
CA ALA C 68 -40.26 12.91 -0.13
C ALA C 68 -40.49 12.50 1.32
N LEU C 69 -41.70 12.73 1.83
CA LEU C 69 -42.01 12.36 3.21
C LEU C 69 -41.94 10.85 3.40
N ARG C 70 -42.36 10.08 2.40
CA ARG C 70 -42.27 8.62 2.50
C ARG C 70 -40.81 8.17 2.45
N GLN C 71 -40.00 8.79 1.59
CA GLN C 71 -38.58 8.43 1.54
C GLN C 71 -37.90 8.73 2.86
N MET C 72 -38.32 9.80 3.55
CA MET C 72 -37.71 10.14 4.83
C MET C 72 -38.04 9.09 5.89
N GLN C 73 -39.28 8.61 5.91
CA GLN C 73 -39.67 7.59 6.87
C GLN C 73 -39.12 6.21 6.50
N GLN C 74 -39.05 5.90 5.20
CA GLN C 74 -38.51 4.62 4.76
C GLN C 74 -37.01 4.52 5.00
N ALA C 75 -36.32 5.65 5.19
CA ALA C 75 -34.88 5.67 5.39
C ALA C 75 -34.44 6.04 6.79
N GLY C 76 -35.32 6.63 7.60
CA GLY C 76 -34.98 6.95 8.98
C GLY C 76 -34.00 8.09 9.14
N GLN C 77 -33.99 9.03 8.21
CA GLN C 77 -33.15 10.22 8.31
C GLN C 77 -33.74 11.30 7.41
N PRO C 78 -33.38 12.57 7.62
CA PRO C 78 -34.01 13.64 6.84
C PRO C 78 -33.71 13.51 5.35
N VAL C 79 -34.68 13.95 4.55
CA VAL C 79 -34.55 14.03 3.10
C VAL C 79 -34.46 15.51 2.73
N VAL C 80 -33.60 15.81 1.76
CA VAL C 80 -33.50 17.16 1.21
C VAL C 80 -33.95 17.13 -0.23
N ILE C 81 -35.03 17.86 -0.53
CA ILE C 81 -35.59 17.96 -1.86
C ILE C 81 -35.25 19.34 -2.43
N THR C 82 -34.83 19.35 -3.68
CA THR C 82 -34.43 20.60 -4.36
C THR C 82 -35.49 20.95 -5.39
N LEU C 83 -36.07 22.15 -5.26
CA LEU C 83 -37.07 22.65 -6.18
C LEU C 83 -36.51 23.87 -6.90
N VAL C 84 -36.85 24.00 -8.18
CA VAL C 84 -36.37 25.08 -9.03
C VAL C 84 -37.53 26.00 -9.34
N ILE C 85 -37.37 27.27 -9.01
CA ILE C 85 -38.39 28.30 -9.22
C ILE C 85 -38.06 28.99 -10.54
N TYR C 86 -38.83 28.68 -11.60
CA TYR C 86 -38.47 29.09 -12.96
C TYR C 86 -39.74 29.47 -13.75
N ASP C 87 -40.29 30.65 -13.47
CA ASP C 87 -41.38 31.18 -14.29
C ASP C 87 -41.49 32.70 -14.14
N LEU C 88 -40.35 33.40 -14.07
CA LEU C 88 -40.37 34.85 -14.09
C LEU C 88 -40.98 35.35 -15.39
N PRO C 89 -41.55 36.56 -15.39
CA PRO C 89 -41.98 37.17 -16.65
C PRO C 89 -40.78 37.50 -17.53
N ASN C 90 -40.95 37.29 -18.83
CA ASN C 90 -39.87 37.44 -19.80
C ASN C 90 -38.71 36.49 -19.48
N ARG C 91 -39.06 35.22 -19.26
CA ARG C 91 -38.08 34.19 -18.96
C ARG C 91 -37.23 33.87 -20.20
N ASP C 92 -36.05 33.31 -19.96
CA ASP C 92 -35.03 33.06 -21.00
C ASP C 92 -34.90 34.25 -21.93
N CYS C 93 -35.12 35.43 -21.37
CA CYS C 93 -34.75 36.75 -21.85
C CYS C 93 -33.80 36.79 -23.06
N SER C 94 -32.64 36.16 -22.95
CA SER C 94 -31.59 36.26 -23.94
C SER C 94 -31.67 35.18 -25.01
N ALA C 95 -32.75 34.39 -25.05
CA ALA C 95 -32.77 33.22 -25.92
C ALA C 95 -34.22 32.91 -26.30
N ALA C 96 -34.43 31.76 -26.93
CA ALA C 96 -35.73 31.39 -27.46
C ALA C 96 -36.22 30.01 -27.01
N ALA C 97 -35.35 29.14 -26.51
CA ALA C 97 -35.72 27.74 -26.34
C ALA C 97 -36.64 27.53 -25.13
N SER C 98 -36.58 28.42 -24.15
CA SER C 98 -37.34 28.25 -22.91
C SER C 98 -38.04 29.55 -22.54
N ASN C 99 -38.84 30.08 -23.48
CA ASN C 99 -39.25 31.48 -23.40
C ASN C 99 -40.29 31.75 -22.32
N GLY C 100 -41.15 30.79 -21.98
CA GLY C 100 -41.99 30.94 -20.81
C GLY C 100 -43.28 31.70 -21.08
N GLU C 101 -44.23 31.52 -20.15
CA GLU C 101 -45.62 31.91 -20.36
C GLU C 101 -45.98 33.29 -19.83
N LEU C 102 -45.10 33.94 -19.07
CA LEU C 102 -45.40 35.24 -18.48
C LEU C 102 -44.64 36.33 -19.21
N LEU C 103 -45.33 37.45 -19.48
CA LEU C 103 -44.78 38.57 -20.22
C LEU C 103 -44.82 39.80 -19.33
N VAL C 104 -43.71 40.55 -19.28
CA VAL C 104 -43.63 41.73 -18.43
C VAL C 104 -44.72 42.73 -18.80
N ALA C 105 -44.91 42.97 -20.09
CA ALA C 105 -45.87 43.95 -20.58
C ALA C 105 -47.30 43.43 -20.61
N GLN C 106 -47.60 42.34 -19.91
CA GLN C 106 -48.94 41.77 -19.87
C GLN C 106 -49.28 41.32 -18.45
N ASN C 107 -49.17 42.25 -17.50
CA ASN C 107 -49.43 41.99 -16.08
C ASN C 107 -48.59 40.83 -15.56
N GLY C 108 -47.37 40.69 -16.09
CA GLY C 108 -46.60 39.48 -15.85
C GLY C 108 -46.06 39.39 -14.44
N LEU C 109 -45.46 40.48 -13.95
CA LEU C 109 -44.92 40.47 -12.59
C LEU C 109 -46.03 40.19 -11.57
N ALA C 110 -47.22 40.74 -11.80
CA ALA C 110 -48.33 40.53 -10.87
C ALA C 110 -48.79 39.08 -10.88
N ARG C 111 -48.99 38.51 -12.08
CA ARG C 111 -49.37 37.10 -12.17
C ARG C 111 -48.30 36.21 -11.54
N TYR C 112 -47.04 36.60 -11.64
CA TYR C 112 -45.96 35.83 -11.04
C TYR C 112 -46.14 35.73 -9.52
N LYS C 113 -46.44 36.86 -8.88
CA LYS C 113 -46.58 36.88 -7.42
C LYS C 113 -47.78 36.07 -6.98
N ALA C 114 -48.93 36.27 -7.62
CA ALA C 114 -50.20 35.78 -7.11
C ALA C 114 -50.57 34.40 -7.63
N GLU C 115 -50.28 34.10 -8.89
CA GLU C 115 -50.68 32.84 -9.49
C GLU C 115 -49.61 31.75 -9.39
N PHE C 116 -48.35 32.13 -9.19
CA PHE C 116 -47.24 31.18 -9.17
C PHE C 116 -46.57 31.11 -7.81
N ILE C 117 -46.05 32.23 -7.30
CA ILE C 117 -45.30 32.20 -6.06
C ILE C 117 -46.20 31.88 -4.89
N ASP C 118 -47.33 32.58 -4.78
CA ASP C 118 -48.18 32.45 -3.59
C ASP C 118 -48.73 31.05 -3.38
N PRO C 119 -49.30 30.38 -4.39
CA PRO C 119 -49.70 28.98 -4.17
C PRO C 119 -48.53 28.06 -3.82
N ILE C 120 -47.32 28.38 -4.28
CA ILE C 120 -46.16 27.57 -3.92
C ILE C 120 -45.85 27.72 -2.45
N VAL C 121 -45.78 28.96 -1.95
CA VAL C 121 -45.53 29.19 -0.54
C VAL C 121 -46.65 28.58 0.31
N ALA C 122 -47.88 28.60 -0.21
CA ALA C 122 -48.99 27.97 0.47
C ALA C 122 -48.73 26.49 0.69
N ILE C 123 -48.27 25.79 -0.34
CA ILE C 123 -48.02 24.36 -0.21
C ILE C 123 -46.80 24.12 0.68
N LEU C 124 -45.74 24.92 0.50
CA LEU C 124 -44.50 24.68 1.24
C LEU C 124 -44.63 25.01 2.72
N SER C 125 -45.58 25.86 3.11
CA SER C 125 -45.72 26.23 4.51
CA SER C 125 -45.72 26.23 4.51
C SER C 125 -46.47 25.19 5.34
N ASP C 126 -47.18 24.26 4.67
CA ASP C 126 -47.93 23.18 5.31
C ASP C 126 -47.07 22.50 6.38
N PRO C 127 -47.59 22.35 7.60
CA PRO C 127 -46.77 21.76 8.68
C PRO C 127 -46.52 20.27 8.50
N ARG C 128 -47.17 19.61 7.56
CA ARG C 128 -46.88 18.20 7.31
C ARG C 128 -45.46 17.98 6.79
N TYR C 129 -44.82 19.02 6.28
CA TYR C 129 -43.51 18.93 5.66
C TYR C 129 -42.40 19.51 6.54
N ALA C 130 -42.69 19.84 7.79
CA ALA C 130 -41.71 20.47 8.65
C ALA C 130 -40.48 19.60 8.89
N GLY C 131 -40.61 18.29 8.75
CA GLY C 131 -39.46 17.40 8.90
C GLY C 131 -38.52 17.36 7.72
N LEU C 132 -38.94 17.90 6.58
CA LEU C 132 -38.10 17.92 5.39
C LEU C 132 -37.17 19.12 5.41
N ARG C 133 -36.09 19.02 4.63
CA ARG C 133 -35.22 20.15 4.32
C ARG C 133 -35.46 20.50 2.86
N ILE C 134 -36.10 21.64 2.62
CA ILE C 134 -36.53 22.04 1.29
C ILE C 134 -35.58 23.12 0.78
N VAL C 135 -34.99 22.88 -0.39
CA VAL C 135 -34.00 23.77 -0.98
C VAL C 135 -34.58 24.34 -2.27
N THR C 136 -34.57 25.66 -2.39
CA THR C 136 -35.16 26.36 -3.54
C THR C 136 -34.06 27.05 -4.35
N ILE C 137 -33.93 26.65 -5.61
CA ILE C 137 -33.08 27.35 -6.56
C ILE C 137 -33.92 28.43 -7.22
N ILE C 138 -33.46 29.68 -7.15
CA ILE C 138 -34.27 30.84 -7.51
C ILE C 138 -33.85 31.32 -8.90
N GLU C 139 -34.65 30.95 -9.90
CA GLU C 139 -34.68 31.55 -11.23
C GLU C 139 -33.33 31.51 -11.95
N PRO C 140 -32.98 30.38 -12.56
CA PRO C 140 -31.80 30.36 -13.42
C PRO C 140 -31.98 31.29 -14.63
N ALA C 141 -30.85 31.74 -15.17
CA ALA C 141 -30.83 32.56 -16.38
C ALA C 141 -31.67 33.83 -16.24
N SER C 142 -31.77 34.37 -15.03
CA SER C 142 -32.54 35.59 -14.81
C SER C 142 -31.61 36.78 -14.60
N LEU C 143 -31.10 36.94 -13.39
CA LEU C 143 -30.24 38.08 -13.07
C LEU C 143 -28.94 38.14 -13.87
N PRO C 144 -28.27 37.03 -14.23
CA PRO C 144 -27.09 37.16 -15.09
C PRO C 144 -27.36 37.88 -16.40
N ASN C 145 -28.60 37.83 -16.89
CA ASN C 145 -28.92 38.53 -18.13
C ASN C 145 -28.87 40.03 -17.95
N LEU C 146 -29.10 40.53 -16.73
CA LEU C 146 -29.13 41.97 -16.49
C LEU C 146 -27.74 42.58 -16.38
N VAL C 147 -26.67 41.79 -16.41
CA VAL C 147 -25.32 42.32 -16.39
C VAL C 147 -24.68 42.33 -17.78
N THR C 148 -24.92 41.30 -18.59
CA THR C 148 -24.32 41.21 -19.91
C THR C 148 -25.26 41.67 -21.02
N ASN C 149 -26.55 41.37 -20.92
CA ASN C 149 -27.48 41.50 -22.05
C ASN C 149 -28.52 42.58 -21.81
N LEU C 150 -28.14 43.68 -21.13
CA LEU C 150 -28.99 44.86 -21.17
C LEU C 150 -29.08 45.43 -22.57
N SER C 151 -28.15 45.03 -23.45
CA SER C 151 -28.13 45.43 -24.85
C SER C 151 -29.27 44.80 -25.65
N ILE C 152 -30.18 44.11 -24.98
CA ILE C 152 -31.25 43.35 -25.62
C ILE C 152 -32.58 43.92 -25.16
N PRO C 153 -33.49 44.27 -26.07
CA PRO C 153 -34.77 44.88 -25.66
C PRO C 153 -35.55 44.06 -24.65
N ALA C 154 -35.62 42.73 -24.83
CA ALA C 154 -36.48 41.91 -23.96
C ALA C 154 -36.00 41.91 -22.52
N CYS C 155 -34.68 41.97 -22.31
CA CYS C 155 -34.09 42.01 -20.97
C CYS C 155 -34.26 43.35 -20.30
N ALA C 156 -33.77 44.38 -20.97
CA ALA C 156 -33.77 45.73 -20.44
C ALA C 156 -35.16 46.19 -19.98
N GLU C 157 -36.21 45.59 -20.52
CA GLU C 157 -37.56 45.82 -20.03
C GLU C 157 -37.91 44.91 -18.86
N ALA C 158 -37.04 43.98 -18.48
CA ALA C 158 -37.31 43.06 -17.39
C ALA C 158 -36.42 43.31 -16.16
N GLN C 159 -35.60 44.37 -16.17
CA GLN C 159 -34.75 44.64 -15.01
C GLN C 159 -35.60 44.83 -13.76
N ASN C 160 -36.75 45.48 -13.89
CA ASN C 160 -37.59 45.74 -12.72
C ASN C 160 -38.39 44.50 -12.33
N ALA C 161 -38.89 43.74 -13.31
CA ALA C 161 -39.68 42.56 -13.00
C ALA C 161 -38.82 41.46 -12.39
N TYR C 162 -37.68 41.16 -13.02
CA TYR C 162 -36.75 40.16 -12.50
C TYR C 162 -36.42 40.41 -11.03
N ILE C 163 -36.07 41.66 -10.71
CA ILE C 163 -35.49 41.95 -9.41
C ILE C 163 -36.55 41.93 -8.32
N GLU C 164 -37.72 42.50 -8.59
CA GLU C 164 -38.78 42.50 -7.58
C GLU C 164 -39.55 41.18 -7.54
N GLY C 165 -39.56 40.43 -8.64
CA GLY C 165 -40.11 39.08 -8.58
C GLY C 165 -39.23 38.16 -7.75
N ILE C 166 -37.92 38.34 -7.84
CA ILE C 166 -37.00 37.53 -7.04
C ILE C 166 -37.04 37.96 -5.57
N ARG C 167 -37.07 39.27 -5.32
CA ARG C 167 -37.16 39.76 -3.96
C ARG C 167 -38.42 39.25 -3.27
N TYR C 168 -39.55 39.32 -3.97
CA TYR C 168 -40.80 38.80 -3.41
C TYR C 168 -40.70 37.31 -3.14
N ALA C 169 -40.13 36.56 -4.09
CA ALA C 169 -40.01 35.11 -3.94
C ALA C 169 -39.20 34.76 -2.70
N VAL C 170 -38.07 35.42 -2.50
CA VAL C 170 -37.24 35.14 -1.33
C VAL C 170 -37.91 35.64 -0.06
N ASN C 171 -38.52 36.83 -0.11
CA ASN C 171 -39.13 37.41 1.07
C ASN C 171 -40.25 36.53 1.60
N ARG C 172 -41.04 35.94 0.71
CA ARG C 172 -42.09 35.03 1.14
C ARG C 172 -41.54 33.64 1.48
N LEU C 173 -40.46 33.22 0.84
CA LEU C 173 -39.96 31.86 1.04
C LEU C 173 -39.26 31.71 2.38
N ARG C 174 -38.72 32.79 2.95
CA ARG C 174 -38.04 32.69 4.22
C ARG C 174 -38.97 32.88 5.41
N THR C 175 -40.28 32.94 5.17
CA THR C 175 -41.22 32.76 6.27
C THR C 175 -41.45 31.30 6.61
N ILE C 176 -40.88 30.39 5.82
CA ILE C 176 -40.95 28.95 6.07
C ILE C 176 -39.60 28.52 6.64
N PRO C 177 -39.55 27.98 7.87
CA PRO C 177 -38.26 27.85 8.55
C PRO C 177 -37.39 26.73 8.01
N ASN C 178 -37.94 25.81 7.23
CA ASN C 178 -37.17 24.70 6.67
C ASN C 178 -36.95 24.85 5.16
N VAL C 179 -37.05 26.06 4.64
CA VAL C 179 -36.77 26.34 3.24
C VAL C 179 -35.40 26.99 3.15
N TYR C 180 -34.51 26.41 2.35
CA TYR C 180 -33.14 26.89 2.19
C TYR C 180 -32.98 27.46 0.79
N ILE C 181 -32.61 28.74 0.73
CA ILE C 181 -32.72 29.53 -0.49
C ILE C 181 -31.35 29.69 -1.13
N TYR C 182 -31.26 29.42 -2.43
CA TYR C 182 -30.05 29.58 -3.21
C TYR C 182 -30.37 30.32 -4.50
N LEU C 183 -29.62 31.38 -4.80
CA LEU C 183 -29.79 32.13 -6.02
C LEU C 183 -28.86 31.59 -7.10
N ASP C 184 -29.40 31.46 -8.32
CA ASP C 184 -28.56 31.09 -9.45
C ASP C 184 -27.67 32.26 -9.86
N ILE C 185 -26.43 31.95 -10.19
CA ILE C 185 -25.47 32.98 -10.59
C ILE C 185 -24.66 32.47 -11.78
N ALA C 186 -25.36 31.87 -12.75
CA ALA C 186 -24.81 31.53 -14.08
C ALA C 186 -23.62 30.59 -13.89
N HIS C 187 -22.49 30.82 -14.57
CA HIS C 187 -21.36 29.89 -14.50
C HIS C 187 -20.10 30.61 -14.96
N SER C 188 -18.99 29.89 -14.89
CA SER C 188 -17.71 30.49 -15.25
C SER C 188 -17.70 31.01 -16.69
N GLY C 189 -18.37 30.34 -17.62
CA GLY C 189 -18.37 30.75 -19.01
C GLY C 189 -19.39 31.81 -19.37
N TRP C 190 -19.93 32.50 -18.37
CA TRP C 190 -20.89 33.58 -18.59
C TRP C 190 -20.42 34.82 -17.85
N LEU C 191 -20.08 34.67 -16.57
CA LEU C 191 -19.71 35.78 -15.71
C LEU C 191 -18.25 35.73 -15.28
N GLY C 192 -17.41 35.00 -16.01
CA GLY C 192 -16.02 34.86 -15.60
C GLY C 192 -15.19 36.10 -15.84
N TRP C 193 -15.40 36.76 -16.97
CA TRP C 193 -14.62 37.95 -17.31
C TRP C 193 -14.76 39.01 -16.23
N ASP C 194 -13.74 39.87 -16.12
CA ASP C 194 -13.59 40.73 -14.94
C ASP C 194 -14.80 41.65 -14.76
N ASN C 195 -15.21 42.35 -15.81
CA ASN C 195 -16.28 43.34 -15.68
C ASN C 195 -17.65 42.68 -15.52
N ASN C 196 -17.80 41.46 -16.04
CA ASN C 196 -18.99 40.68 -15.75
C ASN C 196 -19.00 40.19 -14.31
N PHE C 197 -17.86 39.66 -13.84
CA PHE C 197 -17.74 39.24 -12.45
C PHE C 197 -18.09 40.37 -11.49
N ASN C 198 -17.37 41.50 -11.60
CA ASN C 198 -17.59 42.62 -10.69
C ASN C 198 -19.01 43.15 -10.80
N GLY C 199 -19.51 43.30 -12.03
CA GLY C 199 -20.88 43.72 -12.22
C GLY C 199 -21.89 42.76 -11.61
N ALA C 200 -21.56 41.47 -11.59
CA ALA C 200 -22.47 40.48 -11.02
C ALA C 200 -22.52 40.59 -9.49
N VAL C 201 -21.37 40.81 -8.86
CA VAL C 201 -21.35 40.93 -7.40
C VAL C 201 -22.14 42.17 -6.96
N ASN C 202 -22.00 43.27 -7.69
CA ASN C 202 -22.73 44.49 -7.34
C ASN C 202 -24.22 44.30 -7.48
N LEU C 203 -24.65 43.68 -8.60
CA LEU C 203 -26.09 43.53 -8.85
C LEU C 203 -26.74 42.66 -7.79
N TYR C 204 -26.13 41.52 -7.48
CA TYR C 204 -26.73 40.61 -6.49
C TYR C 204 -26.75 41.23 -5.10
N THR C 205 -25.64 41.87 -4.71
CA THR C 205 -25.61 42.55 -3.41
C THR C 205 -26.70 43.61 -3.34
N GLN C 206 -26.91 44.35 -4.42
CA GLN C 206 -28.02 45.31 -4.46
C GLN C 206 -29.36 44.59 -4.35
N VAL C 207 -29.53 43.49 -5.08
CA VAL C 207 -30.77 42.74 -5.04
C VAL C 207 -31.00 42.16 -3.66
N VAL C 208 -29.96 41.61 -3.04
CA VAL C 208 -30.11 40.94 -1.76
C VAL C 208 -30.25 41.94 -0.62
N GLN C 209 -29.46 43.02 -0.65
CA GLN C 209 -29.56 44.05 0.39
C GLN C 209 -30.99 44.56 0.54
N GLY C 210 -31.74 44.61 -0.55
CA GLY C 210 -33.11 45.08 -0.53
C GLY C 210 -34.15 44.08 -0.10
N MET C 211 -33.74 42.88 0.30
CA MET C 211 -34.70 41.90 0.79
C MET C 211 -35.02 42.17 2.25
N ASP C 212 -36.03 41.45 2.76
CA ASP C 212 -36.57 41.74 4.09
C ASP C 212 -35.53 41.52 5.18
N GLN C 213 -34.90 40.36 5.20
CA GLN C 213 -33.89 40.04 6.19
C GLN C 213 -32.49 40.47 5.77
N GLY C 214 -32.36 41.13 4.61
CA GLY C 214 -31.06 41.62 4.19
C GLY C 214 -30.14 40.49 3.75
N PHE C 215 -28.89 40.55 4.20
CA PHE C 215 -27.88 39.55 3.87
C PHE C 215 -28.16 38.19 4.50
N ASN C 216 -29.28 37.98 5.17
CA ASN C 216 -29.65 36.70 5.74
C ASN C 216 -30.85 36.06 5.06
N SER C 217 -31.40 36.67 4.01
CA SER C 217 -32.56 36.10 3.34
C SER C 217 -32.20 35.01 2.35
N ILE C 218 -30.93 34.92 1.93
CA ILE C 218 -30.47 33.82 1.11
C ILE C 218 -29.45 33.02 1.92
N ASP C 219 -29.40 31.72 1.64
CA ASP C 219 -28.42 30.84 2.27
C ASP C 219 -27.17 30.63 1.43
N GLY C 220 -27.21 31.03 0.17
CA GLY C 220 -26.03 30.89 -0.68
C GLY C 220 -26.36 31.14 -2.13
N PHE C 221 -25.49 30.61 -3.00
CA PHE C 221 -25.63 30.76 -4.44
C PHE C 221 -25.39 29.41 -5.10
N ILE C 222 -25.75 29.30 -6.37
CA ILE C 222 -25.54 28.07 -7.13
C ILE C 222 -25.07 28.44 -8.54
N THR C 223 -24.14 27.65 -9.06
CA THR C 223 -23.55 27.90 -10.38
C THR C 223 -23.68 26.65 -11.24
N ASN C 224 -23.59 26.87 -12.56
CA ASN C 224 -23.54 25.83 -13.58
C ASN C 224 -24.87 25.11 -13.79
N VAL C 225 -26.00 25.74 -13.42
CA VAL C 225 -27.29 25.09 -13.57
C VAL C 225 -27.59 24.91 -15.05
N ALA C 226 -27.76 23.65 -15.47
CA ALA C 226 -28.10 23.24 -16.83
C ALA C 226 -26.99 23.50 -17.84
N ASN C 227 -25.79 23.83 -17.39
CA ASN C 227 -24.65 24.01 -18.28
C ASN C 227 -23.69 22.83 -18.12
N TYR C 228 -22.54 22.92 -18.80
CA TYR C 228 -21.62 21.81 -18.91
C TYR C 228 -20.22 22.13 -18.42
N THR C 229 -20.04 23.22 -17.69
CA THR C 229 -18.67 23.64 -17.38
C THR C 229 -18.09 22.77 -16.27
N PRO C 230 -16.87 22.27 -16.43
CA PRO C 230 -16.34 21.30 -15.47
C PRO C 230 -16.06 21.90 -14.10
N LEU C 231 -16.05 21.01 -13.10
CA LEU C 231 -15.68 21.39 -11.74
C LEU C 231 -14.26 21.93 -11.69
N GLU C 232 -13.31 21.18 -12.26
CA GLU C 232 -11.91 21.53 -12.27
C GLU C 232 -11.37 21.40 -13.69
N GLU C 233 -10.49 22.32 -14.07
CA GLU C 233 -9.64 22.08 -15.23
C GLU C 233 -8.27 21.73 -14.67
N PRO C 234 -7.99 20.43 -14.48
CA PRO C 234 -6.79 20.03 -13.74
C PRO C 234 -5.49 20.24 -14.49
N TYR C 235 -5.52 20.30 -15.82
CA TYR C 235 -4.32 20.51 -16.62
C TYR C 235 -4.22 21.94 -17.11
N LEU C 236 -5.17 22.80 -16.74
CA LEU C 236 -5.03 24.25 -16.85
C LEU C 236 -5.28 24.86 -15.48
N PRO C 237 -4.46 24.52 -14.48
CA PRO C 237 -4.73 25.01 -13.12
C PRO C 237 -4.43 26.49 -12.96
N ASP C 238 -3.55 27.04 -13.78
CA ASP C 238 -3.03 28.39 -13.63
C ASP C 238 -3.44 29.24 -14.81
N PRO C 239 -4.35 30.21 -14.63
CA PRO C 239 -4.76 31.04 -15.78
C PRO C 239 -3.62 31.84 -16.39
N ASN C 240 -2.59 32.16 -15.60
CA ASN C 240 -1.53 33.05 -16.06
C ASN C 240 -0.23 32.32 -16.38
N LEU C 241 -0.25 30.99 -16.42
CA LEU C 241 0.89 30.25 -16.93
C LEU C 241 1.17 30.67 -18.37
N THR C 242 2.40 31.11 -18.63
CA THR C 242 2.74 31.66 -19.94
C THR C 242 3.19 30.54 -20.87
N ILE C 243 2.60 30.53 -22.06
CA ILE C 243 2.89 29.53 -23.10
C ILE C 243 3.02 30.28 -24.41
N ALA C 244 4.08 29.97 -25.16
CA ALA C 244 4.36 30.66 -26.43
C ALA C 244 4.38 32.18 -26.24
N GLY C 245 4.87 32.61 -25.09
CA GLY C 245 5.00 34.02 -24.78
C GLY C 245 3.76 34.69 -24.23
N GLN C 246 2.62 33.99 -24.19
CA GLN C 246 1.38 34.62 -23.74
C GLN C 246 0.69 33.77 -22.69
N PRO C 247 -0.01 34.40 -21.75
CA PRO C 247 -0.75 33.63 -20.75
C PRO C 247 -1.88 32.84 -21.39
N VAL C 248 -2.00 31.57 -20.99
CA VAL C 248 -2.99 30.68 -21.57
C VAL C 248 -4.42 31.15 -21.32
N ARG C 249 -4.62 32.10 -20.41
CA ARG C 249 -5.93 32.73 -20.27
C ARG C 249 -6.35 33.41 -21.57
N SER C 250 -5.39 33.80 -22.41
CA SER C 250 -5.65 34.56 -23.62
C SER C 250 -6.00 33.69 -24.81
N ALA C 251 -6.11 32.37 -24.63
CA ALA C 251 -6.42 31.49 -25.76
C ALA C 251 -7.83 31.75 -26.27
N SER C 252 -8.08 31.27 -27.49
CA SER C 252 -9.38 31.50 -28.14
C SER C 252 -10.54 31.07 -27.24
N PHE C 253 -10.38 29.94 -26.55
CA PHE C 253 -11.50 29.33 -25.83
C PHE C 253 -11.93 30.17 -24.64
N TYR C 254 -11.00 30.88 -24.00
CA TYR C 254 -11.30 31.59 -22.76
C TYR C 254 -11.43 33.09 -22.94
N GLU C 255 -10.71 33.68 -23.89
CA GLU C 255 -10.81 35.10 -24.23
C GLU C 255 -10.58 35.98 -23.00
N TRP C 256 -9.45 35.75 -22.32
CA TRP C 256 -8.98 36.51 -21.18
C TRP C 256 -9.86 36.33 -19.94
N ASN C 257 -10.68 35.29 -19.92
CA ASN C 257 -11.43 34.93 -18.73
C ASN C 257 -10.53 34.15 -17.77
N PRO C 258 -10.39 34.59 -16.51
CA PRO C 258 -9.49 33.88 -15.59
C PRO C 258 -10.10 32.67 -14.91
N TYR C 259 -11.35 32.30 -15.21
CA TYR C 259 -12.02 31.20 -14.54
C TYR C 259 -12.34 30.11 -15.55
N PHE C 260 -11.52 29.06 -15.54
CA PHE C 260 -11.67 27.95 -16.48
C PHE C 260 -12.61 26.87 -15.98
N ASP C 261 -12.96 26.87 -14.70
CA ASP C 261 -13.77 25.81 -14.11
C ASP C 261 -14.72 26.40 -13.08
N GLU C 262 -15.61 25.54 -12.58
CA GLU C 262 -16.66 25.99 -11.68
C GLU C 262 -16.17 26.20 -10.25
N LEU C 263 -15.18 25.41 -9.81
CA LEU C 263 -14.73 25.52 -8.43
C LEU C 263 -13.99 26.83 -8.18
N ASP C 264 -13.04 27.17 -9.07
CA ASP C 264 -12.37 28.45 -8.95
C ASP C 264 -13.37 29.61 -9.01
N TYR C 265 -14.38 29.49 -9.87
CA TYR C 265 -15.32 30.57 -10.08
C TYR C 265 -16.30 30.71 -8.92
N ALA C 266 -16.85 29.58 -8.46
CA ALA C 266 -17.84 29.64 -7.39
C ALA C 266 -17.24 30.12 -6.08
N LEU C 267 -16.01 29.69 -5.77
CA LEU C 267 -15.40 30.07 -4.51
C LEU C 267 -14.98 31.53 -4.52
N ALA C 268 -14.45 32.01 -5.66
CA ALA C 268 -14.15 33.43 -5.79
C ALA C 268 -15.41 34.27 -5.59
N LEU C 269 -16.54 33.80 -6.15
CA LEU C 269 -17.82 34.48 -5.92
C LEU C 269 -18.15 34.53 -4.43
N ARG C 270 -17.96 33.40 -3.74
CA ARG C 270 -18.29 33.35 -2.32
C ARG C 270 -17.43 34.33 -1.53
N ASN C 271 -16.14 34.42 -1.84
CA ASN C 271 -15.26 35.35 -1.14
C ASN C 271 -15.64 36.80 -1.42
N ALA C 272 -15.98 37.11 -2.68
CA ALA C 272 -16.40 38.47 -3.01
C ALA C 272 -17.64 38.89 -2.24
N PHE C 273 -18.62 37.99 -2.15
CA PHE C 273 -19.85 38.33 -1.42
C PHE C 273 -19.58 38.48 0.08
N ILE C 274 -18.59 37.75 0.61
CA ILE C 274 -18.25 37.90 2.02
C ILE C 274 -17.64 39.27 2.27
N GLY C 275 -16.79 39.74 1.36
CA GLY C 275 -16.21 41.06 1.46
C GLY C 275 -17.20 42.21 1.30
N ARG C 276 -18.46 41.90 0.98
CA ARG C 276 -19.50 42.91 0.89
C ARG C 276 -20.38 42.98 2.12
N GLY C 277 -20.41 41.93 2.94
CA GLY C 277 -21.23 41.93 4.13
C GLY C 277 -22.02 40.64 4.33
N PHE C 278 -21.93 39.73 3.37
CA PHE C 278 -22.58 38.44 3.53
C PHE C 278 -21.90 37.65 4.65
N PRO C 279 -22.65 36.85 5.39
CA PRO C 279 -22.04 36.01 6.42
C PRO C 279 -21.12 34.97 5.80
N SER C 280 -20.26 34.39 6.64
CA SER C 280 -19.46 33.25 6.22
C SER C 280 -20.25 31.96 6.24
N THR C 281 -21.49 31.99 6.70
CA THR C 281 -22.37 30.83 6.68
C THR C 281 -22.96 30.56 5.30
N ILE C 282 -22.70 31.42 4.32
CA ILE C 282 -23.17 31.16 2.97
C ILE C 282 -22.33 30.07 2.33
N GLY C 283 -22.94 29.32 1.43
CA GLY C 283 -22.24 28.27 0.72
C GLY C 283 -22.73 28.21 -0.72
N MET C 284 -21.88 27.65 -1.57
CA MET C 284 -22.16 27.55 -2.98
C MET C 284 -22.54 26.13 -3.37
N LEU C 285 -23.47 26.02 -4.31
CA LEU C 285 -23.79 24.76 -4.96
C LEU C 285 -23.32 24.81 -6.40
N ILE C 286 -22.92 23.66 -6.92
CA ILE C 286 -22.50 23.54 -8.31
C ILE C 286 -23.29 22.40 -8.94
N ASP C 287 -23.90 22.67 -10.10
CA ASP C 287 -24.65 21.67 -10.84
C ASP C 287 -23.66 20.80 -11.60
N THR C 288 -23.41 19.59 -11.08
CA THR C 288 -22.48 18.66 -11.69
C THR C 288 -23.21 17.55 -12.46
N SER C 289 -24.34 17.88 -13.09
CA SER C 289 -25.13 16.86 -13.76
C SER C 289 -24.52 16.45 -15.09
N ARG C 290 -23.88 17.37 -15.82
CA ARG C 290 -23.44 17.14 -17.19
C ARG C 290 -22.10 17.82 -17.46
N ASN C 291 -21.14 17.66 -16.56
CA ASN C 291 -19.83 18.25 -16.78
C ASN C 291 -18.69 17.30 -16.42
N GLY C 292 -18.93 15.99 -16.50
CA GLY C 292 -17.84 15.05 -16.33
C GLY C 292 -16.89 15.02 -17.51
N TRP C 293 -17.43 15.24 -18.71
CA TRP C 293 -16.63 15.37 -19.94
C TRP C 293 -15.69 14.18 -20.15
N GLY C 294 -16.20 12.99 -19.84
CA GLY C 294 -15.52 11.77 -20.20
C GLY C 294 -15.86 11.37 -21.62
N GLY C 295 -15.58 10.11 -21.95
CA GLY C 295 -15.81 9.63 -23.29
C GLY C 295 -15.00 10.40 -24.31
N CYS C 296 -15.47 10.35 -25.55
CA CYS C 296 -14.87 11.12 -26.64
C CYS C 296 -15.97 11.72 -27.49
N SER C 297 -15.79 12.98 -27.87
CA SER C 297 -16.74 13.69 -28.73
C SER C 297 -16.09 15.01 -29.14
N TYR C 298 -16.70 15.66 -30.13
CA TYR C 298 -16.21 16.92 -30.68
C TYR C 298 -14.75 16.82 -31.12
N GLY C 299 -14.38 15.66 -31.66
CA GLY C 299 -13.07 15.45 -32.22
C GLY C 299 -11.97 15.12 -31.24
N ARG C 300 -12.27 15.07 -29.94
CA ARG C 300 -11.25 14.84 -28.92
C ARG C 300 -11.72 13.78 -27.93
N CYS C 301 -10.77 13.34 -27.11
CA CYS C 301 -11.05 12.56 -25.91
C CYS C 301 -10.59 13.35 -24.70
N ARG C 302 -10.96 12.88 -23.52
CA ARG C 302 -10.58 13.56 -22.30
C ARG C 302 -9.07 13.52 -22.12
N PRO C 303 -8.42 14.66 -21.89
CA PRO C 303 -6.95 14.65 -21.74
C PRO C 303 -6.54 14.01 -20.43
N THR C 304 -5.54 13.12 -20.50
CA THR C 304 -4.95 12.53 -19.31
C THR C 304 -3.82 13.37 -18.74
N GLY C 305 -3.63 14.59 -19.26
CA GLY C 305 -2.59 15.48 -18.80
C GLY C 305 -2.40 16.64 -19.77
N PRO C 306 -1.63 17.65 -19.35
CA PRO C 306 -1.38 18.79 -20.25
C PRO C 306 -0.68 18.34 -21.51
N SER C 307 -0.78 19.18 -22.55
CA SER C 307 -0.49 18.73 -23.90
C SER C 307 1.00 18.82 -24.24
N SER C 308 1.44 17.89 -25.10
CA SER C 308 2.80 17.91 -25.60
C SER C 308 3.09 19.17 -26.42
N ASP C 309 2.05 19.77 -26.99
CA ASP C 309 2.20 20.90 -27.91
C ASP C 309 2.26 22.20 -27.11
N THR C 310 3.45 22.81 -27.06
CA THR C 310 3.66 24.09 -26.42
C THR C 310 3.94 25.20 -27.42
N SER C 311 3.62 24.98 -28.70
CA SER C 311 3.96 25.94 -29.74
C SER C 311 2.97 27.11 -29.78
N SER C 312 1.68 26.83 -29.65
CA SER C 312 0.65 27.86 -29.63
C SER C 312 -0.08 27.82 -28.30
N VAL C 313 -0.50 29.00 -27.83
CA VAL C 313 -1.40 29.08 -26.69
C VAL C 313 -2.66 28.27 -26.98
N ASN C 314 -3.24 28.46 -28.16
CA ASN C 314 -4.46 27.76 -28.52
C ASN C 314 -4.22 26.27 -28.73
N ALA C 315 -3.08 25.91 -29.33
CA ALA C 315 -2.76 24.50 -29.51
C ALA C 315 -2.59 23.80 -28.16
N TYR C 316 -1.99 24.49 -27.19
CA TYR C 316 -1.78 23.91 -25.87
C TYR C 316 -3.07 23.88 -25.06
N VAL C 317 -3.85 24.96 -25.08
CA VAL C 317 -5.10 25.01 -24.32
C VAL C 317 -6.11 24.02 -24.89
N ASP C 318 -6.25 23.98 -26.22
CA ASP C 318 -7.19 23.06 -26.85
C ASP C 318 -6.85 21.60 -26.59
N GLY C 319 -5.59 21.28 -26.33
CA GLY C 319 -5.19 19.92 -26.02
C GLY C 319 -5.18 19.55 -24.55
N SER C 320 -5.41 20.53 -23.67
CA SER C 320 -5.38 20.30 -22.22
C SER C 320 -6.72 20.45 -21.54
N ARG C 321 -7.64 21.22 -22.11
CA ARG C 321 -8.93 21.42 -21.47
C ARG C 321 -9.79 20.17 -21.59
N VAL C 322 -10.56 19.89 -20.54
CA VAL C 322 -11.53 18.80 -20.60
C VAL C 322 -12.84 19.26 -21.24
N ASP C 323 -13.11 20.56 -21.24
CA ASP C 323 -14.30 21.13 -21.88
C ASP C 323 -14.09 21.11 -23.38
N ARG C 324 -14.62 20.10 -24.05
CA ARG C 324 -14.34 19.86 -25.46
C ARG C 324 -15.19 20.71 -26.41
N ARG C 325 -16.08 21.55 -25.89
CA ARG C 325 -16.99 22.29 -26.76
C ARG C 325 -16.22 23.17 -27.73
N TYR C 326 -16.73 23.27 -28.96
CA TYR C 326 -16.10 24.14 -29.96
C TYR C 326 -16.03 25.58 -29.47
N HIS C 327 -17.02 26.02 -28.70
CA HIS C 327 -17.05 27.36 -28.15
C HIS C 327 -17.72 27.32 -26.79
N ARG C 328 -17.23 28.15 -25.87
CA ARG C 328 -17.75 28.14 -24.50
C ARG C 328 -19.20 28.55 -24.41
N GLY C 329 -19.72 29.26 -25.41
CA GLY C 329 -21.12 29.67 -25.41
C GLY C 329 -22.09 28.58 -25.80
N ASN C 330 -21.61 27.52 -26.44
CA ASN C 330 -22.46 26.41 -26.86
C ASN C 330 -23.12 25.77 -25.65
N TRP C 331 -24.35 26.18 -25.34
CA TRP C 331 -25.05 25.73 -24.14
C TRP C 331 -26.12 24.69 -24.41
N CYS C 332 -26.36 24.32 -25.68
CA CYS C 332 -27.54 23.56 -26.04
C CYS C 332 -27.19 22.15 -26.52
N ASN C 333 -27.73 21.15 -25.83
CA ASN C 333 -27.72 19.76 -26.27
C ASN C 333 -26.32 19.31 -26.66
N GLN C 334 -25.36 19.62 -25.79
CA GLN C 334 -23.98 19.25 -26.01
C GLN C 334 -23.76 17.78 -25.70
N ALA C 335 -22.77 17.19 -26.38
CA ALA C 335 -22.44 15.78 -26.19
C ALA C 335 -21.40 15.61 -25.10
N GLY C 336 -21.74 16.09 -23.91
CA GLY C 336 -20.87 15.95 -22.76
C GLY C 336 -21.09 14.66 -22.01
N GLY C 337 -20.95 14.69 -20.69
CA GLY C 337 -21.13 13.49 -19.88
C GLY C 337 -21.45 13.86 -18.45
N ILE C 338 -22.07 12.90 -17.75
CA ILE C 338 -22.48 13.13 -16.37
C ILE C 338 -21.26 13.39 -15.51
N GLY C 339 -21.38 14.37 -14.62
CA GLY C 339 -20.32 14.74 -13.71
C GLY C 339 -20.38 13.99 -12.40
N GLU C 340 -19.85 14.62 -11.35
CA GLU C 340 -19.80 14.00 -10.04
C GLU C 340 -21.22 13.78 -9.50
N ARG C 341 -21.42 12.63 -8.86
CA ARG C 341 -22.70 12.35 -8.23
C ARG C 341 -22.96 13.35 -7.11
N PRO C 342 -24.23 13.60 -6.78
CA PRO C 342 -24.53 14.52 -5.68
C PRO C 342 -23.88 14.08 -4.37
N GLN C 343 -23.32 15.05 -3.66
CA GLN C 343 -22.60 14.80 -2.41
C GLN C 343 -22.53 16.11 -1.64
N ALA C 344 -22.65 16.00 -0.31
CA ALA C 344 -22.67 17.18 0.54
C ALA C 344 -21.26 17.58 0.96
N ALA C 345 -21.03 18.90 0.99
CA ALA C 345 -19.78 19.48 1.49
C ALA C 345 -18.53 18.82 0.90
N PRO C 346 -18.31 18.94 -0.41
CA PRO C 346 -17.14 18.28 -1.02
C PRO C 346 -15.85 19.06 -0.84
N ARG C 347 -15.94 20.39 -0.75
CA ARG C 347 -14.82 21.24 -0.38
C ARG C 347 -15.34 22.42 0.43
N SER C 348 -14.45 23.04 1.20
CA SER C 348 -14.83 24.18 2.03
C SER C 348 -15.40 25.30 1.18
N GLY C 349 -16.58 25.79 1.59
CA GLY C 349 -17.29 26.80 0.83
C GLY C 349 -18.29 26.26 -0.17
N ILE C 350 -18.27 24.96 -0.44
CA ILE C 350 -19.23 24.31 -1.33
C ILE C 350 -20.17 23.49 -0.47
N ASP C 351 -21.44 23.93 -0.39
CA ASP C 351 -22.40 23.22 0.46
C ASP C 351 -22.64 21.81 -0.06
N ALA C 352 -22.72 21.64 -1.37
CA ALA C 352 -22.91 20.33 -1.98
C ALA C 352 -22.79 20.44 -3.49
N TYR C 353 -22.46 19.31 -4.12
CA TYR C 353 -22.72 19.12 -5.53
C TYR C 353 -24.13 18.57 -5.69
N VAL C 354 -24.85 19.03 -6.72
CA VAL C 354 -26.23 18.63 -6.94
C VAL C 354 -26.47 18.44 -8.43
N TRP C 355 -27.48 17.61 -8.73
CA TRP C 355 -27.99 17.45 -10.09
C TRP C 355 -29.26 18.27 -10.18
N VAL C 356 -29.15 19.53 -10.59
CA VAL C 356 -30.31 20.37 -10.79
C VAL C 356 -30.95 20.11 -12.15
N LYS C 357 -30.16 20.24 -13.21
CA LYS C 357 -30.60 19.84 -14.53
C LYS C 357 -30.69 18.32 -14.59
N PRO C 358 -31.86 17.73 -14.72
CA PRO C 358 -31.96 16.27 -14.76
C PRO C 358 -31.40 15.72 -16.05
N PRO C 359 -30.42 14.82 -15.97
CA PRO C 359 -29.82 14.26 -17.19
C PRO C 359 -30.86 13.58 -18.05
N GLY C 360 -30.90 13.97 -19.33
CA GLY C 360 -31.84 13.43 -20.30
C GLY C 360 -32.84 14.45 -20.80
N GLU C 361 -33.17 15.44 -19.99
CA GLU C 361 -34.12 16.47 -20.39
C GLU C 361 -33.41 17.49 -21.28
N SER C 362 -33.99 17.76 -22.44
CA SER C 362 -33.30 18.51 -23.49
C SER C 362 -33.22 19.99 -23.16
N ASP C 363 -32.36 20.69 -23.91
CA ASP C 363 -32.15 22.12 -23.75
C ASP C 363 -32.98 22.96 -24.72
N GLY C 364 -33.65 22.34 -25.67
CA GLY C 364 -34.45 23.04 -26.65
C GLY C 364 -34.56 22.23 -27.92
N VAL C 365 -35.60 22.55 -28.71
CA VAL C 365 -35.83 21.85 -29.96
C VAL C 365 -34.73 22.18 -30.95
N SER C 366 -34.44 21.24 -31.84
CA SER C 366 -33.31 21.36 -32.77
C SER C 366 -33.74 21.68 -34.19
N GLN C 367 -35.04 21.69 -34.47
CA GLN C 367 -35.55 21.96 -35.81
C GLN C 367 -36.75 22.89 -35.70
N PRO C 368 -36.99 23.72 -36.72
CA PRO C 368 -38.06 24.71 -36.63
C PRO C 368 -39.42 24.10 -36.92
N GLY C 369 -40.46 24.89 -36.64
CA GLY C 369 -41.81 24.53 -37.03
C GLY C 369 -42.52 23.54 -36.14
N ILE C 370 -42.05 23.36 -34.89
CA ILE C 370 -42.68 22.44 -33.96
C ILE C 370 -43.20 23.25 -32.77
N VAL C 371 -44.44 23.00 -32.39
CA VAL C 371 -45.13 23.76 -31.35
C VAL C 371 -45.31 22.87 -30.14
N ASP C 372 -44.94 23.38 -28.96
CA ASP C 372 -45.07 22.50 -27.80
C ASP C 372 -46.49 22.59 -27.24
N PRO C 373 -47.13 21.44 -26.98
CA PRO C 373 -48.48 21.48 -26.39
C PRO C 373 -48.53 22.13 -25.01
N ASP C 374 -47.49 21.96 -24.20
CA ASP C 374 -47.52 22.42 -22.82
C ASP C 374 -46.81 23.75 -22.59
N ASP C 375 -45.79 24.05 -23.40
CA ASP C 375 -45.02 25.29 -23.27
C ASP C 375 -45.08 26.04 -24.60
N PRO C 376 -46.25 26.62 -24.94
CA PRO C 376 -46.46 27.12 -26.30
C PRO C 376 -45.61 28.33 -26.68
N ASN C 377 -44.88 28.94 -25.74
CA ASN C 377 -43.96 30.01 -26.08
C ASN C 377 -42.54 29.52 -26.33
N LYS C 378 -42.24 28.27 -25.96
CA LYS C 378 -40.97 27.67 -26.31
C LYS C 378 -40.86 27.51 -27.83
N LYS C 379 -39.63 27.66 -28.34
CA LYS C 379 -39.44 27.67 -29.79
C LYS C 379 -37.94 27.63 -30.10
N PHE C 380 -37.65 27.51 -31.40
CA PHE C 380 -36.37 27.05 -31.91
C PHE C 380 -35.33 28.16 -31.85
N ASP C 381 -34.38 28.06 -30.93
CA ASP C 381 -33.23 28.94 -30.81
C ASP C 381 -32.10 28.46 -31.71
N PRO C 382 -31.45 29.37 -32.44
CA PRO C 382 -30.36 28.96 -33.34
C PRO C 382 -29.20 28.25 -32.67
N MET C 383 -29.02 28.38 -31.35
CA MET C 383 -27.91 27.69 -30.69
C MET C 383 -28.13 26.17 -30.64
N CYS C 384 -29.36 25.72 -30.86
CA CYS C 384 -29.72 24.30 -30.86
C CYS C 384 -29.79 23.71 -32.26
N ASP C 385 -29.46 24.49 -33.29
CA ASP C 385 -29.44 23.97 -34.65
C ASP C 385 -28.16 23.18 -34.85
N PRO C 386 -28.24 21.88 -35.16
CA PRO C 386 -27.01 21.13 -35.45
C PRO C 386 -26.19 21.71 -36.59
N ASN C 387 -26.84 22.06 -37.70
CA ASN C 387 -26.13 22.57 -38.88
C ASN C 387 -25.76 24.04 -38.77
N GLY C 388 -26.09 24.71 -37.67
CA GLY C 388 -25.84 26.13 -37.56
C GLY C 388 -24.51 26.46 -36.91
N GLN C 389 -24.14 27.72 -37.02
CA GLN C 389 -23.01 28.28 -36.29
C GLN C 389 -23.50 28.94 -35.01
N SER C 390 -22.56 29.32 -34.16
CA SER C 390 -22.91 29.96 -32.90
C SER C 390 -23.57 31.31 -33.15
N ARG C 391 -24.45 31.70 -32.21
CA ARG C 391 -24.96 33.05 -32.21
C ARG C 391 -23.92 34.05 -31.73
N TYR C 392 -22.93 33.59 -30.97
CA TYR C 392 -21.94 34.44 -30.34
C TYR C 392 -20.61 34.47 -31.07
N ASN C 393 -20.42 33.57 -32.03
CA ASN C 393 -19.16 33.47 -32.77
C ASN C 393 -19.34 32.56 -33.98
N SER C 394 -19.72 33.13 -35.12
CA SER C 394 -20.05 32.34 -36.31
C SER C 394 -18.91 31.43 -36.74
N ALA C 395 -17.70 31.65 -36.25
CA ALA C 395 -16.57 30.80 -36.60
C ALA C 395 -16.75 29.38 -36.08
N TYR C 396 -17.58 29.16 -35.06
CA TYR C 396 -17.67 27.87 -34.41
C TYR C 396 -19.06 27.29 -34.56
N PRO C 397 -19.18 25.98 -34.81
CA PRO C 397 -20.50 25.35 -34.84
C PRO C 397 -21.11 25.31 -33.45
N THR C 398 -22.44 25.16 -33.43
CA THR C 398 -23.16 25.07 -32.16
C THR C 398 -22.81 23.79 -31.41
N GLY C 399 -22.43 22.74 -32.13
CA GLY C 399 -22.18 21.45 -31.50
C GLY C 399 -23.41 20.76 -30.98
N ALA C 400 -24.60 21.29 -31.23
CA ALA C 400 -25.82 20.72 -30.68
C ALA C 400 -26.17 19.40 -31.36
N LEU C 401 -26.63 18.44 -30.57
CA LEU C 401 -27.08 17.16 -31.08
C LEU C 401 -28.45 17.31 -31.74
N PRO C 402 -28.73 16.51 -32.78
CA PRO C 402 -30.02 16.63 -33.47
C PRO C 402 -31.13 15.81 -32.83
N ASN C 403 -32.33 15.88 -33.42
CA ASN C 403 -33.49 15.10 -32.98
C ASN C 403 -33.88 15.41 -31.54
N ALA C 404 -33.72 16.67 -31.15
CA ALA C 404 -34.01 17.11 -29.79
C ALA C 404 -35.44 17.60 -29.68
N PRO C 405 -36.18 17.19 -28.66
CA PRO C 405 -37.50 17.76 -28.41
C PRO C 405 -37.35 19.14 -27.76
N HIS C 406 -38.49 19.72 -27.41
CA HIS C 406 -38.47 21.00 -26.73
C HIS C 406 -37.83 20.87 -25.35
N ALA C 407 -37.22 21.97 -24.89
CA ALA C 407 -36.50 21.99 -23.63
C ALA C 407 -37.36 21.48 -22.48
N GLY C 408 -36.92 20.37 -21.87
CA GLY C 408 -37.62 19.74 -20.78
C GLY C 408 -38.14 18.35 -21.12
N ARG C 409 -38.48 18.11 -22.38
CA ARG C 409 -38.94 16.79 -22.81
C ARG C 409 -37.76 15.83 -22.91
N TRP C 410 -38.05 14.55 -22.71
CA TRP C 410 -36.99 13.55 -22.67
C TRP C 410 -36.26 13.47 -24.00
N PHE C 411 -34.94 13.33 -23.93
CA PHE C 411 -34.05 13.36 -25.09
C PHE C 411 -33.17 12.12 -25.02
N PRO C 412 -33.62 11.00 -25.58
CA PRO C 412 -32.90 9.73 -25.37
C PRO C 412 -31.51 9.70 -25.98
N GLN C 413 -31.32 10.28 -27.17
CA GLN C 413 -30.02 10.22 -27.82
C GLN C 413 -28.95 10.93 -27.00
N GLN C 414 -29.32 11.99 -26.29
CA GLN C 414 -28.35 12.67 -25.43
C GLN C 414 -28.16 11.96 -24.11
N PHE C 415 -29.19 11.27 -23.61
CA PHE C 415 -29.07 10.52 -22.37
C PHE C 415 -28.02 9.43 -22.50
N GLU C 416 -28.08 8.66 -23.61
CA GLU C 416 -27.10 7.60 -23.82
C GLU C 416 -25.69 8.16 -23.90
N ILE C 417 -25.52 9.32 -24.55
CA ILE C 417 -24.20 9.95 -24.62
C ILE C 417 -23.77 10.43 -23.24
N LEU C 418 -24.71 11.01 -22.47
CA LEU C 418 -24.37 11.52 -21.15
C LEU C 418 -23.97 10.40 -20.19
N VAL C 419 -24.60 9.22 -20.30
CA VAL C 419 -24.24 8.10 -19.45
C VAL C 419 -22.93 7.48 -19.89
N ARG C 420 -22.76 7.29 -21.20
CA ARG C 420 -21.55 6.66 -21.72
C ARG C 420 -20.31 7.55 -21.49
N ASN C 421 -20.51 8.88 -21.44
CA ASN C 421 -19.42 9.82 -21.26
C ASN C 421 -19.23 10.26 -19.82
N ALA C 422 -19.91 9.61 -18.87
CA ALA C 422 -19.87 10.08 -17.48
C ALA C 422 -18.45 9.96 -16.92
N TYR C 423 -18.11 10.90 -16.03
CA TYR C 423 -16.82 10.89 -15.36
C TYR C 423 -16.96 11.42 -13.94
N PRO C 424 -16.72 10.59 -12.91
CA PRO C 424 -16.28 9.19 -12.99
C PRO C 424 -17.32 8.29 -13.67
N PRO C 425 -16.85 7.32 -14.47
CA PRO C 425 -17.78 6.45 -15.19
C PRO C 425 -18.71 5.73 -14.24
N ILE C 426 -19.97 5.59 -14.65
CA ILE C 426 -20.97 4.96 -13.80
C ILE C 426 -20.62 3.49 -13.59
N GLN C 427 -20.95 2.98 -12.42
CA GLN C 427 -20.65 1.60 -12.05
C GLN C 427 -21.92 0.87 -11.65
N PRO C 428 -22.39 -0.10 -12.45
CA PRO C 428 -23.55 -0.96 -12.20
C PRO C 428 -23.59 -1.53 -10.79
C2 BGC D . -1.50 3.97 15.59
C3 BGC D . -0.24 3.61 14.81
C4 BGC D . 0.51 4.86 14.39
C5 BGC D . 0.78 5.71 15.62
C6 BGC D . 1.57 6.97 15.25
C1 BGC D . -1.19 4.94 16.73
O1 BGC D . -2.43 5.40 17.29
O2 BGC D . -2.10 2.79 16.12
O3 BGC D . -0.61 2.85 13.65
O4 BGC D . 1.75 4.50 13.78
O5 BGC D . -0.44 6.07 16.27
O6 BGC D . 2.34 7.39 16.38
C2 BGC D . 3.72 4.35 12.42
C3 BGC D . 4.08 4.55 10.96
C4 BGC D . 3.59 3.37 10.13
C5 BGC D . 2.13 3.04 10.41
C6 BGC D . 1.78 1.66 9.82
C1 BGC D . 2.21 4.15 12.54
O2 BGC D . 4.10 5.50 13.19
O3 BGC D . 5.50 4.65 10.84
O4 BGC D . 3.72 3.71 8.75
O5 BGC D . 1.81 2.99 11.80
O6 BGC D . 0.75 1.82 8.83
C2 BGC D . 4.50 3.37 6.46
C3 BGC D . 5.50 2.58 5.64
C4 BGC D . 6.87 2.62 6.31
C5 BGC D . 6.75 2.16 7.75
C6 BGC D . 8.10 2.20 8.45
C1 BGC D . 4.51 2.96 7.93
O2 BGC D . 3.19 3.18 5.93
O3 BGC D . 5.61 3.14 4.33
O4 BGC D . 7.76 1.74 5.62
O5 BGC D . 5.83 2.98 8.47
O6 BGC D . 7.99 1.60 9.75
C2 BGC D . 9.50 0.52 4.34
C3 BGC D . 10.35 0.67 3.08
C4 BGC D . 9.48 1.13 1.91
C5 BGC D . 8.71 2.39 2.30
C6 BGC D . 7.81 2.85 1.16
C1 BGC D . 8.69 1.78 4.61
O2 BGC D . 10.35 0.27 5.47
O3 BGC D . 10.97 -0.59 2.79
O4 BGC D . 10.32 1.42 0.78
O5 BGC D . 7.91 2.13 3.45
O6 BGC D . 6.98 3.93 1.64
C2 BGC D . 9.77 0.68 -1.50
C3 BGC D . 10.66 0.15 -2.61
C4 BGC D . 11.90 1.04 -2.67
C5 BGC D . 12.52 1.29 -1.29
C6 BGC D . 12.67 2.79 -1.01
C1 BGC D . 10.46 0.44 -0.17
O2 BGC D . 8.50 0.01 -1.52
O3 BGC D . 9.97 0.18 -3.86
O4 BGC D . 12.88 0.44 -3.54
O5 BGC D . 11.87 0.66 -0.17
O6 BGC D . 11.39 3.41 -0.97
C2 BGC D . 14.88 -0.43 -4.76
C3 BGC D . 15.86 0.01 -5.83
C4 BGC D . 15.04 0.30 -7.08
C5 BGC D . 14.11 1.48 -6.77
C6 BGC D . 13.22 1.81 -7.95
C1 BGC D . 13.88 0.67 -4.46
O2 BGC D . 15.58 -0.80 -3.57
O3 BGC D . 16.83 -1.01 -6.09
O4 BGC D . 15.89 0.58 -8.21
O5 BGC D . 13.25 1.18 -5.65
O6 BGC D . 12.14 0.86 -8.00
C2 BGC D . 16.67 0.68 -10.55
C3 BGC D . 16.86 -0.14 -11.82
C4 BGC D . 17.60 -1.46 -11.57
C5 BGC D . 17.11 -2.16 -10.31
C6 BGC D . 17.98 -3.37 -10.03
C1 BGC D . 16.32 -0.13 -9.31
O2 BGC D . 15.61 1.62 -10.79
O3 BGC D . 17.64 0.62 -12.75
O4 BGC D . 17.38 -2.32 -12.69
O5 BGC D . 17.17 -1.27 -9.19
O6 BGC D . 19.36 -2.97 -10.05
C2 BGC E . 0.67 -20.68 18.95
C3 BGC E . 2.18 -20.55 18.95
C4 BGC E . 2.76 -21.15 17.67
C5 BGC E . 2.12 -20.48 16.47
C6 BGC E . 2.70 -21.01 15.17
C1 BGC E . 0.04 -20.17 17.65
O1 BGC E . -1.34 -20.58 17.62
O2 BGC E . 0.13 -19.93 20.05
O3 BGC E . 2.74 -21.23 20.08
O4 BGC E . 4.18 -20.93 17.64
O5 BGC E . 0.70 -20.70 16.49
O6 BGC E . 2.51 -20.06 14.13
C2 BGC E . 6.68 -20.72 17.25
C3 BGC E . 7.94 -21.55 17.44
C4 BGC E . 8.10 -22.07 18.86
C5 BGC E . 6.80 -22.66 19.38
C6 BGC E . 6.92 -23.18 20.80
C1 BGC E . 5.46 -21.28 17.99
O2 BGC E . 6.38 -20.67 15.85
O3 BGC E . 9.07 -20.75 17.11
O4 BGC E . 9.09 -23.11 18.87
O5 BGC E . 5.77 -21.67 19.32
O6 BGC E . 6.86 -22.09 21.73
C2 BGC E . 10.98 -24.40 19.57
C3 BGC E . 12.35 -24.32 20.21
C4 BGC E . 13.18 -23.25 19.51
C5 BGC E . 12.44 -21.92 19.51
C6 BGC E . 13.23 -20.84 18.81
C1 BGC E . 10.32 -23.03 19.49
O2 BGC E . 10.15 -25.28 20.34
O3 BGC E . 13.00 -25.59 20.11
O4 BGC E . 14.44 -23.10 20.20
O5 BGC E . 11.17 -22.07 18.86
O6 BGC E . 12.41 -19.68 18.64
C2 BGC E . 16.87 -22.41 20.65
C3 BGC E . 18.24 -23.06 20.49
C4 BGC E . 18.17 -24.56 20.79
C5 BGC E . 17.05 -25.20 19.99
C6 BGC E . 16.94 -26.70 20.28
C1 BGC E . 15.78 -23.19 19.93
O2 BGC E . 16.93 -21.08 20.13
O3 BGC E . 19.15 -22.42 21.39
O4 BGC E . 19.41 -25.18 20.44
O5 BGC E . 15.80 -24.57 20.29
O6 BGC E . 16.01 -27.29 19.36
C2 BGC E . 20.54 -26.49 21.81
C3 BGC E . 21.92 -26.77 22.35
C4 BGC E . 22.91 -26.91 21.19
C5 BGC E . 22.59 -26.07 19.95
C6 BGC E . 22.27 -26.92 18.73
C1 BGC E . 20.60 -25.13 21.13
O2 BGC E . 19.60 -26.46 22.89
O3 BGC E . 21.91 -27.98 23.12
O4 BGC E . 24.22 -26.56 21.67
O5 BGC E . 21.59 -25.04 20.10
O6 BGC E . 20.85 -26.97 18.51
C2 BGC E . 26.64 -26.25 21.73
C3 BGC E . 27.92 -26.90 21.25
C4 BGC E . 27.95 -28.32 21.82
C5 BGC E . 26.74 -29.08 21.27
C6 BGC E . 26.65 -30.47 21.87
C1 BGC E . 25.42 -27.02 21.21
O2 BGC E . 26.57 -24.89 21.30
O3 BGC E . 29.06 -26.16 21.69
O4 BGC E . 29.18 -28.97 21.49
O5 BGC E . 25.51 -28.42 21.56
O6 BGC E . 25.89 -30.40 23.08
C2 BGC E . 31.22 -30.38 21.62
C3 BGC E . 32.52 -30.63 22.40
C4 BGC E . 33.08 -29.42 23.12
C5 BGC E . 32.01 -28.49 23.66
C6 BGC E . 32.65 -27.19 24.14
C1 BGC E . 30.31 -29.29 22.20
O2 BGC E . 30.49 -31.60 21.57
O3 BGC E . 33.52 -31.08 21.47
O4 BGC E . 33.87 -29.88 24.24
O5 BGC E . 31.07 -28.17 22.63
O6 BGC E . 33.39 -26.61 23.06
C2 BGC F . -15.27 38.17 -25.66
C3 BGC F . -16.72 37.90 -25.30
C4 BGC F . -16.95 38.19 -23.83
C5 BGC F . -16.51 39.61 -23.52
C6 BGC F . -16.72 39.94 -22.05
C1 BGC F . -14.83 39.57 -25.23
O1 BGC F . -13.41 39.70 -25.42
O2 BGC F . -15.08 38.02 -27.08
O3 BGC F . -17.04 36.54 -25.61
O4 BGC F . -18.32 38.02 -23.51
O5 BGC F . -15.13 39.80 -23.85
O6 BGC F . -16.12 41.21 -21.75
C2 BGC F . -20.62 37.52 -22.84
C3 BGC F . -21.35 36.37 -22.16
C4 BGC F . -21.43 35.15 -23.07
C5 BGC F . -20.08 34.80 -23.67
C6 BGC F . -20.21 33.66 -24.67
C1 BGC F . -19.31 37.05 -23.47
O2 BGC F . -20.34 38.54 -21.87
O3 BGC F . -22.67 36.80 -21.82
O4 BGC F . -21.88 34.04 -22.28
O5 BGC F . -19.51 35.94 -24.33
O6 BGC F . -18.89 33.20 -25.04
C2 BGC F . -23.21 32.10 -21.66
C3 BGC F . -24.54 31.40 -21.96
C4 BGC F . -25.69 32.40 -21.90
C5 BGC F . -25.40 33.61 -22.78
C6 BGC F . -26.50 34.64 -22.71
C1 BGC F . -23.05 33.36 -22.50
O2 BGC F . -22.14 31.20 -21.92
O3 BGC F . -24.74 30.36 -21.01
O4 BGC F . -26.89 31.77 -22.35
O5 BGC F . -24.18 34.22 -22.37
O6 BGC F . -27.49 34.36 -23.71
C2 BGC F . -29.07 30.78 -22.40
C3 BGC F . -30.06 29.98 -21.57
C4 BGC F . -29.41 28.70 -21.06
C5 BGC F . -28.13 29.05 -20.30
C6 BGC F . -27.43 27.79 -19.81
C1 BGC F . -27.78 31.02 -21.61
O2 BGC F . -29.65 32.02 -22.78
O3 BGC F . -31.21 29.67 -22.37
O4 BGC F . -30.31 27.98 -20.21
O5 BGC F . -27.23 29.80 -21.11
O6 BGC F . -26.23 28.15 -19.10
C2 BGC F . -30.76 25.56 -20.35
C3 BGC F . -32.00 24.68 -20.42
C4 BGC F . -32.92 25.09 -19.29
C5 BGC F . -33.20 26.60 -19.30
C6 BGC F . -33.00 27.21 -17.91
C1 BGC F . -31.15 27.00 -20.67
O2 BGC F . -29.77 25.12 -21.28
O3 BGC F . -31.62 23.31 -20.29
O4 BGC F . -34.16 24.37 -19.39
O5 BGC F . -32.48 27.37 -20.27
O6 BGC F . -31.61 27.11 -17.53
C2 BGC F . -36.58 24.10 -19.29
C3 BGC F . -37.62 23.52 -18.35
C4 BGC F . -37.11 22.15 -17.92
C5 BGC F . -35.78 22.32 -17.19
C6 BGC F . -35.14 20.98 -16.89
C1 BGC F . -35.26 24.28 -18.56
O2 BGC F . -37.03 25.36 -19.80
O3 BGC F . -38.89 23.40 -19.00
O4 BGC F . -38.07 21.50 -17.08
O5 BGC F . -34.82 23.06 -17.96
O6 BGC F . -34.33 20.59 -18.00
C2 BGC F . -39.06 19.71 -15.99
C3 BGC F . -40.17 18.65 -16.03
C4 BGC F . -41.32 19.10 -16.92
C5 BGC F . -40.79 19.49 -18.28
C6 BGC F . -41.94 19.85 -19.22
C1 BGC F . -38.73 20.32 -17.35
O2 BGC F . -37.86 19.10 -15.46
O3 BGC F . -40.65 18.42 -14.70
O4 BGC F . -42.28 18.04 -17.03
O5 BGC F . -39.89 20.59 -18.15
O6 BGC F . -42.95 18.85 -19.13
MG MG G . -8.77 15.91 1.24
MG MG H . 10.52 26.30 -5.74
MG MG I . 1.73 -40.59 16.43
MG MG J . 18.80 -42.19 1.31
MG MG K . -8.40 25.40 -11.86
MG MG L . -23.88 27.54 4.54
#